data_6FGU
# 
_entry.id   6FGU 
# 
_audit_conform.dict_name       mmcif_pdbx.dic 
_audit_conform.dict_version    5.383 
_audit_conform.dict_location   http://mmcif.pdb.org/dictionaries/ascii/mmcif_pdbx.dic 
# 
loop_
_database_2.database_id 
_database_2.database_code 
_database_2.pdbx_database_accession 
_database_2.pdbx_DOI 
PDB   6FGU         pdb_00006fgu 10.2210/pdb6fgu/pdb 
WWPDB D_1200008198 ?            ?                   
# 
loop_
_pdbx_audit_revision_history.ordinal 
_pdbx_audit_revision_history.data_content_type 
_pdbx_audit_revision_history.major_revision 
_pdbx_audit_revision_history.minor_revision 
_pdbx_audit_revision_history.revision_date 
1 'Structure model' 1 0 2018-05-30 
2 'Structure model' 1 1 2018-08-29 
3 'Structure model' 1 2 2024-01-17 
# 
_pdbx_audit_revision_details.ordinal             1 
_pdbx_audit_revision_details.revision_ordinal    1 
_pdbx_audit_revision_details.data_content_type   'Structure model' 
_pdbx_audit_revision_details.provider            repository 
_pdbx_audit_revision_details.type                'Initial release' 
_pdbx_audit_revision_details.description         ? 
_pdbx_audit_revision_details.details             ? 
# 
loop_
_pdbx_audit_revision_group.ordinal 
_pdbx_audit_revision_group.revision_ordinal 
_pdbx_audit_revision_group.data_content_type 
_pdbx_audit_revision_group.group 
1 2 'Structure model' 'Data collection'        
2 2 'Structure model' 'Database references'    
3 3 'Structure model' 'Data collection'        
4 3 'Structure model' 'Database references'    
5 3 'Structure model' 'Refinement description' 
# 
loop_
_pdbx_audit_revision_category.ordinal 
_pdbx_audit_revision_category.revision_ordinal 
_pdbx_audit_revision_category.data_content_type 
_pdbx_audit_revision_category.category 
1 2 'Structure model' citation                      
2 2 'Structure model' citation_author               
3 3 'Structure model' chem_comp_atom                
4 3 'Structure model' chem_comp_bond                
5 3 'Structure model' database_2                    
6 3 'Structure model' pdbx_initial_refinement_model 
# 
loop_
_pdbx_audit_revision_item.ordinal 
_pdbx_audit_revision_item.revision_ordinal 
_pdbx_audit_revision_item.data_content_type 
_pdbx_audit_revision_item.item 
1 2 'Structure model' '_citation.journal_volume'            
2 2 'Structure model' '_citation.page_first'                
3 2 'Structure model' '_citation.page_last'                 
4 2 'Structure model' '_citation.title'                     
5 2 'Structure model' '_citation_author.identifier_ORCID'   
6 3 'Structure model' '_database_2.pdbx_DOI'                
7 3 'Structure model' '_database_2.pdbx_database_accession' 
# 
_pdbx_database_status.status_code                     REL 
_pdbx_database_status.status_code_sf                  REL 
_pdbx_database_status.status_code_mr                  ? 
_pdbx_database_status.entry_id                        6FGU 
_pdbx_database_status.recvd_initial_deposition_date   2018-01-11 
_pdbx_database_status.SG_entry                        N 
_pdbx_database_status.deposit_site                    PDBE 
_pdbx_database_status.process_site                    PDBE 
_pdbx_database_status.status_code_cs                  ? 
_pdbx_database_status.methods_development_category    ? 
_pdbx_database_status.pdb_format_compatible           Y 
_pdbx_database_status.status_code_nmr_data            ? 
# 
loop_
_pdbx_database_related.db_name 
_pdbx_database_related.details 
_pdbx_database_related.db_id 
_pdbx_database_related.content_type 
PDB . 6FG6 unspecified 
PDB . 6FGF unspecified 
PDB . 6FGG unspecified 
PDB . 6FGH unspecified 
PDB . 6FGI unspecified 
PDB . 6FGT unspecified 
# 
loop_
_audit_author.name 
_audit_author.pdbx_ordinal 
_audit_author.identifier_ORCID 
'Dalle Vedove, A.'   1 0000-0001-5127-7737 
'Spiliotopoulos, D.' 2 ?                   
'Lolli, G.'          3 ?                   
'Caflisch, A.'       4 ?                   
# 
_citation.abstract                  ? 
_citation.abstract_id_CAS           ? 
_citation.book_id_ISBN              ? 
_citation.book_publisher            ? 
_citation.book_publisher_city       ? 
_citation.book_title                ? 
_citation.coordinate_linkage        ? 
_citation.country                   DE 
_citation.database_id_Medline       ? 
_citation.details                   ? 
_citation.id                        primary 
_citation.journal_abbrev            ChemMedChem 
_citation.journal_id_ASTM           ? 
_citation.journal_id_CSD            ? 
_citation.journal_id_ISSN           1860-7187 
_citation.journal_full              ? 
_citation.journal_issue             ? 
_citation.journal_volume            13 
_citation.language                  ? 
_citation.page_first                1479 
_citation.page_last                 1487 
_citation.title                     'Structural Analysis of Small-Molecule Binding to the BAZ2A and BAZ2B Bromodomains.' 
_citation.year                      2018 
_citation.database_id_CSD           ? 
_citation.pdbx_database_id_DOI      10.1002/cmdc.201800234 
_citation.pdbx_database_id_PubMed   29770599 
_citation.unpublished_flag          ? 
# 
loop_
_citation_author.citation_id 
_citation_author.name 
_citation_author.ordinal 
_citation_author.identifier_ORCID 
primary 'Dalle Vedove, A.'   1 ?                   
primary 'Spiliotopoulos, D.' 2 ?                   
primary 
;D'Agostino, V.G.
;
3 ?                   
primary 'Marchand, J.R.'     4 ?                   
primary 'Unzue, A.'          5 ?                   
primary 'Nevado, C.'         6 ?                   
primary 'Lolli, G.'          7 0000-0002-8536-5599 
primary 'Caflisch, A.'       8 ?                   
# 
loop_
_entity.id 
_entity.type 
_entity.src_method 
_entity.pdbx_description 
_entity.formula_weight 
_entity.pdbx_number_of_molecules 
_entity.pdbx_ec 
_entity.pdbx_mutation 
_entity.pdbx_fragment 
_entity.details 
1 polymer     man 'Bromodomain adjacent to zinc finger domain protein 2B'                        13618.652 1  ? ? ? ? 
2 non-polymer syn '1-methyl-6-oxidanylidene-~{N}-(2-pyrrolidin-1-ylethyl)pyridine-3-carboxamide' 249.309   1  ? ? ? ? 
3 water       nat water                                                                          18.015    95 ? ? ? ? 
# 
_entity_name_com.entity_id   1 
_entity_name_com.name        hWALp4 
# 
_entity_poly.entity_id                      1 
_entity_poly.type                           'polypeptide(L)' 
_entity_poly.nstd_linkage                   no 
_entity_poly.nstd_monomer                   no 
_entity_poly.pdbx_seq_one_letter_code       
;SMSVKKPKRDDSKDLALCSMILTEMETHEDAWPFLLPVNLKLVPGYKKVIKKPMDFSTIREKLSSGQYPNLETFALDVRL
VFDNCETFNEDDSDIGRAGHNMRKYFEKKWTDTFKVS
;
_entity_poly.pdbx_seq_one_letter_code_can   
;SMSVKKPKRDDSKDLALCSMILTEMETHEDAWPFLLPVNLKLVPGYKKVIKKPMDFSTIREKLSSGQYPNLETFALDVRL
VFDNCETFNEDDSDIGRAGHNMRKYFEKKWTDTFKVS
;
_entity_poly.pdbx_strand_id                 A 
_entity_poly.pdbx_target_identifier         ? 
# 
loop_
_pdbx_entity_nonpoly.entity_id 
_pdbx_entity_nonpoly.name 
_pdbx_entity_nonpoly.comp_id 
2 '1-methyl-6-oxidanylidene-~{N}-(2-pyrrolidin-1-ylethyl)pyridine-3-carboxamide' D9Q 
3 water                                                                          HOH 
# 
loop_
_entity_poly_seq.entity_id 
_entity_poly_seq.num 
_entity_poly_seq.mon_id 
_entity_poly_seq.hetero 
1 1   SER n 
1 2   MET n 
1 3   SER n 
1 4   VAL n 
1 5   LYS n 
1 6   LYS n 
1 7   PRO n 
1 8   LYS n 
1 9   ARG n 
1 10  ASP n 
1 11  ASP n 
1 12  SER n 
1 13  LYS n 
1 14  ASP n 
1 15  LEU n 
1 16  ALA n 
1 17  LEU n 
1 18  CYS n 
1 19  SER n 
1 20  MET n 
1 21  ILE n 
1 22  LEU n 
1 23  THR n 
1 24  GLU n 
1 25  MET n 
1 26  GLU n 
1 27  THR n 
1 28  HIS n 
1 29  GLU n 
1 30  ASP n 
1 31  ALA n 
1 32  TRP n 
1 33  PRO n 
1 34  PHE n 
1 35  LEU n 
1 36  LEU n 
1 37  PRO n 
1 38  VAL n 
1 39  ASN n 
1 40  LEU n 
1 41  LYS n 
1 42  LEU n 
1 43  VAL n 
1 44  PRO n 
1 45  GLY n 
1 46  TYR n 
1 47  LYS n 
1 48  LYS n 
1 49  VAL n 
1 50  ILE n 
1 51  LYS n 
1 52  LYS n 
1 53  PRO n 
1 54  MET n 
1 55  ASP n 
1 56  PHE n 
1 57  SER n 
1 58  THR n 
1 59  ILE n 
1 60  ARG n 
1 61  GLU n 
1 62  LYS n 
1 63  LEU n 
1 64  SER n 
1 65  SER n 
1 66  GLY n 
1 67  GLN n 
1 68  TYR n 
1 69  PRO n 
1 70  ASN n 
1 71  LEU n 
1 72  GLU n 
1 73  THR n 
1 74  PHE n 
1 75  ALA n 
1 76  LEU n 
1 77  ASP n 
1 78  VAL n 
1 79  ARG n 
1 80  LEU n 
1 81  VAL n 
1 82  PHE n 
1 83  ASP n 
1 84  ASN n 
1 85  CYS n 
1 86  GLU n 
1 87  THR n 
1 88  PHE n 
1 89  ASN n 
1 90  GLU n 
1 91  ASP n 
1 92  ASP n 
1 93  SER n 
1 94  ASP n 
1 95  ILE n 
1 96  GLY n 
1 97  ARG n 
1 98  ALA n 
1 99  GLY n 
1 100 HIS n 
1 101 ASN n 
1 102 MET n 
1 103 ARG n 
1 104 LYS n 
1 105 TYR n 
1 106 PHE n 
1 107 GLU n 
1 108 LYS n 
1 109 LYS n 
1 110 TRP n 
1 111 THR n 
1 112 ASP n 
1 113 THR n 
1 114 PHE n 
1 115 LYS n 
1 116 VAL n 
1 117 SER n 
# 
_entity_src_gen.entity_id                          1 
_entity_src_gen.pdbx_src_id                        1 
_entity_src_gen.pdbx_alt_source_flag               sample 
_entity_src_gen.pdbx_seq_type                      'Biological sequence' 
_entity_src_gen.pdbx_beg_seq_num                   1 
_entity_src_gen.pdbx_end_seq_num                   117 
_entity_src_gen.gene_src_common_name               Human 
_entity_src_gen.gene_src_genus                     ? 
_entity_src_gen.pdbx_gene_src_gene                 'BAZ2B, KIAA1476' 
_entity_src_gen.gene_src_species                   ? 
_entity_src_gen.gene_src_strain                    ? 
_entity_src_gen.gene_src_tissue                    ? 
_entity_src_gen.gene_src_tissue_fraction           ? 
_entity_src_gen.gene_src_details                   ? 
_entity_src_gen.pdbx_gene_src_fragment             ? 
_entity_src_gen.pdbx_gene_src_scientific_name      'Homo sapiens' 
_entity_src_gen.pdbx_gene_src_ncbi_taxonomy_id     9606 
_entity_src_gen.pdbx_gene_src_variant              ? 
_entity_src_gen.pdbx_gene_src_cell_line            ? 
_entity_src_gen.pdbx_gene_src_atcc                 ? 
_entity_src_gen.pdbx_gene_src_organ                ? 
_entity_src_gen.pdbx_gene_src_organelle            ? 
_entity_src_gen.pdbx_gene_src_cell                 ? 
_entity_src_gen.pdbx_gene_src_cellular_location    ? 
_entity_src_gen.host_org_common_name               ? 
_entity_src_gen.pdbx_host_org_scientific_name      'Escherichia coli' 
_entity_src_gen.pdbx_host_org_ncbi_taxonomy_id     562 
_entity_src_gen.host_org_genus                     ? 
_entity_src_gen.pdbx_host_org_gene                 ? 
_entity_src_gen.pdbx_host_org_organ                ? 
_entity_src_gen.host_org_species                   ? 
_entity_src_gen.pdbx_host_org_tissue               ? 
_entity_src_gen.pdbx_host_org_tissue_fraction      ? 
_entity_src_gen.pdbx_host_org_strain               ? 
_entity_src_gen.pdbx_host_org_variant              ? 
_entity_src_gen.pdbx_host_org_cell_line            ? 
_entity_src_gen.pdbx_host_org_atcc                 ? 
_entity_src_gen.pdbx_host_org_culture_collection   ? 
_entity_src_gen.pdbx_host_org_cell                 ? 
_entity_src_gen.pdbx_host_org_organelle            ? 
_entity_src_gen.pdbx_host_org_cellular_location    ? 
_entity_src_gen.pdbx_host_org_vector_type          ? 
_entity_src_gen.pdbx_host_org_vector               ? 
_entity_src_gen.host_org_details                   ? 
_entity_src_gen.expression_system_id               ? 
_entity_src_gen.plasmid_name                       ? 
_entity_src_gen.plasmid_details                    ? 
_entity_src_gen.pdbx_description                   ? 
# 
loop_
_chem_comp.id 
_chem_comp.type 
_chem_comp.mon_nstd_flag 
_chem_comp.name 
_chem_comp.pdbx_synonyms 
_chem_comp.formula 
_chem_comp.formula_weight 
ALA 'L-peptide linking' y ALANINE                                                                        ? 'C3 H7 N O2'     89.093 
ARG 'L-peptide linking' y ARGININE                                                                       ? 'C6 H15 N4 O2 1' 
175.209 
ASN 'L-peptide linking' y ASPARAGINE                                                                     ? 'C4 H8 N2 O3'    
132.118 
ASP 'L-peptide linking' y 'ASPARTIC ACID'                                                                ? 'C4 H7 N O4'     
133.103 
CYS 'L-peptide linking' y CYSTEINE                                                                       ? 'C3 H7 N O2 S'   
121.158 
D9Q non-polymer         . '1-methyl-6-oxidanylidene-~{N}-(2-pyrrolidin-1-ylethyl)pyridine-3-carboxamide' ? 'C13 H19 N3 O2'  
249.309 
GLN 'L-peptide linking' y GLUTAMINE                                                                      ? 'C5 H10 N2 O3'   
146.144 
GLU 'L-peptide linking' y 'GLUTAMIC ACID'                                                                ? 'C5 H9 N O4'     
147.129 
GLY 'peptide linking'   y GLYCINE                                                                        ? 'C2 H5 N O2'     75.067 
HIS 'L-peptide linking' y HISTIDINE                                                                      ? 'C6 H10 N3 O2 1' 
156.162 
HOH non-polymer         . WATER                                                                          ? 'H2 O'           18.015 
ILE 'L-peptide linking' y ISOLEUCINE                                                                     ? 'C6 H13 N O2'    
131.173 
LEU 'L-peptide linking' y LEUCINE                                                                        ? 'C6 H13 N O2'    
131.173 
LYS 'L-peptide linking' y LYSINE                                                                         ? 'C6 H15 N2 O2 1' 
147.195 
MET 'L-peptide linking' y METHIONINE                                                                     ? 'C5 H11 N O2 S'  
149.211 
PHE 'L-peptide linking' y PHENYLALANINE                                                                  ? 'C9 H11 N O2'    
165.189 
PRO 'L-peptide linking' y PROLINE                                                                        ? 'C5 H9 N O2'     
115.130 
SER 'L-peptide linking' y SERINE                                                                         ? 'C3 H7 N O3'     
105.093 
THR 'L-peptide linking' y THREONINE                                                                      ? 'C4 H9 N O3'     
119.119 
TRP 'L-peptide linking' y TRYPTOPHAN                                                                     ? 'C11 H12 N2 O2'  
204.225 
TYR 'L-peptide linking' y TYROSINE                                                                       ? 'C9 H11 N O3'    
181.189 
VAL 'L-peptide linking' y VALINE                                                                         ? 'C5 H11 N O2'    
117.146 
# 
loop_
_pdbx_poly_seq_scheme.asym_id 
_pdbx_poly_seq_scheme.entity_id 
_pdbx_poly_seq_scheme.seq_id 
_pdbx_poly_seq_scheme.mon_id 
_pdbx_poly_seq_scheme.ndb_seq_num 
_pdbx_poly_seq_scheme.pdb_seq_num 
_pdbx_poly_seq_scheme.auth_seq_num 
_pdbx_poly_seq_scheme.pdb_mon_id 
_pdbx_poly_seq_scheme.auth_mon_id 
_pdbx_poly_seq_scheme.pdb_strand_id 
_pdbx_poly_seq_scheme.pdb_ins_code 
_pdbx_poly_seq_scheme.hetero 
A 1 1   SER 1   1856 1856 SER SER A . n 
A 1 2   MET 2   1857 1857 MET MET A . n 
A 1 3   SER 3   1858 1858 SER SER A . n 
A 1 4   VAL 4   1859 1859 VAL VAL A . n 
A 1 5   LYS 5   1860 1860 LYS LYS A . n 
A 1 6   LYS 6   1861 1861 LYS LYS A . n 
A 1 7   PRO 7   1862 1862 PRO PRO A . n 
A 1 8   LYS 8   1863 1863 LYS LYS A . n 
A 1 9   ARG 9   1864 1864 ARG ARG A . n 
A 1 10  ASP 10  1865 1865 ASP ASP A . n 
A 1 11  ASP 11  1866 1866 ASP ASP A . n 
A 1 12  SER 12  1867 1867 SER SER A . n 
A 1 13  LYS 13  1868 1868 LYS LYS A . n 
A 1 14  ASP 14  1869 1869 ASP ASP A . n 
A 1 15  LEU 15  1870 1870 LEU LEU A . n 
A 1 16  ALA 16  1871 1871 ALA ALA A . n 
A 1 17  LEU 17  1872 1872 LEU LEU A . n 
A 1 18  CYS 18  1873 1873 CYS CYS A . n 
A 1 19  SER 19  1874 1874 SER SER A . n 
A 1 20  MET 20  1875 1875 MET MET A . n 
A 1 21  ILE 21  1876 1876 ILE ILE A . n 
A 1 22  LEU 22  1877 1877 LEU LEU A . n 
A 1 23  THR 23  1878 1878 THR THR A . n 
A 1 24  GLU 24  1879 1879 GLU GLU A . n 
A 1 25  MET 25  1880 1880 MET MET A . n 
A 1 26  GLU 26  1881 1881 GLU GLU A . n 
A 1 27  THR 27  1882 1882 THR THR A . n 
A 1 28  HIS 28  1883 1883 HIS HIS A . n 
A 1 29  GLU 29  1884 1884 GLU GLU A . n 
A 1 30  ASP 30  1885 1885 ASP ASP A . n 
A 1 31  ALA 31  1886 1886 ALA ALA A . n 
A 1 32  TRP 32  1887 1887 TRP TRP A . n 
A 1 33  PRO 33  1888 1888 PRO PRO A . n 
A 1 34  PHE 34  1889 1889 PHE PHE A . n 
A 1 35  LEU 35  1890 1890 LEU LEU A . n 
A 1 36  LEU 36  1891 1891 LEU LEU A . n 
A 1 37  PRO 37  1892 1892 PRO PRO A . n 
A 1 38  VAL 38  1893 1893 VAL VAL A . n 
A 1 39  ASN 39  1894 1894 ASN ASN A . n 
A 1 40  LEU 40  1895 1895 LEU LEU A . n 
A 1 41  LYS 41  1896 1896 LYS LYS A . n 
A 1 42  LEU 42  1897 1897 LEU LEU A . n 
A 1 43  VAL 43  1898 1898 VAL VAL A . n 
A 1 44  PRO 44  1899 1899 PRO PRO A . n 
A 1 45  GLY 45  1900 1900 GLY GLY A . n 
A 1 46  TYR 46  1901 1901 TYR TYR A . n 
A 1 47  LYS 47  1902 1902 LYS LYS A . n 
A 1 48  LYS 48  1903 1903 LYS LYS A . n 
A 1 49  VAL 49  1904 1904 VAL VAL A . n 
A 1 50  ILE 50  1905 1905 ILE ILE A . n 
A 1 51  LYS 51  1906 1906 LYS LYS A . n 
A 1 52  LYS 52  1907 1907 LYS LYS A . n 
A 1 53  PRO 53  1908 1908 PRO PRO A . n 
A 1 54  MET 54  1909 1909 MET MET A . n 
A 1 55  ASP 55  1910 1910 ASP ASP A . n 
A 1 56  PHE 56  1911 1911 PHE PHE A . n 
A 1 57  SER 57  1912 1912 SER SER A . n 
A 1 58  THR 58  1913 1913 THR THR A . n 
A 1 59  ILE 59  1914 1914 ILE ILE A . n 
A 1 60  ARG 60  1915 1915 ARG ARG A . n 
A 1 61  GLU 61  1916 1916 GLU GLU A . n 
A 1 62  LYS 62  1917 1917 LYS LYS A . n 
A 1 63  LEU 63  1918 1918 LEU LEU A . n 
A 1 64  SER 64  1919 1919 SER SER A . n 
A 1 65  SER 65  1920 1920 SER SER A . n 
A 1 66  GLY 66  1921 1921 GLY GLY A . n 
A 1 67  GLN 67  1922 1922 GLN GLN A . n 
A 1 68  TYR 68  1923 1923 TYR TYR A . n 
A 1 69  PRO 69  1924 1924 PRO PRO A . n 
A 1 70  ASN 70  1925 1925 ASN ASN A . n 
A 1 71  LEU 71  1926 1926 LEU LEU A . n 
A 1 72  GLU 72  1927 1927 GLU GLU A . n 
A 1 73  THR 73  1928 1928 THR THR A . n 
A 1 74  PHE 74  1929 1929 PHE PHE A . n 
A 1 75  ALA 75  1930 1930 ALA ALA A . n 
A 1 76  LEU 76  1931 1931 LEU LEU A . n 
A 1 77  ASP 77  1932 1932 ASP ASP A . n 
A 1 78  VAL 78  1933 1933 VAL VAL A . n 
A 1 79  ARG 79  1934 1934 ARG ARG A . n 
A 1 80  LEU 80  1935 1935 LEU LEU A . n 
A 1 81  VAL 81  1936 1936 VAL VAL A . n 
A 1 82  PHE 82  1937 1937 PHE PHE A . n 
A 1 83  ASP 83  1938 1938 ASP ASP A . n 
A 1 84  ASN 84  1939 1939 ASN ASN A . n 
A 1 85  CYS 85  1940 1940 CYS CYS A . n 
A 1 86  GLU 86  1941 1941 GLU GLU A . n 
A 1 87  THR 87  1942 1942 THR THR A . n 
A 1 88  PHE 88  1943 1943 PHE PHE A . n 
A 1 89  ASN 89  1944 1944 ASN ASN A . n 
A 1 90  GLU 90  1945 1945 GLU GLU A . n 
A 1 91  ASP 91  1946 1946 ASP ASP A . n 
A 1 92  ASP 92  1947 1947 ASP ASP A . n 
A 1 93  SER 93  1948 1948 SER SER A . n 
A 1 94  ASP 94  1949 1949 ASP ASP A . n 
A 1 95  ILE 95  1950 1950 ILE ILE A . n 
A 1 96  GLY 96  1951 1951 GLY GLY A . n 
A 1 97  ARG 97  1952 1952 ARG ARG A . n 
A 1 98  ALA 98  1953 1953 ALA ALA A . n 
A 1 99  GLY 99  1954 1954 GLY GLY A . n 
A 1 100 HIS 100 1955 1955 HIS HIS A . n 
A 1 101 ASN 101 1956 1956 ASN ASN A . n 
A 1 102 MET 102 1957 1957 MET MET A . n 
A 1 103 ARG 103 1958 1958 ARG ARG A . n 
A 1 104 LYS 104 1959 1959 LYS LYS A . n 
A 1 105 TYR 105 1960 1960 TYR TYR A . n 
A 1 106 PHE 106 1961 1961 PHE PHE A . n 
A 1 107 GLU 107 1962 1962 GLU GLU A . n 
A 1 108 LYS 108 1963 1963 LYS LYS A . n 
A 1 109 LYS 109 1964 1964 LYS LYS A . n 
A 1 110 TRP 110 1965 1965 TRP TRP A . n 
A 1 111 THR 111 1966 1966 THR THR A . n 
A 1 112 ASP 112 1967 1967 ASP ASP A . n 
A 1 113 THR 113 1968 1968 THR THR A . n 
A 1 114 PHE 114 1969 1969 PHE PHE A . n 
A 1 115 LYS 115 1970 1970 LYS LYS A . n 
A 1 116 VAL 116 1971 1971 VAL VAL A . n 
A 1 117 SER 117 1972 ?    ?   ?   A . n 
# 
loop_
_pdbx_nonpoly_scheme.asym_id 
_pdbx_nonpoly_scheme.entity_id 
_pdbx_nonpoly_scheme.mon_id 
_pdbx_nonpoly_scheme.ndb_seq_num 
_pdbx_nonpoly_scheme.pdb_seq_num 
_pdbx_nonpoly_scheme.auth_seq_num 
_pdbx_nonpoly_scheme.pdb_mon_id 
_pdbx_nonpoly_scheme.auth_mon_id 
_pdbx_nonpoly_scheme.pdb_strand_id 
_pdbx_nonpoly_scheme.pdb_ins_code 
B 2 D9Q 1  2001 1  D9Q LIG A . 
C 3 HOH 1  2101 81 HOH HOH A . 
C 3 HOH 2  2102 83 HOH HOH A . 
C 3 HOH 3  2103 24 HOH HOH A . 
C 3 HOH 4  2104 75 HOH HOH A . 
C 3 HOH 5  2105 68 HOH HOH A . 
C 3 HOH 6  2106 80 HOH HOH A . 
C 3 HOH 7  2107 9  HOH HOH A . 
C 3 HOH 8  2108 86 HOH HOH A . 
C 3 HOH 9  2109 2  HOH HOH A . 
C 3 HOH 10 2110 12 HOH HOH A . 
C 3 HOH 11 2111 5  HOH HOH A . 
C 3 HOH 12 2112 20 HOH HOH A . 
C 3 HOH 13 2113 14 HOH HOH A . 
C 3 HOH 14 2114 36 HOH HOH A . 
C 3 HOH 15 2115 57 HOH HOH A . 
C 3 HOH 16 2116 35 HOH HOH A . 
C 3 HOH 17 2117 8  HOH HOH A . 
C 3 HOH 18 2118 18 HOH HOH A . 
C 3 HOH 19 2119 53 HOH HOH A . 
C 3 HOH 20 2120 38 HOH HOH A . 
C 3 HOH 21 2121 28 HOH HOH A . 
C 3 HOH 22 2122 25 HOH HOH A . 
C 3 HOH 23 2123 17 HOH HOH A . 
C 3 HOH 24 2124 15 HOH HOH A . 
C 3 HOH 25 2125 13 HOH HOH A . 
C 3 HOH 26 2126 58 HOH HOH A . 
C 3 HOH 27 2127 47 HOH HOH A . 
C 3 HOH 28 2128 22 HOH HOH A . 
C 3 HOH 29 2129 3  HOH HOH A . 
C 3 HOH 30 2130 56 HOH HOH A . 
C 3 HOH 31 2131 37 HOH HOH A . 
C 3 HOH 32 2132 23 HOH HOH A . 
C 3 HOH 33 2133 1  HOH HOH A . 
C 3 HOH 34 2134 77 HOH HOH A . 
C 3 HOH 35 2135 33 HOH HOH A . 
C 3 HOH 36 2136 32 HOH HOH A . 
C 3 HOH 37 2137 52 HOH HOH A . 
C 3 HOH 38 2138 27 HOH HOH A . 
C 3 HOH 39 2139 10 HOH HOH A . 
C 3 HOH 40 2140 39 HOH HOH A . 
C 3 HOH 41 2141 44 HOH HOH A . 
C 3 HOH 42 2142 41 HOH HOH A . 
C 3 HOH 43 2143 66 HOH HOH A . 
C 3 HOH 44 2144 55 HOH HOH A . 
C 3 HOH 45 2145 31 HOH HOH A . 
C 3 HOH 46 2146 50 HOH HOH A . 
C 3 HOH 47 2147 30 HOH HOH A . 
C 3 HOH 48 2148 73 HOH HOH A . 
C 3 HOH 49 2149 45 HOH HOH A . 
C 3 HOH 50 2150 19 HOH HOH A . 
C 3 HOH 51 2151 76 HOH HOH A . 
C 3 HOH 52 2152 85 HOH HOH A . 
C 3 HOH 53 2153 60 HOH HOH A . 
C 3 HOH 54 2154 48 HOH HOH A . 
C 3 HOH 55 2155 4  HOH HOH A . 
C 3 HOH 56 2156 7  HOH HOH A . 
C 3 HOH 57 2157 42 HOH HOH A . 
C 3 HOH 58 2158 26 HOH HOH A . 
C 3 HOH 59 2159 82 HOH HOH A . 
C 3 HOH 60 2160 6  HOH HOH A . 
C 3 HOH 61 2161 21 HOH HOH A . 
C 3 HOH 62 2162 51 HOH HOH A . 
C 3 HOH 63 2163 63 HOH HOH A . 
C 3 HOH 64 2164 16 HOH HOH A . 
C 3 HOH 65 2165 90 HOH HOH A . 
C 3 HOH 66 2166 34 HOH HOH A . 
C 3 HOH 67 2167 79 HOH HOH A . 
C 3 HOH 68 2168 72 HOH HOH A . 
C 3 HOH 69 2169 95 HOH HOH A . 
C 3 HOH 70 2170 96 HOH HOH A . 
C 3 HOH 71 2171 61 HOH HOH A . 
C 3 HOH 72 2172 67 HOH HOH A . 
C 3 HOH 73 2173 78 HOH HOH A . 
C 3 HOH 74 2174 49 HOH HOH A . 
C 3 HOH 75 2175 89 HOH HOH A . 
C 3 HOH 76 2176 74 HOH HOH A . 
C 3 HOH 77 2177 91 HOH HOH A . 
C 3 HOH 78 2178 87 HOH HOH A . 
C 3 HOH 79 2179 59 HOH HOH A . 
C 3 HOH 80 2180 97 HOH HOH A . 
C 3 HOH 81 2181 69 HOH HOH A . 
C 3 HOH 82 2182 11 HOH HOH A . 
C 3 HOH 83 2183 64 HOH HOH A . 
C 3 HOH 84 2184 46 HOH HOH A . 
C 3 HOH 85 2185 40 HOH HOH A . 
C 3 HOH 86 2186 54 HOH HOH A . 
C 3 HOH 87 2187 43 HOH HOH A . 
C 3 HOH 88 2188 94 HOH HOH A . 
C 3 HOH 89 2189 70 HOH HOH A . 
C 3 HOH 90 2190 65 HOH HOH A . 
C 3 HOH 91 2191 88 HOH HOH A . 
C 3 HOH 92 2192 84 HOH HOH A . 
C 3 HOH 93 2193 29 HOH HOH A . 
C 3 HOH 94 2194 92 HOH HOH A . 
C 3 HOH 95 2195 62 HOH HOH A . 
# 
loop_
_software.citation_id 
_software.classification 
_software.compiler_name 
_software.compiler_version 
_software.contact_author 
_software.contact_author_email 
_software.date 
_software.description 
_software.dependencies 
_software.hardware 
_software.language 
_software.location 
_software.mods 
_software.name 
_software.os 
_software.os_version 
_software.type 
_software.version 
_software.pdbx_ordinal 
? refinement       ? ? ? ? ? ? ? ? ? ? ? PHENIX  ? ? ? '(1.12_2829: ???)' 1 
? 'data reduction' ? ? ? ? ? ? ? ? ? ? ? XDS     ? ? ? .                  2 
? 'data scaling'   ? ? ? ? ? ? ? ? ? ? ? Aimless ? ? ? .                  3 
? phasing          ? ? ? ? ? ? ? ? ? ? ? PHASER  ? ? ? .                  4 
# 
_cell.angle_alpha                  90.00 
_cell.angle_alpha_esd              ? 
_cell.angle_beta                   90.00 
_cell.angle_beta_esd               ? 
_cell.angle_gamma                  90.00 
_cell.angle_gamma_esd              ? 
_cell.entry_id                     6FGU 
_cell.details                      ? 
_cell.formula_units_Z              ? 
_cell.length_a                     82.626 
_cell.length_a_esd                 ? 
_cell.length_b                     96.163 
_cell.length_b_esd                 ? 
_cell.length_c                     57.846 
_cell.length_c_esd                 ? 
_cell.volume                       ? 
_cell.volume_esd                   ? 
_cell.Z_PDB                        8 
_cell.reciprocal_angle_alpha       ? 
_cell.reciprocal_angle_beta        ? 
_cell.reciprocal_angle_gamma       ? 
_cell.reciprocal_angle_alpha_esd   ? 
_cell.reciprocal_angle_beta_esd    ? 
_cell.reciprocal_angle_gamma_esd   ? 
_cell.reciprocal_length_a          ? 
_cell.reciprocal_length_b          ? 
_cell.reciprocal_length_c          ? 
_cell.reciprocal_length_a_esd      ? 
_cell.reciprocal_length_b_esd      ? 
_cell.reciprocal_length_c_esd      ? 
_cell.pdbx_unique_axis             ? 
# 
_symmetry.entry_id                         6FGU 
_symmetry.cell_setting                     ? 
_symmetry.Int_Tables_number                20 
_symmetry.space_group_name_Hall            ? 
_symmetry.space_group_name_H-M             'C 2 2 21' 
_symmetry.pdbx_full_space_group_name_H-M   ? 
# 
_exptl.absorpt_coefficient_mu     ? 
_exptl.absorpt_correction_T_max   ? 
_exptl.absorpt_correction_T_min   ? 
_exptl.absorpt_correction_type    ? 
_exptl.absorpt_process_details    ? 
_exptl.entry_id                   6FGU 
_exptl.crystals_number            1 
_exptl.details                    ? 
_exptl.method                     'X-RAY DIFFRACTION' 
_exptl.method_details             ? 
# 
_exptl_crystal.colour                      ? 
_exptl_crystal.density_diffrn              ? 
_exptl_crystal.density_Matthews            4.22 
_exptl_crystal.density_method              ? 
_exptl_crystal.density_percent_sol         70.84 
_exptl_crystal.description                 ? 
_exptl_crystal.F_000                       ? 
_exptl_crystal.id                          1 
_exptl_crystal.preparation                 ? 
_exptl_crystal.size_max                    ? 
_exptl_crystal.size_mid                    ? 
_exptl_crystal.size_min                    ? 
_exptl_crystal.size_rad                    ? 
_exptl_crystal.colour_lustre               ? 
_exptl_crystal.colour_modifier             ? 
_exptl_crystal.colour_primary              ? 
_exptl_crystal.density_meas                ? 
_exptl_crystal.density_meas_esd            ? 
_exptl_crystal.density_meas_gt             ? 
_exptl_crystal.density_meas_lt             ? 
_exptl_crystal.density_meas_temp           ? 
_exptl_crystal.density_meas_temp_esd       ? 
_exptl_crystal.density_meas_temp_gt        ? 
_exptl_crystal.density_meas_temp_lt        ? 
_exptl_crystal.pdbx_crystal_image_url      ? 
_exptl_crystal.pdbx_crystal_image_format   ? 
_exptl_crystal.pdbx_mosaicity              ? 
_exptl_crystal.pdbx_mosaicity_esd          ? 
# 
_exptl_crystal_grow.apparatus       ? 
_exptl_crystal_grow.atmosphere      ? 
_exptl_crystal_grow.crystal_id      1 
_exptl_crystal_grow.details         ? 
_exptl_crystal_grow.method          'VAPOR DIFFUSION, SITTING DROP' 
_exptl_crystal_grow.method_ref      ? 
_exptl_crystal_grow.pH              ? 
_exptl_crystal_grow.pressure        ? 
_exptl_crystal_grow.pressure_esd    ? 
_exptl_crystal_grow.seeding         ? 
_exptl_crystal_grow.seeding_ref     ? 
_exptl_crystal_grow.temp            277 
_exptl_crystal_grow.temp_details    ? 
_exptl_crystal_grow.temp_esd        ? 
_exptl_crystal_grow.time            ? 
_exptl_crystal_grow.pdbx_details    '20% PEG500MME, 2% PEG1000, 2% PEG3350, 10% PEG20000, 2% MPD' 
_exptl_crystal_grow.pdbx_pH_range   ? 
# 
_diffrn.ambient_environment    ? 
_diffrn.ambient_temp           100 
_diffrn.ambient_temp_details   ? 
_diffrn.ambient_temp_esd       ? 
_diffrn.crystal_id             1 
_diffrn.crystal_support        ? 
_diffrn.crystal_treatment      ? 
_diffrn.details                ? 
_diffrn.id                     1 
_diffrn.ambient_pressure       ? 
_diffrn.ambient_pressure_esd   ? 
_diffrn.ambient_pressure_gt    ? 
_diffrn.ambient_pressure_lt    ? 
_diffrn.ambient_temp_gt        ? 
_diffrn.ambient_temp_lt        ? 
# 
_diffrn_detector.details                      ? 
_diffrn_detector.detector                     PIXEL 
_diffrn_detector.diffrn_id                    1 
_diffrn_detector.type                         'DECTRIS PILATUS 2M' 
_diffrn_detector.area_resol_mean              ? 
_diffrn_detector.dtime                        ? 
_diffrn_detector.pdbx_frames_total            ? 
_diffrn_detector.pdbx_collection_time_total   ? 
_diffrn_detector.pdbx_collection_date         2017-07-05 
# 
_diffrn_radiation.collimation                      ? 
_diffrn_radiation.diffrn_id                        1 
_diffrn_radiation.filter_edge                      ? 
_diffrn_radiation.inhomogeneity                    ? 
_diffrn_radiation.monochromator                    ? 
_diffrn_radiation.polarisn_norm                    ? 
_diffrn_radiation.polarisn_ratio                   ? 
_diffrn_radiation.probe                            ? 
_diffrn_radiation.type                             ? 
_diffrn_radiation.xray_symbol                      ? 
_diffrn_radiation.wavelength_id                    1 
_diffrn_radiation.pdbx_monochromatic_or_laue_m_l   M 
_diffrn_radiation.pdbx_wavelength_list             ? 
_diffrn_radiation.pdbx_wavelength                  ? 
_diffrn_radiation.pdbx_diffrn_protocol             'SINGLE WAVELENGTH' 
_diffrn_radiation.pdbx_analyzer                    ? 
_diffrn_radiation.pdbx_scattering_type             x-ray 
# 
_diffrn_radiation_wavelength.id           1 
_diffrn_radiation_wavelength.wavelength   1.0 
_diffrn_radiation_wavelength.wt           1.0 
# 
_diffrn_source.current                     ? 
_diffrn_source.details                     ? 
_diffrn_source.diffrn_id                   1 
_diffrn_source.power                       ? 
_diffrn_source.size                        ? 
_diffrn_source.source                      SYNCHROTRON 
_diffrn_source.target                      ? 
_diffrn_source.type                        'ELETTRA BEAMLINE 5.2R' 
_diffrn_source.voltage                     ? 
_diffrn_source.take-off_angle              ? 
_diffrn_source.pdbx_wavelength_list        1.0 
_diffrn_source.pdbx_wavelength             ? 
_diffrn_source.pdbx_synchrotron_beamline   5.2R 
_diffrn_source.pdbx_synchrotron_site       ELETTRA 
# 
_reflns.B_iso_Wilson_estimate            ? 
_reflns.entry_id                         6FGU 
_reflns.data_reduction_details           ? 
_reflns.data_reduction_method            ? 
_reflns.d_resolution_high                2.05 
_reflns.d_resolution_low                 42.51 
_reflns.details                          ? 
_reflns.limit_h_max                      ? 
_reflns.limit_h_min                      ? 
_reflns.limit_k_max                      ? 
_reflns.limit_k_min                      ? 
_reflns.limit_l_max                      ? 
_reflns.limit_l_min                      ? 
_reflns.number_all                       ? 
_reflns.number_obs                       14808 
_reflns.observed_criterion               ? 
_reflns.observed_criterion_F_max         ? 
_reflns.observed_criterion_F_min         ? 
_reflns.observed_criterion_I_max         ? 
_reflns.observed_criterion_I_min         ? 
_reflns.observed_criterion_sigma_F       ? 
_reflns.observed_criterion_sigma_I       ? 
_reflns.percent_possible_obs             99.9 
_reflns.R_free_details                   ? 
_reflns.Rmerge_F_all                     ? 
_reflns.Rmerge_F_obs                     ? 
_reflns.Friedel_coverage                 ? 
_reflns.number_gt                        ? 
_reflns.threshold_expression             ? 
_reflns.pdbx_redundancy                  6.9 
_reflns.pdbx_Rmerge_I_obs                0.105 
_reflns.pdbx_Rmerge_I_all                ? 
_reflns.pdbx_Rsym_value                  ? 
_reflns.pdbx_netI_over_av_sigmaI         ? 
_reflns.pdbx_netI_over_sigmaI            11.6 
_reflns.pdbx_res_netI_over_av_sigmaI_2   ? 
_reflns.pdbx_res_netI_over_sigmaI_2      ? 
_reflns.pdbx_chi_squared                 ? 
_reflns.pdbx_scaling_rejects             ? 
_reflns.pdbx_d_res_high_opt              ? 
_reflns.pdbx_d_res_low_opt               ? 
_reflns.pdbx_d_res_opt_method            ? 
_reflns.phase_calculation_details        ? 
_reflns.pdbx_Rrim_I_all                  0.114 
_reflns.pdbx_Rpim_I_all                  0.043 
_reflns.pdbx_d_opt                       ? 
_reflns.pdbx_number_measured_all         ? 
_reflns.pdbx_diffrn_id                   1 
_reflns.pdbx_ordinal                     1 
_reflns.pdbx_CC_half                     0.998 
_reflns.pdbx_R_split                     ? 
# 
_reflns_shell.d_res_high                  2.05 
_reflns_shell.d_res_low                   2.11 
_reflns_shell.meanI_over_sigI_all         ? 
_reflns_shell.meanI_over_sigI_obs         2.3 
_reflns_shell.number_measured_all         ? 
_reflns_shell.number_measured_obs         ? 
_reflns_shell.number_possible             ? 
_reflns_shell.number_unique_all           ? 
_reflns_shell.number_unique_obs           1119 
_reflns_shell.percent_possible_all        99.9 
_reflns_shell.percent_possible_obs        ? 
_reflns_shell.Rmerge_F_all                ? 
_reflns_shell.Rmerge_F_obs                ? 
_reflns_shell.Rmerge_I_all                ? 
_reflns_shell.Rmerge_I_obs                0.821 
_reflns_shell.meanI_over_sigI_gt          ? 
_reflns_shell.meanI_over_uI_all           ? 
_reflns_shell.meanI_over_uI_gt            ? 
_reflns_shell.number_measured_gt          ? 
_reflns_shell.number_unique_gt            ? 
_reflns_shell.percent_possible_gt         ? 
_reflns_shell.Rmerge_F_gt                 ? 
_reflns_shell.Rmerge_I_gt                 ? 
_reflns_shell.pdbx_redundancy             7.0 
_reflns_shell.pdbx_Rsym_value             ? 
_reflns_shell.pdbx_chi_squared            ? 
_reflns_shell.pdbx_netI_over_sigmaI_all   ? 
_reflns_shell.pdbx_netI_over_sigmaI_obs   ? 
_reflns_shell.pdbx_Rrim_I_all             0.887 
_reflns_shell.pdbx_Rpim_I_all             0.332 
_reflns_shell.pdbx_rejects                ? 
_reflns_shell.pdbx_ordinal                1 
_reflns_shell.pdbx_diffrn_id              1 
_reflns_shell.pdbx_CC_half                0.915 
_reflns_shell.pdbx_R_split                ? 
# 
_refine.aniso_B[1][1]                            ? 
_refine.aniso_B[1][2]                            ? 
_refine.aniso_B[1][3]                            ? 
_refine.aniso_B[2][2]                            ? 
_refine.aniso_B[2][3]                            ? 
_refine.aniso_B[3][3]                            ? 
_refine.B_iso_max                                ? 
_refine.B_iso_mean                               ? 
_refine.B_iso_min                                ? 
_refine.correlation_coeff_Fo_to_Fc               ? 
_refine.correlation_coeff_Fo_to_Fc_free          ? 
_refine.details                                  ? 
_refine.diff_density_max                         ? 
_refine.diff_density_max_esd                     ? 
_refine.diff_density_min                         ? 
_refine.diff_density_min_esd                     ? 
_refine.diff_density_rms                         ? 
_refine.diff_density_rms_esd                     ? 
_refine.entry_id                                 6FGU 
_refine.pdbx_refine_id                           'X-RAY DIFFRACTION' 
_refine.ls_abs_structure_details                 ? 
_refine.ls_abs_structure_Flack                   ? 
_refine.ls_abs_structure_Flack_esd               ? 
_refine.ls_abs_structure_Rogers                  ? 
_refine.ls_abs_structure_Rogers_esd              ? 
_refine.ls_d_res_high                            2.050 
_refine.ls_d_res_low                             41.313 
_refine.ls_extinction_coef                       ? 
_refine.ls_extinction_coef_esd                   ? 
_refine.ls_extinction_expression                 ? 
_refine.ls_extinction_method                     ? 
_refine.ls_goodness_of_fit_all                   ? 
_refine.ls_goodness_of_fit_all_esd               ? 
_refine.ls_goodness_of_fit_obs                   ? 
_refine.ls_goodness_of_fit_obs_esd               ? 
_refine.ls_hydrogen_treatment                    ? 
_refine.ls_matrix_type                           ? 
_refine.ls_number_constraints                    ? 
_refine.ls_number_parameters                     ? 
_refine.ls_number_reflns_all                     ? 
_refine.ls_number_reflns_obs                     14661 
_refine.ls_number_reflns_R_free                  773 
_refine.ls_number_reflns_R_work                  ? 
_refine.ls_number_restraints                     ? 
_refine.ls_percent_reflns_obs                    99.00 
_refine.ls_percent_reflns_R_free                 5.27 
_refine.ls_R_factor_all                          ? 
_refine.ls_R_factor_obs                          0.2164 
_refine.ls_R_factor_R_free                       0.2477 
_refine.ls_R_factor_R_free_error                 ? 
_refine.ls_R_factor_R_free_error_details         ? 
_refine.ls_R_factor_R_work                       0.2150 
_refine.ls_R_Fsqd_factor_obs                     ? 
_refine.ls_R_I_factor_obs                        ? 
_refine.ls_redundancy_reflns_all                 ? 
_refine.ls_redundancy_reflns_obs                 ? 
_refine.ls_restrained_S_all                      ? 
_refine.ls_restrained_S_obs                      ? 
_refine.ls_shift_over_esd_max                    ? 
_refine.ls_shift_over_esd_mean                   ? 
_refine.ls_structure_factor_coef                 ? 
_refine.ls_weighting_details                     ? 
_refine.ls_weighting_scheme                      ? 
_refine.ls_wR_factor_all                         ? 
_refine.ls_wR_factor_obs                         ? 
_refine.ls_wR_factor_R_free                      ? 
_refine.ls_wR_factor_R_work                      ? 
_refine.occupancy_max                            ? 
_refine.occupancy_min                            ? 
_refine.solvent_model_details                    ? 
_refine.solvent_model_param_bsol                 ? 
_refine.solvent_model_param_ksol                 ? 
_refine.ls_R_factor_gt                           ? 
_refine.ls_goodness_of_fit_gt                    ? 
_refine.ls_goodness_of_fit_ref                   ? 
_refine.ls_shift_over_su_max                     ? 
_refine.ls_shift_over_su_max_lt                  ? 
_refine.ls_shift_over_su_mean                    ? 
_refine.ls_shift_over_su_mean_lt                 ? 
_refine.pdbx_ls_sigma_I                          ? 
_refine.pdbx_ls_sigma_F                          1.34 
_refine.pdbx_ls_sigma_Fsqd                       ? 
_refine.pdbx_data_cutoff_high_absF               ? 
_refine.pdbx_data_cutoff_high_rms_absF           ? 
_refine.pdbx_data_cutoff_low_absF                ? 
_refine.pdbx_isotropic_thermal_model             ? 
_refine.pdbx_ls_cross_valid_method               NONE 
_refine.pdbx_method_to_determine_struct          'MOLECULAR REPLACEMENT' 
_refine.pdbx_starting_model                      5DYU 
_refine.pdbx_stereochemistry_target_values       ? 
_refine.pdbx_R_Free_selection_details            ? 
_refine.pdbx_stereochem_target_val_spec_case     ? 
_refine.pdbx_overall_ESU_R                       ? 
_refine.pdbx_overall_ESU_R_Free                  ? 
_refine.pdbx_solvent_vdw_probe_radii             1.11 
_refine.pdbx_solvent_ion_probe_radii             ? 
_refine.pdbx_solvent_shrinkage_radii             0.90 
_refine.pdbx_real_space_R                        ? 
_refine.pdbx_density_correlation                 ? 
_refine.pdbx_pd_number_of_powder_patterns        ? 
_refine.pdbx_pd_number_of_points                 ? 
_refine.pdbx_pd_meas_number_of_points            ? 
_refine.pdbx_pd_proc_ls_prof_R_factor            ? 
_refine.pdbx_pd_proc_ls_prof_wR_factor           ? 
_refine.pdbx_pd_Marquardt_correlation_coeff      ? 
_refine.pdbx_pd_Fsqrd_R_factor                   ? 
_refine.pdbx_pd_ls_matrix_band_width             ? 
_refine.pdbx_overall_phase_error                 31.31 
_refine.pdbx_overall_SU_R_free_Cruickshank_DPI   ? 
_refine.pdbx_overall_SU_R_free_Blow_DPI          ? 
_refine.pdbx_overall_SU_R_Blow_DPI               ? 
_refine.pdbx_TLS_residual_ADP_flag               ? 
_refine.pdbx_diffrn_id                           1 
_refine.overall_SU_B                             ? 
_refine.overall_SU_ML                            0.23 
_refine.overall_SU_R_Cruickshank_DPI             ? 
_refine.overall_SU_R_free                        ? 
_refine.overall_FOM_free_R_set                   ? 
_refine.overall_FOM_work_R_set                   ? 
_refine.pdbx_average_fsc_overall                 ? 
_refine.pdbx_average_fsc_work                    ? 
_refine.pdbx_average_fsc_free                    ? 
# 
_refine_hist.pdbx_refine_id                   'X-RAY DIFFRACTION' 
_refine_hist.cycle_id                         LAST 
_refine_hist.pdbx_number_atoms_protein        947 
_refine_hist.pdbx_number_atoms_nucleic_acid   0 
_refine_hist.pdbx_number_atoms_ligand         18 
_refine_hist.number_atoms_solvent             95 
_refine_hist.number_atoms_total               1060 
_refine_hist.d_res_high                       2.050 
_refine_hist.d_res_low                        41.313 
# 
loop_
_refine_ls_restr.pdbx_refine_id 
_refine_ls_restr.criterion 
_refine_ls_restr.dev_ideal 
_refine_ls_restr.dev_ideal_target 
_refine_ls_restr.number 
_refine_ls_restr.rejects 
_refine_ls_restr.type 
_refine_ls_restr.weight 
_refine_ls_restr.pdbx_restraint_function 
'X-RAY DIFFRACTION' ? 0.007  ? 999  ? f_bond_d           ? ? 
'X-RAY DIFFRACTION' ? 0.802  ? 1346 ? f_angle_d          ? ? 
'X-RAY DIFFRACTION' ? 15.578 ? 618  ? f_dihedral_angle_d ? ? 
'X-RAY DIFFRACTION' ? 0.044  ? 144  ? f_chiral_restr     ? ? 
'X-RAY DIFFRACTION' ? 0.005  ? 169  ? f_plane_restr      ? ? 
# 
loop_
_refine_ls_shell.pdbx_refine_id 
_refine_ls_shell.d_res_high 
_refine_ls_shell.d_res_low 
_refine_ls_shell.number_reflns_all 
_refine_ls_shell.number_reflns_obs 
_refine_ls_shell.number_reflns_R_free 
_refine_ls_shell.number_reflns_R_work 
_refine_ls_shell.percent_reflns_obs 
_refine_ls_shell.percent_reflns_R_free 
_refine_ls_shell.R_factor_all 
_refine_ls_shell.R_factor_obs 
_refine_ls_shell.R_factor_R_free 
_refine_ls_shell.R_factor_R_free_error 
_refine_ls_shell.R_factor_R_work 
_refine_ls_shell.redundancy_reflns_all 
_refine_ls_shell.redundancy_reflns_obs 
_refine_ls_shell.wR_factor_all 
_refine_ls_shell.wR_factor_obs 
_refine_ls_shell.wR_factor_R_free 
_refine_ls_shell.wR_factor_R_work 
_refine_ls_shell.pdbx_total_number_of_bins_used 
_refine_ls_shell.pdbx_phase_error 
_refine_ls_shell.pdbx_fsc_work 
_refine_ls_shell.pdbx_fsc_free 
'X-RAY DIFFRACTION' 2.0501 2.1785  . . 152 2230 99.00  . . . 0.3773 . 0.3223 . . . . . . . . . . 
'X-RAY DIFFRACTION' 2.1785 2.3467  . . 119 2288 99.00  . . . 0.3570 . 0.2744 . . . . . . . . . . 
'X-RAY DIFFRACTION' 2.3467 2.5828  . . 126 2289 99.00  . . . 0.2550 . 0.2337 . . . . . . . . . . 
'X-RAY DIFFRACTION' 2.5828 2.9565  . . 123 2297 99.00  . . . 0.2380 . 0.2349 . . . . . . . . . . 
'X-RAY DIFFRACTION' 2.9565 3.7245  . . 136 2325 99.00  . . . 0.2557 . 0.2082 . . . . . . . . . . 
'X-RAY DIFFRACTION' 3.7245 41.3214 . . 117 2459 100.00 . . . 0.1982 . 0.1797 . . . . . . . . . . 
# 
_struct.entry_id                     6FGU 
_struct.title                        'Crystal Structure of BAZ2B bromodomain in complex with 1-methylpyridinone compound 4' 
_struct.pdbx_model_details           ? 
_struct.pdbx_formula_weight          ? 
_struct.pdbx_formula_weight_method   ? 
_struct.pdbx_model_type_details      ? 
_struct.pdbx_CASP_flag               N 
# 
_struct_keywords.entry_id        6FGU 
_struct_keywords.text            'four helical bundle, transcription' 
_struct_keywords.pdbx_keywords   TRANSCRIPTION 
# 
loop_
_struct_asym.id 
_struct_asym.pdbx_blank_PDB_chainid_flag 
_struct_asym.pdbx_modified 
_struct_asym.entity_id 
_struct_asym.details 
A N N 1 ? 
B N N 2 ? 
C N N 3 ? 
# 
_struct_ref.id                         1 
_struct_ref.db_name                    UNP 
_struct_ref.db_code                    BAZ2B_HUMAN 
_struct_ref.pdbx_db_accession          Q9UIF8 
_struct_ref.pdbx_db_isoform            ? 
_struct_ref.entity_id                  1 
_struct_ref.pdbx_seq_one_letter_code   
;SVKKPKRDDSKDLALCSMILTEMETHEDAWPFLLPVNLKLVPGYKKVIKKPMDFSTIREKLSSGQYPNLETFALDVRLVF
DNCETFNEDDSDIGRAGHNMRKYFEKKWTDTFKVS
;
_struct_ref.pdbx_align_begin           2054 
# 
_struct_ref_seq.align_id                      1 
_struct_ref_seq.ref_id                        1 
_struct_ref_seq.pdbx_PDB_id_code              6FGU 
_struct_ref_seq.pdbx_strand_id                A 
_struct_ref_seq.seq_align_beg                 3 
_struct_ref_seq.pdbx_seq_align_beg_ins_code   ? 
_struct_ref_seq.seq_align_end                 117 
_struct_ref_seq.pdbx_seq_align_end_ins_code   ? 
_struct_ref_seq.pdbx_db_accession             Q9UIF8 
_struct_ref_seq.db_align_beg                  2054 
_struct_ref_seq.pdbx_db_align_beg_ins_code    ? 
_struct_ref_seq.db_align_end                  2168 
_struct_ref_seq.pdbx_db_align_end_ins_code    ? 
_struct_ref_seq.pdbx_auth_seq_align_beg       1858 
_struct_ref_seq.pdbx_auth_seq_align_end       1972 
# 
loop_
_struct_ref_seq_dif.align_id 
_struct_ref_seq_dif.pdbx_pdb_id_code 
_struct_ref_seq_dif.mon_id 
_struct_ref_seq_dif.pdbx_pdb_strand_id 
_struct_ref_seq_dif.seq_num 
_struct_ref_seq_dif.pdbx_pdb_ins_code 
_struct_ref_seq_dif.pdbx_seq_db_name 
_struct_ref_seq_dif.pdbx_seq_db_accession_code 
_struct_ref_seq_dif.db_mon_id 
_struct_ref_seq_dif.pdbx_seq_db_seq_num 
_struct_ref_seq_dif.details 
_struct_ref_seq_dif.pdbx_auth_seq_num 
_struct_ref_seq_dif.pdbx_ordinal 
1 6FGU SER A 1 ? UNP Q9UIF8 ? ? 'expression tag' 1856 1 
1 6FGU MET A 2 ? UNP Q9UIF8 ? ? 'expression tag' 1857 2 
# 
_pdbx_struct_assembly.id                   1 
_pdbx_struct_assembly.details              author_and_software_defined_assembly 
_pdbx_struct_assembly.method_details       PISA 
_pdbx_struct_assembly.oligomeric_details   monomeric 
_pdbx_struct_assembly.oligomeric_count     1 
# 
loop_
_pdbx_struct_assembly_prop.biol_id 
_pdbx_struct_assembly_prop.type 
_pdbx_struct_assembly_prop.value 
_pdbx_struct_assembly_prop.details 
1 'ABSA (A^2)' 0    ? 
1 MORE         0    ? 
1 'SSA (A^2)'  7900 ? 
# 
_pdbx_struct_assembly_gen.assembly_id       1 
_pdbx_struct_assembly_gen.oper_expression   1 
_pdbx_struct_assembly_gen.asym_id_list      A,B,C 
# 
_pdbx_struct_assembly_auth_evidence.id                     1 
_pdbx_struct_assembly_auth_evidence.assembly_id            1 
_pdbx_struct_assembly_auth_evidence.experimental_support   'gel filtration' 
_pdbx_struct_assembly_auth_evidence.details                ? 
# 
_pdbx_struct_oper_list.id                   1 
_pdbx_struct_oper_list.type                 'identity operation' 
_pdbx_struct_oper_list.name                 1_555 
_pdbx_struct_oper_list.symmetry_operation   x,y,z 
_pdbx_struct_oper_list.matrix[1][1]         1.0000000000 
_pdbx_struct_oper_list.matrix[1][2]         0.0000000000 
_pdbx_struct_oper_list.matrix[1][3]         0.0000000000 
_pdbx_struct_oper_list.vector[1]            0.0000000000 
_pdbx_struct_oper_list.matrix[2][1]         0.0000000000 
_pdbx_struct_oper_list.matrix[2][2]         1.0000000000 
_pdbx_struct_oper_list.matrix[2][3]         0.0000000000 
_pdbx_struct_oper_list.vector[2]            0.0000000000 
_pdbx_struct_oper_list.matrix[3][1]         0.0000000000 
_pdbx_struct_oper_list.matrix[3][2]         0.0000000000 
_pdbx_struct_oper_list.matrix[3][3]         1.0000000000 
_pdbx_struct_oper_list.vector[3]            0.0000000000 
# 
loop_
_struct_conf.conf_type_id 
_struct_conf.id 
_struct_conf.pdbx_PDB_helix_id 
_struct_conf.beg_label_comp_id 
_struct_conf.beg_label_asym_id 
_struct_conf.beg_label_seq_id 
_struct_conf.pdbx_beg_PDB_ins_code 
_struct_conf.end_label_comp_id 
_struct_conf.end_label_asym_id 
_struct_conf.end_label_seq_id 
_struct_conf.pdbx_end_PDB_ins_code 
_struct_conf.beg_auth_comp_id 
_struct_conf.beg_auth_asym_id 
_struct_conf.beg_auth_seq_id 
_struct_conf.end_auth_comp_id 
_struct_conf.end_auth_asym_id 
_struct_conf.end_auth_seq_id 
_struct_conf.pdbx_PDB_helix_class 
_struct_conf.details 
_struct_conf.pdbx_PDB_helix_length 
HELX_P HELX_P1 AA1 LYS A 13 ? THR A 27  ? LYS A 1868 THR A 1882 1 ? 15 
HELX_P HELX_P2 AA2 HIS A 28 ? TRP A 32  ? HIS A 1883 TRP A 1887 5 ? 5  
HELX_P HELX_P3 AA3 GLY A 45 ? ILE A 50  ? GLY A 1900 ILE A 1905 1 ? 6  
HELX_P HELX_P4 AA4 ASP A 55 ? SER A 65  ? ASP A 1910 SER A 1920 1 ? 11 
HELX_P HELX_P5 AA5 ASN A 70 ? ASN A 89  ? ASN A 1925 ASN A 1944 1 ? 20 
HELX_P HELX_P6 AA6 SER A 93 ? LYS A 115 ? SER A 1948 LYS A 1970 1 ? 23 
# 
_struct_conf_type.id          HELX_P 
_struct_conf_type.criteria    ? 
_struct_conf_type.reference   ? 
# 
_struct_site.id                   AC1 
_struct_site.pdbx_evidence_code   Software 
_struct_site.pdbx_auth_asym_id    A 
_struct_site.pdbx_auth_comp_id    D9Q 
_struct_site.pdbx_auth_seq_id     2001 
_struct_site.pdbx_auth_ins_code   ? 
_struct_site.pdbx_num_residues    6 
_struct_site.details              'binding site for residue D9Q A 2001' 
# 
loop_
_struct_site_gen.id 
_struct_site_gen.site_id 
_struct_site_gen.pdbx_num_res 
_struct_site_gen.label_comp_id 
_struct_site_gen.label_asym_id 
_struct_site_gen.label_seq_id 
_struct_site_gen.pdbx_auth_ins_code 
_struct_site_gen.auth_comp_id 
_struct_site_gen.auth_asym_id 
_struct_site_gen.auth_seq_id 
_struct_site_gen.label_atom_id 
_struct_site_gen.label_alt_id 
_struct_site_gen.symmetry 
_struct_site_gen.details 
1 AC1 6 PRO A 33 ? PRO A 1888 . ? 1_555 ? 
2 AC1 6 VAL A 38 ? VAL A 1893 . ? 1_555 ? 
3 AC1 6 TYR A 46 ? TYR A 1901 . ? 1_555 ? 
4 AC1 6 ASN A 89 ? ASN A 1944 . ? 1_555 ? 
5 AC1 6 ILE A 95 ? ILE A 1950 . ? 1_555 ? 
6 AC1 6 HOH C .  ? HOH A 2109 . ? 1_555 ? 
# 
_pdbx_unobs_or_zero_occ_residues.id               1 
_pdbx_unobs_or_zero_occ_residues.PDB_model_num    1 
_pdbx_unobs_or_zero_occ_residues.polymer_flag     Y 
_pdbx_unobs_or_zero_occ_residues.occupancy_flag   1 
_pdbx_unobs_or_zero_occ_residues.auth_asym_id     A 
_pdbx_unobs_or_zero_occ_residues.auth_comp_id     SER 
_pdbx_unobs_or_zero_occ_residues.auth_seq_id      1972 
_pdbx_unobs_or_zero_occ_residues.PDB_ins_code     ? 
_pdbx_unobs_or_zero_occ_residues.label_asym_id    A 
_pdbx_unobs_or_zero_occ_residues.label_comp_id    SER 
_pdbx_unobs_or_zero_occ_residues.label_seq_id     117 
# 
loop_
_chem_comp_atom.comp_id 
_chem_comp_atom.atom_id 
_chem_comp_atom.type_symbol 
_chem_comp_atom.pdbx_aromatic_flag 
_chem_comp_atom.pdbx_stereo_config 
_chem_comp_atom.pdbx_ordinal 
ALA N    N N N 1   
ALA CA   C N S 2   
ALA C    C N N 3   
ALA O    O N N 4   
ALA CB   C N N 5   
ALA OXT  O N N 6   
ALA H    H N N 7   
ALA H2   H N N 8   
ALA HA   H N N 9   
ALA HB1  H N N 10  
ALA HB2  H N N 11  
ALA HB3  H N N 12  
ALA HXT  H N N 13  
ARG N    N N N 14  
ARG CA   C N S 15  
ARG C    C N N 16  
ARG O    O N N 17  
ARG CB   C N N 18  
ARG CG   C N N 19  
ARG CD   C N N 20  
ARG NE   N N N 21  
ARG CZ   C N N 22  
ARG NH1  N N N 23  
ARG NH2  N N N 24  
ARG OXT  O N N 25  
ARG H    H N N 26  
ARG H2   H N N 27  
ARG HA   H N N 28  
ARG HB2  H N N 29  
ARG HB3  H N N 30  
ARG HG2  H N N 31  
ARG HG3  H N N 32  
ARG HD2  H N N 33  
ARG HD3  H N N 34  
ARG HE   H N N 35  
ARG HH11 H N N 36  
ARG HH12 H N N 37  
ARG HH21 H N N 38  
ARG HH22 H N N 39  
ARG HXT  H N N 40  
ASN N    N N N 41  
ASN CA   C N S 42  
ASN C    C N N 43  
ASN O    O N N 44  
ASN CB   C N N 45  
ASN CG   C N N 46  
ASN OD1  O N N 47  
ASN ND2  N N N 48  
ASN OXT  O N N 49  
ASN H    H N N 50  
ASN H2   H N N 51  
ASN HA   H N N 52  
ASN HB2  H N N 53  
ASN HB3  H N N 54  
ASN HD21 H N N 55  
ASN HD22 H N N 56  
ASN HXT  H N N 57  
ASP N    N N N 58  
ASP CA   C N S 59  
ASP C    C N N 60  
ASP O    O N N 61  
ASP CB   C N N 62  
ASP CG   C N N 63  
ASP OD1  O N N 64  
ASP OD2  O N N 65  
ASP OXT  O N N 66  
ASP H    H N N 67  
ASP H2   H N N 68  
ASP HA   H N N 69  
ASP HB2  H N N 70  
ASP HB3  H N N 71  
ASP HD2  H N N 72  
ASP HXT  H N N 73  
CYS N    N N N 74  
CYS CA   C N R 75  
CYS C    C N N 76  
CYS O    O N N 77  
CYS CB   C N N 78  
CYS SG   S N N 79  
CYS OXT  O N N 80  
CYS H    H N N 81  
CYS H2   H N N 82  
CYS HA   H N N 83  
CYS HB2  H N N 84  
CYS HB3  H N N 85  
CYS HG   H N N 86  
CYS HXT  H N N 87  
D9Q C13  C N N 88  
D9Q C15  C N N 89  
D9Q C17  C N N 90  
D9Q C01  C N N 91  
D9Q C03  C N N 92  
D9Q C04  C N N 93  
D9Q C05  C N N 94  
D9Q C06  C N N 95  
D9Q C07  C N N 96  
D9Q C09  C N N 97  
D9Q C12  C N N 98  
D9Q C16  C N N 99  
D9Q C18  C N N 100 
D9Q N02  N N N 101 
D9Q N11  N N N 102 
D9Q N14  N N N 103 
D9Q O08  O N N 104 
D9Q O10  O N N 105 
D9Q H1   H N N 106 
D9Q H2   H N N 107 
D9Q H3   H N N 108 
D9Q H4   H N N 109 
D9Q H5   H N N 110 
D9Q H6   H N N 111 
D9Q H7   H N N 112 
D9Q H8   H N N 113 
D9Q H9   H N N 114 
D9Q H10  H N N 115 
D9Q H11  H N N 116 
D9Q H12  H N N 117 
D9Q H13  H N N 118 
D9Q H14  H N N 119 
D9Q H15  H N N 120 
D9Q H16  H N N 121 
D9Q H17  H N N 122 
D9Q H18  H N N 123 
D9Q H19  H N N 124 
GLN N    N N N 125 
GLN CA   C N S 126 
GLN C    C N N 127 
GLN O    O N N 128 
GLN CB   C N N 129 
GLN CG   C N N 130 
GLN CD   C N N 131 
GLN OE1  O N N 132 
GLN NE2  N N N 133 
GLN OXT  O N N 134 
GLN H    H N N 135 
GLN H2   H N N 136 
GLN HA   H N N 137 
GLN HB2  H N N 138 
GLN HB3  H N N 139 
GLN HG2  H N N 140 
GLN HG3  H N N 141 
GLN HE21 H N N 142 
GLN HE22 H N N 143 
GLN HXT  H N N 144 
GLU N    N N N 145 
GLU CA   C N S 146 
GLU C    C N N 147 
GLU O    O N N 148 
GLU CB   C N N 149 
GLU CG   C N N 150 
GLU CD   C N N 151 
GLU OE1  O N N 152 
GLU OE2  O N N 153 
GLU OXT  O N N 154 
GLU H    H N N 155 
GLU H2   H N N 156 
GLU HA   H N N 157 
GLU HB2  H N N 158 
GLU HB3  H N N 159 
GLU HG2  H N N 160 
GLU HG3  H N N 161 
GLU HE2  H N N 162 
GLU HXT  H N N 163 
GLY N    N N N 164 
GLY CA   C N N 165 
GLY C    C N N 166 
GLY O    O N N 167 
GLY OXT  O N N 168 
GLY H    H N N 169 
GLY H2   H N N 170 
GLY HA2  H N N 171 
GLY HA3  H N N 172 
GLY HXT  H N N 173 
HIS N    N N N 174 
HIS CA   C N S 175 
HIS C    C N N 176 
HIS O    O N N 177 
HIS CB   C N N 178 
HIS CG   C Y N 179 
HIS ND1  N Y N 180 
HIS CD2  C Y N 181 
HIS CE1  C Y N 182 
HIS NE2  N Y N 183 
HIS OXT  O N N 184 
HIS H    H N N 185 
HIS H2   H N N 186 
HIS HA   H N N 187 
HIS HB2  H N N 188 
HIS HB3  H N N 189 
HIS HD1  H N N 190 
HIS HD2  H N N 191 
HIS HE1  H N N 192 
HIS HE2  H N N 193 
HIS HXT  H N N 194 
HOH O    O N N 195 
HOH H1   H N N 196 
HOH H2   H N N 197 
ILE N    N N N 198 
ILE CA   C N S 199 
ILE C    C N N 200 
ILE O    O N N 201 
ILE CB   C N S 202 
ILE CG1  C N N 203 
ILE CG2  C N N 204 
ILE CD1  C N N 205 
ILE OXT  O N N 206 
ILE H    H N N 207 
ILE H2   H N N 208 
ILE HA   H N N 209 
ILE HB   H N N 210 
ILE HG12 H N N 211 
ILE HG13 H N N 212 
ILE HG21 H N N 213 
ILE HG22 H N N 214 
ILE HG23 H N N 215 
ILE HD11 H N N 216 
ILE HD12 H N N 217 
ILE HD13 H N N 218 
ILE HXT  H N N 219 
LEU N    N N N 220 
LEU CA   C N S 221 
LEU C    C N N 222 
LEU O    O N N 223 
LEU CB   C N N 224 
LEU CG   C N N 225 
LEU CD1  C N N 226 
LEU CD2  C N N 227 
LEU OXT  O N N 228 
LEU H    H N N 229 
LEU H2   H N N 230 
LEU HA   H N N 231 
LEU HB2  H N N 232 
LEU HB3  H N N 233 
LEU HG   H N N 234 
LEU HD11 H N N 235 
LEU HD12 H N N 236 
LEU HD13 H N N 237 
LEU HD21 H N N 238 
LEU HD22 H N N 239 
LEU HD23 H N N 240 
LEU HXT  H N N 241 
LYS N    N N N 242 
LYS CA   C N S 243 
LYS C    C N N 244 
LYS O    O N N 245 
LYS CB   C N N 246 
LYS CG   C N N 247 
LYS CD   C N N 248 
LYS CE   C N N 249 
LYS NZ   N N N 250 
LYS OXT  O N N 251 
LYS H    H N N 252 
LYS H2   H N N 253 
LYS HA   H N N 254 
LYS HB2  H N N 255 
LYS HB3  H N N 256 
LYS HG2  H N N 257 
LYS HG3  H N N 258 
LYS HD2  H N N 259 
LYS HD3  H N N 260 
LYS HE2  H N N 261 
LYS HE3  H N N 262 
LYS HZ1  H N N 263 
LYS HZ2  H N N 264 
LYS HZ3  H N N 265 
LYS HXT  H N N 266 
MET N    N N N 267 
MET CA   C N S 268 
MET C    C N N 269 
MET O    O N N 270 
MET CB   C N N 271 
MET CG   C N N 272 
MET SD   S N N 273 
MET CE   C N N 274 
MET OXT  O N N 275 
MET H    H N N 276 
MET H2   H N N 277 
MET HA   H N N 278 
MET HB2  H N N 279 
MET HB3  H N N 280 
MET HG2  H N N 281 
MET HG3  H N N 282 
MET HE1  H N N 283 
MET HE2  H N N 284 
MET HE3  H N N 285 
MET HXT  H N N 286 
PHE N    N N N 287 
PHE CA   C N S 288 
PHE C    C N N 289 
PHE O    O N N 290 
PHE CB   C N N 291 
PHE CG   C Y N 292 
PHE CD1  C Y N 293 
PHE CD2  C Y N 294 
PHE CE1  C Y N 295 
PHE CE2  C Y N 296 
PHE CZ   C Y N 297 
PHE OXT  O N N 298 
PHE H    H N N 299 
PHE H2   H N N 300 
PHE HA   H N N 301 
PHE HB2  H N N 302 
PHE HB3  H N N 303 
PHE HD1  H N N 304 
PHE HD2  H N N 305 
PHE HE1  H N N 306 
PHE HE2  H N N 307 
PHE HZ   H N N 308 
PHE HXT  H N N 309 
PRO N    N N N 310 
PRO CA   C N S 311 
PRO C    C N N 312 
PRO O    O N N 313 
PRO CB   C N N 314 
PRO CG   C N N 315 
PRO CD   C N N 316 
PRO OXT  O N N 317 
PRO H    H N N 318 
PRO HA   H N N 319 
PRO HB2  H N N 320 
PRO HB3  H N N 321 
PRO HG2  H N N 322 
PRO HG3  H N N 323 
PRO HD2  H N N 324 
PRO HD3  H N N 325 
PRO HXT  H N N 326 
SER N    N N N 327 
SER CA   C N S 328 
SER C    C N N 329 
SER O    O N N 330 
SER CB   C N N 331 
SER OG   O N N 332 
SER OXT  O N N 333 
SER H    H N N 334 
SER H2   H N N 335 
SER HA   H N N 336 
SER HB2  H N N 337 
SER HB3  H N N 338 
SER HG   H N N 339 
SER HXT  H N N 340 
THR N    N N N 341 
THR CA   C N S 342 
THR C    C N N 343 
THR O    O N N 344 
THR CB   C N R 345 
THR OG1  O N N 346 
THR CG2  C N N 347 
THR OXT  O N N 348 
THR H    H N N 349 
THR H2   H N N 350 
THR HA   H N N 351 
THR HB   H N N 352 
THR HG1  H N N 353 
THR HG21 H N N 354 
THR HG22 H N N 355 
THR HG23 H N N 356 
THR HXT  H N N 357 
TRP N    N N N 358 
TRP CA   C N S 359 
TRP C    C N N 360 
TRP O    O N N 361 
TRP CB   C N N 362 
TRP CG   C Y N 363 
TRP CD1  C Y N 364 
TRP CD2  C Y N 365 
TRP NE1  N Y N 366 
TRP CE2  C Y N 367 
TRP CE3  C Y N 368 
TRP CZ2  C Y N 369 
TRP CZ3  C Y N 370 
TRP CH2  C Y N 371 
TRP OXT  O N N 372 
TRP H    H N N 373 
TRP H2   H N N 374 
TRP HA   H N N 375 
TRP HB2  H N N 376 
TRP HB3  H N N 377 
TRP HD1  H N N 378 
TRP HE1  H N N 379 
TRP HE3  H N N 380 
TRP HZ2  H N N 381 
TRP HZ3  H N N 382 
TRP HH2  H N N 383 
TRP HXT  H N N 384 
TYR N    N N N 385 
TYR CA   C N S 386 
TYR C    C N N 387 
TYR O    O N N 388 
TYR CB   C N N 389 
TYR CG   C Y N 390 
TYR CD1  C Y N 391 
TYR CD2  C Y N 392 
TYR CE1  C Y N 393 
TYR CE2  C Y N 394 
TYR CZ   C Y N 395 
TYR OH   O N N 396 
TYR OXT  O N N 397 
TYR H    H N N 398 
TYR H2   H N N 399 
TYR HA   H N N 400 
TYR HB2  H N N 401 
TYR HB3  H N N 402 
TYR HD1  H N N 403 
TYR HD2  H N N 404 
TYR HE1  H N N 405 
TYR HE2  H N N 406 
TYR HH   H N N 407 
TYR HXT  H N N 408 
VAL N    N N N 409 
VAL CA   C N S 410 
VAL C    C N N 411 
VAL O    O N N 412 
VAL CB   C N N 413 
VAL CG1  C N N 414 
VAL CG2  C N N 415 
VAL OXT  O N N 416 
VAL H    H N N 417 
VAL H2   H N N 418 
VAL HA   H N N 419 
VAL HB   H N N 420 
VAL HG11 H N N 421 
VAL HG12 H N N 422 
VAL HG13 H N N 423 
VAL HG21 H N N 424 
VAL HG22 H N N 425 
VAL HG23 H N N 426 
VAL HXT  H N N 427 
# 
loop_
_chem_comp_bond.comp_id 
_chem_comp_bond.atom_id_1 
_chem_comp_bond.atom_id_2 
_chem_comp_bond.value_order 
_chem_comp_bond.pdbx_aromatic_flag 
_chem_comp_bond.pdbx_stereo_config 
_chem_comp_bond.pdbx_ordinal 
ALA N   CA   sing N N 1   
ALA N   H    sing N N 2   
ALA N   H2   sing N N 3   
ALA CA  C    sing N N 4   
ALA CA  CB   sing N N 5   
ALA CA  HA   sing N N 6   
ALA C   O    doub N N 7   
ALA C   OXT  sing N N 8   
ALA CB  HB1  sing N N 9   
ALA CB  HB2  sing N N 10  
ALA CB  HB3  sing N N 11  
ALA OXT HXT  sing N N 12  
ARG N   CA   sing N N 13  
ARG N   H    sing N N 14  
ARG N   H2   sing N N 15  
ARG CA  C    sing N N 16  
ARG CA  CB   sing N N 17  
ARG CA  HA   sing N N 18  
ARG C   O    doub N N 19  
ARG C   OXT  sing N N 20  
ARG CB  CG   sing N N 21  
ARG CB  HB2  sing N N 22  
ARG CB  HB3  sing N N 23  
ARG CG  CD   sing N N 24  
ARG CG  HG2  sing N N 25  
ARG CG  HG3  sing N N 26  
ARG CD  NE   sing N N 27  
ARG CD  HD2  sing N N 28  
ARG CD  HD3  sing N N 29  
ARG NE  CZ   sing N N 30  
ARG NE  HE   sing N N 31  
ARG CZ  NH1  sing N N 32  
ARG CZ  NH2  doub N N 33  
ARG NH1 HH11 sing N N 34  
ARG NH1 HH12 sing N N 35  
ARG NH2 HH21 sing N N 36  
ARG NH2 HH22 sing N N 37  
ARG OXT HXT  sing N N 38  
ASN N   CA   sing N N 39  
ASN N   H    sing N N 40  
ASN N   H2   sing N N 41  
ASN CA  C    sing N N 42  
ASN CA  CB   sing N N 43  
ASN CA  HA   sing N N 44  
ASN C   O    doub N N 45  
ASN C   OXT  sing N N 46  
ASN CB  CG   sing N N 47  
ASN CB  HB2  sing N N 48  
ASN CB  HB3  sing N N 49  
ASN CG  OD1  doub N N 50  
ASN CG  ND2  sing N N 51  
ASN ND2 HD21 sing N N 52  
ASN ND2 HD22 sing N N 53  
ASN OXT HXT  sing N N 54  
ASP N   CA   sing N N 55  
ASP N   H    sing N N 56  
ASP N   H2   sing N N 57  
ASP CA  C    sing N N 58  
ASP CA  CB   sing N N 59  
ASP CA  HA   sing N N 60  
ASP C   O    doub N N 61  
ASP C   OXT  sing N N 62  
ASP CB  CG   sing N N 63  
ASP CB  HB2  sing N N 64  
ASP CB  HB3  sing N N 65  
ASP CG  OD1  doub N N 66  
ASP CG  OD2  sing N N 67  
ASP OD2 HD2  sing N N 68  
ASP OXT HXT  sing N N 69  
CYS N   CA   sing N N 70  
CYS N   H    sing N N 71  
CYS N   H2   sing N N 72  
CYS CA  C    sing N N 73  
CYS CA  CB   sing N N 74  
CYS CA  HA   sing N N 75  
CYS C   O    doub N N 76  
CYS C   OXT  sing N N 77  
CYS CB  SG   sing N N 78  
CYS CB  HB2  sing N N 79  
CYS CB  HB3  sing N N 80  
CYS SG  HG   sing N N 81  
CYS OXT HXT  sing N N 82  
D9Q C06 C05  doub N N 83  
D9Q C06 C07  sing N N 84  
D9Q C05 C04  sing N N 85  
D9Q O08 C07  doub N N 86  
D9Q C07 N02  sing N N 87  
D9Q O10 C09  doub N N 88  
D9Q C04 C09  sing N N 89  
D9Q C04 C03  doub N N 90  
D9Q C09 N11  sing N N 91  
D9Q N02 C03  sing N N 92  
D9Q N02 C01  sing N N 93  
D9Q N11 C12  sing N N 94  
D9Q C12 C13  sing N N 95  
D9Q N14 C13  sing N N 96  
D9Q N14 C18  sing N N 97  
D9Q N14 C15  sing N N 98  
D9Q C18 C17  sing N N 99  
D9Q C15 C16  sing N N 100 
D9Q C17 C16  sing N N 101 
D9Q C13 H1   sing N N 102 
D9Q C13 H2   sing N N 103 
D9Q C15 H3   sing N N 104 
D9Q C15 H4   sing N N 105 
D9Q C17 H5   sing N N 106 
D9Q C17 H6   sing N N 107 
D9Q C01 H7   sing N N 108 
D9Q C01 H8   sing N N 109 
D9Q C01 H9   sing N N 110 
D9Q C03 H10  sing N N 111 
D9Q C05 H11  sing N N 112 
D9Q C06 H12  sing N N 113 
D9Q C12 H13  sing N N 114 
D9Q C12 H14  sing N N 115 
D9Q C16 H15  sing N N 116 
D9Q C16 H16  sing N N 117 
D9Q C18 H17  sing N N 118 
D9Q C18 H18  sing N N 119 
D9Q N11 H19  sing N N 120 
GLN N   CA   sing N N 121 
GLN N   H    sing N N 122 
GLN N   H2   sing N N 123 
GLN CA  C    sing N N 124 
GLN CA  CB   sing N N 125 
GLN CA  HA   sing N N 126 
GLN C   O    doub N N 127 
GLN C   OXT  sing N N 128 
GLN CB  CG   sing N N 129 
GLN CB  HB2  sing N N 130 
GLN CB  HB3  sing N N 131 
GLN CG  CD   sing N N 132 
GLN CG  HG2  sing N N 133 
GLN CG  HG3  sing N N 134 
GLN CD  OE1  doub N N 135 
GLN CD  NE2  sing N N 136 
GLN NE2 HE21 sing N N 137 
GLN NE2 HE22 sing N N 138 
GLN OXT HXT  sing N N 139 
GLU N   CA   sing N N 140 
GLU N   H    sing N N 141 
GLU N   H2   sing N N 142 
GLU CA  C    sing N N 143 
GLU CA  CB   sing N N 144 
GLU CA  HA   sing N N 145 
GLU C   O    doub N N 146 
GLU C   OXT  sing N N 147 
GLU CB  CG   sing N N 148 
GLU CB  HB2  sing N N 149 
GLU CB  HB3  sing N N 150 
GLU CG  CD   sing N N 151 
GLU CG  HG2  sing N N 152 
GLU CG  HG3  sing N N 153 
GLU CD  OE1  doub N N 154 
GLU CD  OE2  sing N N 155 
GLU OE2 HE2  sing N N 156 
GLU OXT HXT  sing N N 157 
GLY N   CA   sing N N 158 
GLY N   H    sing N N 159 
GLY N   H2   sing N N 160 
GLY CA  C    sing N N 161 
GLY CA  HA2  sing N N 162 
GLY CA  HA3  sing N N 163 
GLY C   O    doub N N 164 
GLY C   OXT  sing N N 165 
GLY OXT HXT  sing N N 166 
HIS N   CA   sing N N 167 
HIS N   H    sing N N 168 
HIS N   H2   sing N N 169 
HIS CA  C    sing N N 170 
HIS CA  CB   sing N N 171 
HIS CA  HA   sing N N 172 
HIS C   O    doub N N 173 
HIS C   OXT  sing N N 174 
HIS CB  CG   sing N N 175 
HIS CB  HB2  sing N N 176 
HIS CB  HB3  sing N N 177 
HIS CG  ND1  sing Y N 178 
HIS CG  CD2  doub Y N 179 
HIS ND1 CE1  doub Y N 180 
HIS ND1 HD1  sing N N 181 
HIS CD2 NE2  sing Y N 182 
HIS CD2 HD2  sing N N 183 
HIS CE1 NE2  sing Y N 184 
HIS CE1 HE1  sing N N 185 
HIS NE2 HE2  sing N N 186 
HIS OXT HXT  sing N N 187 
HOH O   H1   sing N N 188 
HOH O   H2   sing N N 189 
ILE N   CA   sing N N 190 
ILE N   H    sing N N 191 
ILE N   H2   sing N N 192 
ILE CA  C    sing N N 193 
ILE CA  CB   sing N N 194 
ILE CA  HA   sing N N 195 
ILE C   O    doub N N 196 
ILE C   OXT  sing N N 197 
ILE CB  CG1  sing N N 198 
ILE CB  CG2  sing N N 199 
ILE CB  HB   sing N N 200 
ILE CG1 CD1  sing N N 201 
ILE CG1 HG12 sing N N 202 
ILE CG1 HG13 sing N N 203 
ILE CG2 HG21 sing N N 204 
ILE CG2 HG22 sing N N 205 
ILE CG2 HG23 sing N N 206 
ILE CD1 HD11 sing N N 207 
ILE CD1 HD12 sing N N 208 
ILE CD1 HD13 sing N N 209 
ILE OXT HXT  sing N N 210 
LEU N   CA   sing N N 211 
LEU N   H    sing N N 212 
LEU N   H2   sing N N 213 
LEU CA  C    sing N N 214 
LEU CA  CB   sing N N 215 
LEU CA  HA   sing N N 216 
LEU C   O    doub N N 217 
LEU C   OXT  sing N N 218 
LEU CB  CG   sing N N 219 
LEU CB  HB2  sing N N 220 
LEU CB  HB3  sing N N 221 
LEU CG  CD1  sing N N 222 
LEU CG  CD2  sing N N 223 
LEU CG  HG   sing N N 224 
LEU CD1 HD11 sing N N 225 
LEU CD1 HD12 sing N N 226 
LEU CD1 HD13 sing N N 227 
LEU CD2 HD21 sing N N 228 
LEU CD2 HD22 sing N N 229 
LEU CD2 HD23 sing N N 230 
LEU OXT HXT  sing N N 231 
LYS N   CA   sing N N 232 
LYS N   H    sing N N 233 
LYS N   H2   sing N N 234 
LYS CA  C    sing N N 235 
LYS CA  CB   sing N N 236 
LYS CA  HA   sing N N 237 
LYS C   O    doub N N 238 
LYS C   OXT  sing N N 239 
LYS CB  CG   sing N N 240 
LYS CB  HB2  sing N N 241 
LYS CB  HB3  sing N N 242 
LYS CG  CD   sing N N 243 
LYS CG  HG2  sing N N 244 
LYS CG  HG3  sing N N 245 
LYS CD  CE   sing N N 246 
LYS CD  HD2  sing N N 247 
LYS CD  HD3  sing N N 248 
LYS CE  NZ   sing N N 249 
LYS CE  HE2  sing N N 250 
LYS CE  HE3  sing N N 251 
LYS NZ  HZ1  sing N N 252 
LYS NZ  HZ2  sing N N 253 
LYS NZ  HZ3  sing N N 254 
LYS OXT HXT  sing N N 255 
MET N   CA   sing N N 256 
MET N   H    sing N N 257 
MET N   H2   sing N N 258 
MET CA  C    sing N N 259 
MET CA  CB   sing N N 260 
MET CA  HA   sing N N 261 
MET C   O    doub N N 262 
MET C   OXT  sing N N 263 
MET CB  CG   sing N N 264 
MET CB  HB2  sing N N 265 
MET CB  HB3  sing N N 266 
MET CG  SD   sing N N 267 
MET CG  HG2  sing N N 268 
MET CG  HG3  sing N N 269 
MET SD  CE   sing N N 270 
MET CE  HE1  sing N N 271 
MET CE  HE2  sing N N 272 
MET CE  HE3  sing N N 273 
MET OXT HXT  sing N N 274 
PHE N   CA   sing N N 275 
PHE N   H    sing N N 276 
PHE N   H2   sing N N 277 
PHE CA  C    sing N N 278 
PHE CA  CB   sing N N 279 
PHE CA  HA   sing N N 280 
PHE C   O    doub N N 281 
PHE C   OXT  sing N N 282 
PHE CB  CG   sing N N 283 
PHE CB  HB2  sing N N 284 
PHE CB  HB3  sing N N 285 
PHE CG  CD1  doub Y N 286 
PHE CG  CD2  sing Y N 287 
PHE CD1 CE1  sing Y N 288 
PHE CD1 HD1  sing N N 289 
PHE CD2 CE2  doub Y N 290 
PHE CD2 HD2  sing N N 291 
PHE CE1 CZ   doub Y N 292 
PHE CE1 HE1  sing N N 293 
PHE CE2 CZ   sing Y N 294 
PHE CE2 HE2  sing N N 295 
PHE CZ  HZ   sing N N 296 
PHE OXT HXT  sing N N 297 
PRO N   CA   sing N N 298 
PRO N   CD   sing N N 299 
PRO N   H    sing N N 300 
PRO CA  C    sing N N 301 
PRO CA  CB   sing N N 302 
PRO CA  HA   sing N N 303 
PRO C   O    doub N N 304 
PRO C   OXT  sing N N 305 
PRO CB  CG   sing N N 306 
PRO CB  HB2  sing N N 307 
PRO CB  HB3  sing N N 308 
PRO CG  CD   sing N N 309 
PRO CG  HG2  sing N N 310 
PRO CG  HG3  sing N N 311 
PRO CD  HD2  sing N N 312 
PRO CD  HD3  sing N N 313 
PRO OXT HXT  sing N N 314 
SER N   CA   sing N N 315 
SER N   H    sing N N 316 
SER N   H2   sing N N 317 
SER CA  C    sing N N 318 
SER CA  CB   sing N N 319 
SER CA  HA   sing N N 320 
SER C   O    doub N N 321 
SER C   OXT  sing N N 322 
SER CB  OG   sing N N 323 
SER CB  HB2  sing N N 324 
SER CB  HB3  sing N N 325 
SER OG  HG   sing N N 326 
SER OXT HXT  sing N N 327 
THR N   CA   sing N N 328 
THR N   H    sing N N 329 
THR N   H2   sing N N 330 
THR CA  C    sing N N 331 
THR CA  CB   sing N N 332 
THR CA  HA   sing N N 333 
THR C   O    doub N N 334 
THR C   OXT  sing N N 335 
THR CB  OG1  sing N N 336 
THR CB  CG2  sing N N 337 
THR CB  HB   sing N N 338 
THR OG1 HG1  sing N N 339 
THR CG2 HG21 sing N N 340 
THR CG2 HG22 sing N N 341 
THR CG2 HG23 sing N N 342 
THR OXT HXT  sing N N 343 
TRP N   CA   sing N N 344 
TRP N   H    sing N N 345 
TRP N   H2   sing N N 346 
TRP CA  C    sing N N 347 
TRP CA  CB   sing N N 348 
TRP CA  HA   sing N N 349 
TRP C   O    doub N N 350 
TRP C   OXT  sing N N 351 
TRP CB  CG   sing N N 352 
TRP CB  HB2  sing N N 353 
TRP CB  HB3  sing N N 354 
TRP CG  CD1  doub Y N 355 
TRP CG  CD2  sing Y N 356 
TRP CD1 NE1  sing Y N 357 
TRP CD1 HD1  sing N N 358 
TRP CD2 CE2  doub Y N 359 
TRP CD2 CE3  sing Y N 360 
TRP NE1 CE2  sing Y N 361 
TRP NE1 HE1  sing N N 362 
TRP CE2 CZ2  sing Y N 363 
TRP CE3 CZ3  doub Y N 364 
TRP CE3 HE3  sing N N 365 
TRP CZ2 CH2  doub Y N 366 
TRP CZ2 HZ2  sing N N 367 
TRP CZ3 CH2  sing Y N 368 
TRP CZ3 HZ3  sing N N 369 
TRP CH2 HH2  sing N N 370 
TRP OXT HXT  sing N N 371 
TYR N   CA   sing N N 372 
TYR N   H    sing N N 373 
TYR N   H2   sing N N 374 
TYR CA  C    sing N N 375 
TYR CA  CB   sing N N 376 
TYR CA  HA   sing N N 377 
TYR C   O    doub N N 378 
TYR C   OXT  sing N N 379 
TYR CB  CG   sing N N 380 
TYR CB  HB2  sing N N 381 
TYR CB  HB3  sing N N 382 
TYR CG  CD1  doub Y N 383 
TYR CG  CD2  sing Y N 384 
TYR CD1 CE1  sing Y N 385 
TYR CD1 HD1  sing N N 386 
TYR CD2 CE2  doub Y N 387 
TYR CD2 HD2  sing N N 388 
TYR CE1 CZ   doub Y N 389 
TYR CE1 HE1  sing N N 390 
TYR CE2 CZ   sing Y N 391 
TYR CE2 HE2  sing N N 392 
TYR CZ  OH   sing N N 393 
TYR OH  HH   sing N N 394 
TYR OXT HXT  sing N N 395 
VAL N   CA   sing N N 396 
VAL N   H    sing N N 397 
VAL N   H2   sing N N 398 
VAL CA  C    sing N N 399 
VAL CA  CB   sing N N 400 
VAL CA  HA   sing N N 401 
VAL C   O    doub N N 402 
VAL C   OXT  sing N N 403 
VAL CB  CG1  sing N N 404 
VAL CB  CG2  sing N N 405 
VAL CB  HB   sing N N 406 
VAL CG1 HG11 sing N N 407 
VAL CG1 HG12 sing N N 408 
VAL CG1 HG13 sing N N 409 
VAL CG2 HG21 sing N N 410 
VAL CG2 HG22 sing N N 411 
VAL CG2 HG23 sing N N 412 
VAL OXT HXT  sing N N 413 
# 
_pdbx_audit_support.funding_organization   'Swiss National Science Foundation' 
_pdbx_audit_support.country                Switzerland 
_pdbx_audit_support.grant_number           31003A_169007 
_pdbx_audit_support.ordinal                1 
# 
_pdbx_entity_instance_feature.ordinal        1 
_pdbx_entity_instance_feature.comp_id        D9Q 
_pdbx_entity_instance_feature.asym_id        ? 
_pdbx_entity_instance_feature.seq_num        ? 
_pdbx_entity_instance_feature.auth_comp_id   D9Q 
_pdbx_entity_instance_feature.auth_asym_id   ? 
_pdbx_entity_instance_feature.auth_seq_num   ? 
_pdbx_entity_instance_feature.feature_type   'SUBJECT OF INVESTIGATION' 
_pdbx_entity_instance_feature.details        ? 
# 
_pdbx_initial_refinement_model.id               1 
_pdbx_initial_refinement_model.entity_id_list   ? 
_pdbx_initial_refinement_model.type             'experimental model' 
_pdbx_initial_refinement_model.source_name      PDB 
_pdbx_initial_refinement_model.accession_code   5DYU 
_pdbx_initial_refinement_model.details          ? 
# 
_atom_sites.entry_id                    6FGU 
_atom_sites.fract_transf_matrix[1][1]   -0.00215820 
_atom_sites.fract_transf_matrix[1][2]   0.00175304 
_atom_sites.fract_transf_matrix[1][3]   0.01177929 
_atom_sites.fract_transf_matrix[2][1]   -0.00374494 
_atom_sites.fract_transf_matrix[2][2]   0.00947217 
_atom_sites.fract_transf_matrix[2][3]   -0.00209584 
_atom_sites.fract_transf_matrix[3][1]   -0.01582976 
_atom_sites.fract_transf_matrix[3][2]   -0.00668025 
_atom_sites.fract_transf_matrix[3][3]   -0.00190614 
_atom_sites.fract_transf_vector[1]      -0.215515 
_atom_sites.fract_transf_vector[2]      -0.208614 
_atom_sites.fract_transf_vector[3]      -0.035678 
# 
loop_
_atom_type.symbol 
C 
N 
O 
S 
# 
loop_
_atom_site.group_PDB 
_atom_site.id 
_atom_site.type_symbol 
_atom_site.label_atom_id 
_atom_site.label_alt_id 
_atom_site.label_comp_id 
_atom_site.label_asym_id 
_atom_site.label_entity_id 
_atom_site.label_seq_id 
_atom_site.pdbx_PDB_ins_code 
_atom_site.Cartn_x 
_atom_site.Cartn_y 
_atom_site.Cartn_z 
_atom_site.occupancy 
_atom_site.B_iso_or_equiv 
_atom_site.pdbx_formal_charge 
_atom_site.auth_seq_id 
_atom_site.auth_comp_id 
_atom_site.auth_asym_id 
_atom_site.auth_atom_id 
_atom_site.pdbx_PDB_model_num 
ATOM   1    N N   . SER A 1 1   ? 7.195   -0.079  30.831  1.00 43.50 ? 1856 SER A N   1 
ATOM   2    C CA  . SER A 1 1   ? 8.015   1.036   31.294  1.00 41.68 ? 1856 SER A CA  1 
ATOM   3    C C   . SER A 1 1   ? 9.469   0.598   31.415  1.00 43.21 ? 1856 SER A C   1 
ATOM   4    O O   . SER A 1 1   ? 9.839   -0.465  30.910  1.00 43.38 ? 1856 SER A O   1 
ATOM   5    C CB  . SER A 1 1   ? 7.494   1.568   32.631  1.00 37.67 ? 1856 SER A CB  1 
ATOM   6    O OG  . SER A 1 1   ? 7.497   0.545   33.610  1.00 35.40 ? 1856 SER A OG  1 
ATOM   7    N N   . MET A 1 2   ? 10.283  1.409   32.098  1.00 42.28 ? 1857 MET A N   1 
ATOM   8    C CA  . MET A 1 2   ? 11.711  1.129   32.234  1.00 42.25 ? 1857 MET A CA  1 
ATOM   9    C C   . MET A 1 2   ? 11.943  -0.209  32.915  1.00 41.92 ? 1857 MET A C   1 
ATOM   10   O O   . MET A 1 2   ? 11.467  -0.440  34.032  1.00 45.50 ? 1857 MET A O   1 
ATOM   11   C CB  . MET A 1 2   ? 12.392  2.247   33.026  1.00 41.59 ? 1857 MET A CB  1 
ATOM   12   C CG  . MET A 1 2   ? 13.864  2.381   32.724  1.00 42.00 ? 1857 MET A CG  1 
ATOM   13   S SD  . MET A 1 2   ? 14.759  3.442   33.884  1.00 38.12 ? 1857 MET A SD  1 
ATOM   14   C CE  . MET A 1 2   ? 13.845  4.957   33.810  1.00 36.96 ? 1857 MET A CE  1 
ATOM   15   N N   . SER A 1 3   ? 12.677  -1.089  32.236  1.00 43.51 ? 1858 SER A N   1 
ATOM   16   C CA  . SER A 1 3   ? 12.964  -2.446  32.703  1.00 44.19 ? 1858 SER A CA  1 
ATOM   17   C C   . SER A 1 3   ? 11.699  -3.289  32.901  1.00 46.70 ? 1858 SER A C   1 
ATOM   18   O O   . SER A 1 3   ? 11.718  -4.264  33.660  1.00 48.82 ? 1858 SER A O   1 
ATOM   19   C CB  . SER A 1 3   ? 13.785  -2.430  33.995  1.00 45.69 ? 1858 SER A CB  1 
ATOM   20   O OG  . SER A 1 3   ? 14.909  -1.568  33.880  1.00 46.07 ? 1858 SER A OG  1 
ATOM   21   N N   . VAL A 1 4   ? 10.590  -2.938  32.258  1.00 45.04 ? 1859 VAL A N   1 
ATOM   22   C CA  . VAL A 1 4   ? 9.361   -3.734  32.317  1.00 46.36 ? 1859 VAL A CA  1 
ATOM   23   C C   . VAL A 1 4   ? 8.923   -3.953  30.877  1.00 46.31 ? 1859 VAL A C   1 
ATOM   24   O O   . VAL A 1 4   ? 8.370   -3.049  30.242  1.00 44.21 ? 1859 VAL A O   1 
ATOM   25   C CB  . VAL A 1 4   ? 8.256   -3.068  33.144  1.00 43.83 ? 1859 VAL A CB  1 
ATOM   26   C CG1 . VAL A 1 4   ? 6.974   -3.911  33.111  1.00 42.61 ? 1859 VAL A CG1 1 
ATOM   27   C CG2 . VAL A 1 4   ? 8.719   -2.899  34.572  1.00 43.06 ? 1859 VAL A CG2 1 
ATOM   28   N N   . LYS A 1 5   ? 9.160   -5.157  30.367  1.00 52.62 ? 1860 LYS A N   1 
ATOM   29   C CA  . LYS A 1 5   ? 9.066   -5.460  28.947  1.00 54.39 ? 1860 LYS A CA  1 
ATOM   30   C C   . LYS A 1 5   ? 7.773   -6.212  28.660  1.00 54.38 ? 1860 LYS A C   1 
ATOM   31   O O   . LYS A 1 5   ? 7.518   -7.269  29.247  1.00 51.93 ? 1860 LYS A O   1 
ATOM   32   C CB  . LYS A 1 5   ? 10.280  -6.282  28.510  1.00 61.19 ? 1860 LYS A CB  1 
ATOM   33   C CG  . LYS A 1 5   ? 10.326  -6.633  27.032  1.00 70.06 ? 1860 LYS A CG  1 
ATOM   34   C CD  . LYS A 1 5   ? 11.742  -7.042  26.624  1.00 77.79 ? 1860 LYS A CD  1 
ATOM   35   C CE  . LYS A 1 5   ? 11.820  -7.378  25.141  1.00 87.64 ? 1860 LYS A CE  1 
ATOM   36   N NZ  . LYS A 1 5   ? 13.196  -7.779  24.733  1.00 92.72 ? 1860 LYS A NZ  1 
ATOM   37   N N   . LYS A 1 6   ? 6.958   -5.652  27.777  1.00 56.94 ? 1861 LYS A N   1 
ATOM   38   C CA  . LYS A 1 6   ? 5.804   -6.360  27.256  1.00 55.46 ? 1861 LYS A CA  1 
ATOM   39   C C   . LYS A 1 6   ? 6.272   -7.414  26.255  1.00 59.85 ? 1861 LYS A C   1 
ATOM   40   O O   . LYS A 1 6   ? 7.190   -7.157  25.473  1.00 63.28 ? 1861 LYS A O   1 
ATOM   41   C CB  . LYS A 1 6   ? 4.862   -5.367  26.577  1.00 57.36 ? 1861 LYS A CB  1 
ATOM   42   C CG  . LYS A 1 6   ? 3.511   -5.907  26.126  1.00 55.98 ? 1861 LYS A CG  1 
ATOM   43   C CD  . LYS A 1 6   ? 2.776   -4.815  25.339  1.00 60.51 ? 1861 LYS A CD  1 
ATOM   44   C CE  . LYS A 1 6   ? 1.261   -4.947  25.413  1.00 61.76 ? 1861 LYS A CE  1 
ATOM   45   N NZ  . LYS A 1 6   ? 0.760   -6.254  24.893  1.00 70.76 ? 1861 LYS A NZ  1 
ATOM   46   N N   . PRO A 1 7   ? 5.686   -8.607  26.266  1.00 60.87 ? 1862 PRO A N   1 
ATOM   47   C CA  . PRO A 1 7   ? 6.044   -9.588  25.239  1.00 63.82 ? 1862 PRO A CA  1 
ATOM   48   C C   . PRO A 1 7   ? 5.701   -9.051  23.860  1.00 61.21 ? 1862 PRO A C   1 
ATOM   49   O O   . PRO A 1 7   ? 4.691   -8.373  23.666  1.00 58.42 ? 1862 PRO A O   1 
ATOM   50   C CB  . PRO A 1 7   ? 5.204   -10.813 25.610  1.00 62.62 ? 1862 PRO A CB  1 
ATOM   51   C CG  . PRO A 1 7   ? 4.975   -10.663 27.077  1.00 60.45 ? 1862 PRO A CG  1 
ATOM   52   C CD  . PRO A 1 7   ? 4.784   -9.183  27.272  1.00 59.12 ? 1862 PRO A CD  1 
ATOM   53   N N   . LYS A 1 8   ? 6.585   -9.328  22.908  1.00 64.34 ? 1863 LYS A N   1 
ATOM   54   C CA  . LYS A 1 8   ? 6.533   -8.745  21.577  1.00 66.05 ? 1863 LYS A CA  1 
ATOM   55   C C   . LYS A 1 8   ? 6.373   -9.848  20.545  1.00 61.15 ? 1863 LYS A C   1 
ATOM   56   O O   . LYS A 1 8   ? 7.001   -10.905 20.654  1.00 60.50 ? 1863 LYS A O   1 
ATOM   57   C CB  . LYS A 1 8   ? 7.810   -7.937  21.276  1.00 69.36 ? 1863 LYS A CB  1 
ATOM   58   C CG  . LYS A 1 8   ? 8.020   -6.737  22.191  1.00 73.88 ? 1863 LYS A CG  1 
ATOM   59   C CD  . LYS A 1 8   ? 6.801   -5.825  22.143  1.00 73.21 ? 1863 LYS A CD  1 
ATOM   60   C CE  . LYS A 1 8   ? 6.904   -4.663  23.118  1.00 72.20 ? 1863 LYS A CE  1 
ATOM   61   N NZ  . LYS A 1 8   ? 5.678   -3.812  23.039  1.00 72.50 ? 1863 LYS A NZ  1 
ATOM   62   N N   . ARG A 1 9   ? 5.537   -9.600  19.541  1.00 58.81 ? 1864 ARG A N   1 
ATOM   63   C CA  . ARG A 1 9   ? 5.390   -10.559 18.459  1.00 55.97 ? 1864 ARG A CA  1 
ATOM   64   C C   . ARG A 1 9   ? 6.706   -10.711 17.700  1.00 57.27 ? 1864 ARG A C   1 
ATOM   65   O O   . ARG A 1 9   ? 7.514   -9.783  17.613  1.00 57.72 ? 1864 ARG A O   1 
ATOM   66   C CB  . ARG A 1 9   ? 4.270   -10.133 17.503  1.00 54.79 ? 1864 ARG A CB  1 
ATOM   67   C CG  . ARG A 1 9   ? 4.448   -8.760  16.863  1.00 52.70 ? 1864 ARG A CG  1 
ATOM   68   C CD  . ARG A 1 9   ? 3.329   -8.473  15.852  1.00 56.79 ? 1864 ARG A CD  1 
ATOM   69   N NE  . ARG A 1 9   ? 3.387   -9.368  14.696  1.00 54.21 ? 1864 ARG A NE  1 
ATOM   70   C CZ  . ARG A 1 9   ? 4.250   -9.226  13.690  1.00 53.89 ? 1864 ARG A CZ  1 
ATOM   71   N NH1 . ARG A 1 9   ? 4.252   -10.085 12.679  1.00 49.60 ? 1864 ARG A NH1 1 
ATOM   72   N NH2 . ARG A 1 9   ? 5.124   -8.226  13.700  1.00 50.21 ? 1864 ARG A NH2 1 
ATOM   73   N N   . ASP A 1 10  ? 6.923   -11.913 17.174  1.00 53.60 ? 1865 ASP A N   1 
ATOM   74   C CA  . ASP A 1 10  ? 8.078   -12.218 16.338  1.00 53.73 ? 1865 ASP A CA  1 
ATOM   75   C C   . ASP A 1 10  ? 7.939   -11.475 15.013  1.00 53.34 ? 1865 ASP A C   1 
ATOM   76   O O   . ASP A 1 10  ? 7.045   -11.777 14.215  1.00 47.49 ? 1865 ASP A O   1 
ATOM   77   C CB  . ASP A 1 10  ? 8.153   -13.730 16.136  1.00 55.16 ? 1865 ASP A CB  1 
ATOM   78   C CG  . ASP A 1 10  ? 9.287   -14.159 15.226  1.00 56.42 ? 1865 ASP A CG  1 
ATOM   79   O OD1 . ASP A 1 10  ? 10.183  -13.339 14.943  1.00 53.42 ? 1865 ASP A OD1 1 
ATOM   80   O OD2 . ASP A 1 10  ? 9.267   -15.334 14.789  1.00 59.10 ? 1865 ASP A OD2 1 
ATOM   81   N N   . ASP A 1 11  ? 8.810   -10.496 14.772  1.00 51.33 ? 1866 ASP A N   1 
ATOM   82   C CA  . ASP A 1 11  ? 8.713   -9.673  13.573  1.00 48.97 ? 1866 ASP A CA  1 
ATOM   83   C C   . ASP A 1 11  ? 9.726   -10.065 12.509  1.00 46.06 ? 1866 ASP A C   1 
ATOM   84   O O   . ASP A 1 11  ? 9.923   -9.317  11.547  1.00 45.34 ? 1866 ASP A O   1 
ATOM   85   C CB  . ASP A 1 11  ? 8.865   -8.188  13.929  1.00 46.56 ? 1866 ASP A CB  1 
ATOM   86   C CG  . ASP A 1 11  ? 10.266  -7.831  14.442  1.00 53.48 ? 1866 ASP A CG  1 
ATOM   87   O OD1 . ASP A 1 11  ? 11.103  -8.734  14.637  1.00 53.46 ? 1866 ASP A OD1 1 
ATOM   88   O OD2 . ASP A 1 11  ? 10.529  -6.628  14.654  1.00 49.84 ? 1866 ASP A OD2 1 
ATOM   89   N N   . SER A 1 12  ? 10.364  -11.226 12.651  1.00 45.66 ? 1867 SER A N   1 
ATOM   90   C CA  . SER A 1 12  ? 11.514  -11.556 11.818  1.00 46.00 ? 1867 SER A CA  1 
ATOM   91   C C   . SER A 1 12  ? 11.128  -11.958 10.401  1.00 44.97 ? 1867 SER A C   1 
ATOM   92   O O   . SER A 1 12  ? 11.989  -11.946 9.517   1.00 44.10 ? 1867 SER A O   1 
ATOM   93   C CB  . SER A 1 12  ? 12.333  -12.676 12.470  1.00 45.76 ? 1867 SER A CB  1 
ATOM   94   O OG  . SER A 1 12  ? 11.534  -13.820 12.731  1.00 49.34 ? 1867 SER A OG  1 
ATOM   95   N N   . LYS A 1 13  ? 9.869   -12.314 10.160  1.00 42.77 ? 1868 LYS A N   1 
ATOM   96   C CA  . LYS A 1 13  ? 9.407   -12.668 8.825   1.00 40.92 ? 1868 LYS A CA  1 
ATOM   97   C C   . LYS A 1 13  ? 8.680   -11.522 8.135   1.00 42.14 ? 1868 LYS A C   1 
ATOM   98   O O   . LYS A 1 13  ? 8.225   -11.689 7.001   1.00 41.49 ? 1868 LYS A O   1 
ATOM   99   C CB  . LYS A 1 13  ? 8.484   -13.897 8.890   1.00 45.30 ? 1868 LYS A CB  1 
ATOM   100  C CG  . LYS A 1 13  ? 9.175   -15.208 9.290   1.00 49.89 ? 1868 LYS A CG  1 
ATOM   101  C CD  . LYS A 1 13  ? 10.378  -15.486 8.392   1.00 57.31 ? 1868 LYS A CD  1 
ATOM   102  C CE  . LYS A 1 13  ? 11.221  -16.648 8.910   1.00 63.78 ? 1868 LYS A CE  1 
ATOM   103  N NZ  . LYS A 1 13  ? 12.465  -16.832 8.104   1.00 67.95 ? 1868 LYS A NZ  1 
ATOM   104  N N   . ASP A 1 14  ? 8.565   -10.367 8.794   1.00 42.50 ? 1869 ASP A N   1 
ATOM   105  C CA  . ASP A 1 14  ? 7.700   -9.298  8.302   1.00 41.74 ? 1869 ASP A CA  1 
ATOM   106  C C   . ASP A 1 14  ? 8.116   -8.827  6.916   1.00 39.46 ? 1869 ASP A C   1 
ATOM   107  O O   . ASP A 1 14  ? 7.274   -8.676  6.022   1.00 40.60 ? 1869 ASP A O   1 
ATOM   108  C CB  . ASP A 1 14  ? 7.704   -8.140  9.295   1.00 38.95 ? 1869 ASP A CB  1 
ATOM   109  C CG  . ASP A 1 14  ? 6.879   -8.441  10.523  1.00 43.58 ? 1869 ASP A CG  1 
ATOM   110  O OD1 . ASP A 1 14  ? 6.258   -9.522  10.567  1.00 45.62 ? 1869 ASP A OD1 1 
ATOM   111  O OD2 . ASP A 1 14  ? 6.832   -7.599  11.437  1.00 45.12 ? 1869 ASP A OD2 1 
ATOM   112  N N   . LEU A 1 15  ? 9.416   -8.610  6.713   1.00 38.22 ? 1870 LEU A N   1 
ATOM   113  C CA  . LEU A 1 15  ? 9.893   -8.090  5.437   1.00 41.06 ? 1870 LEU A CA  1 
ATOM   114  C C   . LEU A 1 15  ? 9.520   -9.019  4.295   1.00 38.45 ? 1870 LEU A C   1 
ATOM   115  O O   . LEU A 1 15  ? 9.004   -8.578  3.262   1.00 40.17 ? 1870 LEU A O   1 
ATOM   116  C CB  . LEU A 1 15  ? 11.411  -7.882  5.484   1.00 39.25 ? 1870 LEU A CB  1 
ATOM   117  C CG  . LEU A 1 15  ? 12.077  -7.431  4.176   1.00 41.37 ? 1870 LEU A CG  1 
ATOM   118  C CD1 . LEU A 1 15  ? 11.578  -6.066  3.749   1.00 38.76 ? 1870 LEU A CD1 1 
ATOM   119  C CD2 . LEU A 1 15  ? 13.607  -7.427  4.307   1.00 39.60 ? 1870 LEU A CD2 1 
ATOM   120  N N   . ALA A 1 16  ? 9.771   -10.316 4.467   1.00 39.13 ? 1871 ALA A N   1 
ATOM   121  C CA  . ALA A 1 16  ? 9.454   -11.282 3.420   1.00 38.41 ? 1871 ALA A CA  1 
ATOM   122  C C   . ALA A 1 16  ? 7.951   -11.431 3.216   1.00 37.26 ? 1871 ALA A C   1 
ATOM   123  O O   . ALA A 1 16  ? 7.508   -11.688 2.093   1.00 37.43 ? 1871 ALA A O   1 
ATOM   124  C CB  . ALA A 1 16  ? 10.085  -12.641 3.748   1.00 35.82 ? 1871 ALA A CB  1 
ATOM   125  N N   . LEU A 1 17  ? 7.153   -11.278 4.276   1.00 34.38 ? 1872 LEU A N   1 
ATOM   126  C CA  . LEU A 1 17  ? 5.702   -11.384 4.120   1.00 38.37 ? 1872 LEU A CA  1 
ATOM   127  C C   . LEU A 1 17  ? 5.118   -10.139 3.447   1.00 38.07 ? 1872 LEU A C   1 
ATOM   128  O O   . LEU A 1 17  ? 4.234   -10.247 2.593   1.00 36.01 ? 1872 LEU A O   1 
ATOM   129  C CB  . LEU A 1 17  ? 5.039   -11.629 5.476   1.00 38.59 ? 1872 LEU A CB  1 
ATOM   130  C CG  . LEU A 1 17  ? 5.310   -12.996 6.121   1.00 42.62 ? 1872 LEU A CG  1 
ATOM   131  C CD1 . LEU A 1 17  ? 4.926   -12.993 7.593   1.00 42.84 ? 1872 LEU A CD1 1 
ATOM   132  C CD2 . LEU A 1 17  ? 4.548   -14.085 5.386   1.00 42.33 ? 1872 LEU A CD2 1 
ATOM   133  N N   . CYS A 1 18  ? 5.599   -8.949  3.808   1.00 33.70 ? 1873 CYS A N   1 
ATOM   134  C CA  . CYS A 1 18  ? 5.144   -7.746  3.106   1.00 34.61 ? 1873 CYS A CA  1 
ATOM   135  C C   . CYS A 1 18  ? 5.554   -7.767  1.638   1.00 36.22 ? 1873 CYS A C   1 
ATOM   136  O O   . CYS A 1 18  ? 4.823   -7.261  0.781   1.00 36.10 ? 1873 CYS A O   1 
ATOM   137  C CB  . CYS A 1 18  ? 5.696   -6.496  3.776   1.00 37.24 ? 1873 CYS A CB  1 
ATOM   138  S SG  . CYS A 1 18  ? 4.979   -6.140  5.367   1.00 33.69 ? 1873 CYS A SG  1 
ATOM   139  N N   . SER A 1 19  ? 6.710   -8.359  1.329   1.00 36.08 ? 1874 SER A N   1 
ATOM   140  C CA  . SER A 1 19  ? 7.109   -8.493  -0.067  1.00 35.02 ? 1874 SER A CA  1 
ATOM   141  C C   . SER A 1 19  ? 6.192   -9.452  -0.818  1.00 37.86 ? 1874 SER A C   1 
ATOM   142  O O   . SER A 1 19  ? 5.884   -9.228  -1.997  1.00 37.69 ? 1874 SER A O   1 
ATOM   143  C CB  . SER A 1 19  ? 8.566   -8.958  -0.153  1.00 37.39 ? 1874 SER A CB  1 
ATOM   144  O OG  . SER A 1 19  ? 8.967   -9.084  -1.505  1.00 37.84 ? 1874 SER A OG  1 
ATOM   145  N N   . MET A 1 20  ? 5.748   -10.527 -0.159  1.00 37.80 ? 1875 MET A N   1 
ATOM   146  C CA  . MET A 1 20  ? 4.875   -11.480 -0.831  1.00 40.02 ? 1875 MET A CA  1 
ATOM   147  C C   . MET A 1 20  ? 3.508   -10.867 -1.097  1.00 37.75 ? 1875 MET A C   1 
ATOM   148  O O   . MET A 1 20  ? 2.946   -11.044 -2.181  1.00 37.16 ? 1875 MET A O   1 
ATOM   149  C CB  . MET A 1 20  ? 4.752   -12.762 -0.006  1.00 41.22 ? 1875 MET A CB  1 
ATOM   150  C CG  . MET A 1 20  ? 6.010   -13.637 -0.079  1.00 51.63 ? 1875 MET A CG  1 
ATOM   151  S SD  . MET A 1 20  ? 6.011   -15.141 0.925   1.00 80.24 ? 1875 MET A SD  1 
ATOM   152  C CE  . MET A 1 20  ? 4.662   -16.069 0.190   1.00 66.60 ? 1875 MET A CE  1 
ATOM   153  N N   . ILE A 1 21  ? 2.973   -10.140 -0.116  1.00 35.79 ? 1876 ILE A N   1 
ATOM   154  C CA  . ILE A 1 21  ? 1.715   -9.422  -0.291  1.00 36.96 ? 1876 ILE A CA  1 
ATOM   155  C C   . ILE A 1 21  ? 1.824   -8.413  -1.430  1.00 37.40 ? 1876 ILE A C   1 
ATOM   156  O O   . ILE A 1 21  ? 0.954   -8.348  -2.310  1.00 36.34 ? 1876 ILE A O   1 
ATOM   157  C CB  . ILE A 1 21  ? 1.314   -8.746  1.031   1.00 36.56 ? 1876 ILE A CB  1 
ATOM   158  C CG1 . ILE A 1 21  ? 1.067   -9.819  2.093   1.00 37.98 ? 1876 ILE A CG1 1 
ATOM   159  C CG2 . ILE A 1 21  ? 0.089   -7.893  0.839   1.00 33.36 ? 1876 ILE A CG2 1 
ATOM   160  C CD1 . ILE A 1 21  ? 0.680   -9.266  3.444   1.00 39.07 ? 1876 ILE A CD1 1 
ATOM   161  N N   . LEU A 1 22  ? 2.904   -7.624  -1.440  1.00 34.61 ? 1877 LEU A N   1 
ATOM   162  C CA  . LEU A 1 22  ? 3.067   -6.611  -2.478  1.00 32.98 ? 1877 LEU A CA  1 
ATOM   163  C C   . LEU A 1 22  ? 3.132   -7.245  -3.857  1.00 33.84 ? 1877 LEU A C   1 
ATOM   164  O O   . LEU A 1 22  ? 2.564   -6.715  -4.818  1.00 35.00 ? 1877 LEU A O   1 
ATOM   165  C CB  . LEU A 1 22  ? 4.325   -5.772  -2.213  1.00 31.86 ? 1877 LEU A CB  1 
ATOM   166  C CG  . LEU A 1 22  ? 4.563   -4.577  -3.137  1.00 32.84 ? 1877 LEU A CG  1 
ATOM   167  C CD1 . LEU A 1 22  ? 3.366   -3.615  -3.136  1.00 29.37 ? 1877 LEU A CD1 1 
ATOM   168  C CD2 . LEU A 1 22  ? 5.855   -3.847  -2.707  1.00 26.28 ? 1877 LEU A CD2 1 
ATOM   169  N N   . THR A 1 23  ? 3.825   -8.382  -3.973  1.00 32.20 ? 1878 THR A N   1 
ATOM   170  C CA  . THR A 1 23  ? 3.873   -9.115  -5.237  1.00 33.33 ? 1878 THR A CA  1 
ATOM   171  C C   . THR A 1 23  ? 2.475   -9.496  -5.716  1.00 36.42 ? 1878 THR A C   1 
ATOM   172  O O   . THR A 1 23  ? 2.158   -9.390  -6.908  1.00 38.01 ? 1878 THR A O   1 
ATOM   173  C CB  . THR A 1 23  ? 4.726   -10.375 -5.070  1.00 40.30 ? 1878 THR A CB  1 
ATOM   174  O OG1 . THR A 1 23  ? 6.096   -10.016 -4.841  1.00 37.28 ? 1878 THR A OG1 1 
ATOM   175  C CG2 . THR A 1 23  ? 4.629   -11.263 -6.302  1.00 41.44 ? 1878 THR A CG2 1 
ATOM   176  N N   . GLU A 1 24  ? 1.628   -9.961  -4.806  1.00 36.61 ? 1879 GLU A N   1 
ATOM   177  C CA  . GLU A 1 24  ? 0.285   -10.360 -5.219  1.00 38.97 ? 1879 GLU A CA  1 
ATOM   178  C C   . GLU A 1 24  ? -0.567  -9.156  -5.604  1.00 38.46 ? 1879 GLU A C   1 
ATOM   179  O O   . GLU A 1 24  ? -1.464  -9.278  -6.448  1.00 39.84 ? 1879 GLU A O   1 
ATOM   180  C CB  . GLU A 1 24  ? -0.372  -11.171 -4.114  1.00 40.91 ? 1879 GLU A CB  1 
ATOM   181  C CG  . GLU A 1 24  ? 0.115   -12.617 -4.121  1.00 48.29 ? 1879 GLU A CG  1 
ATOM   182  C CD  . GLU A 1 24  ? -0.612  -13.467 -3.133  1.00 56.57 ? 1879 GLU A CD  1 
ATOM   183  O OE1 . GLU A 1 24  ? -0.498  -13.176 -1.923  1.00 54.71 ? 1879 GLU A OE1 1 
ATOM   184  O OE2 . GLU A 1 24  ? -1.314  -14.411 -3.565  1.00 67.57 ? 1879 GLU A OE2 1 
ATOM   185  N N   . MET A 1 25  ? -0.317  -7.997  -4.996  1.00 36.69 ? 1880 MET A N   1 
ATOM   186  C CA  A MET A 1 25  ? -0.982  -6.767  -5.424  0.59 37.51 ? 1880 MET A CA  1 
ATOM   187  C CA  B MET A 1 25  ? -1.015  -6.800  -5.440  0.41 37.35 ? 1880 MET A CA  1 
ATOM   188  C C   . MET A 1 25  ? -0.548  -6.386  -6.830  1.00 38.06 ? 1880 MET A C   1 
ATOM   189  O O   . MET A 1 25  ? -1.371  -6.088  -7.697  1.00 36.37 ? 1880 MET A O   1 
ATOM   190  C CB  A MET A 1 25  ? -0.647  -5.630  -4.457  0.59 36.93 ? 1880 MET A CB  1 
ATOM   191  C CB  B MET A 1 25  ? -0.823  -5.678  -4.423  0.41 36.94 ? 1880 MET A CB  1 
ATOM   192  C CG  A MET A 1 25  ? -0.903  -5.958  -3.021  0.59 36.85 ? 1880 MET A CG  1 
ATOM   193  C CG  B MET A 1 25  ? -1.369  -6.045  -3.059  0.41 36.81 ? 1880 MET A CG  1 
ATOM   194  S SD  A MET A 1 25  ? -2.662  -5.926  -2.726  0.59 35.18 ? 1880 MET A SD  1 
ATOM   195  S SD  B MET A 1 25  ? -1.366  -4.678  -1.902  0.41 39.32 ? 1880 MET A SD  1 
ATOM   196  C CE  A MET A 1 25  ? -2.895  -4.157  -2.663  0.59 38.35 ? 1880 MET A CE  1 
ATOM   197  C CE  B MET A 1 25  ? -2.384  -3.522  -2.782  0.41 37.44 ? 1880 MET A CE  1 
ATOM   198  N N   . GLU A 1 26  ? 0.771   -6.383  -7.056  1.00 37.69 ? 1881 GLU A N   1 
ATOM   199  C CA  . GLU A 1 26  ? 1.332   -6.031  -8.358  1.00 37.36 ? 1881 GLU A CA  1 
ATOM   200  C C   . GLU A 1 26  ? 0.797   -6.924  -9.472  1.00 39.98 ? 1881 GLU A C   1 
ATOM   201  O O   . GLU A 1 26  ? 0.665   -6.471  -10.613 1.00 41.95 ? 1881 GLU A O   1 
ATOM   202  C CB  . GLU A 1 26  ? 2.859   -6.127  -8.298  1.00 36.85 ? 1881 GLU A CB  1 
ATOM   203  C CG  . GLU A 1 26  ? 3.510   -5.110  -7.368  1.00 38.08 ? 1881 GLU A CG  1 
ATOM   204  C CD  . GLU A 1 26  ? 4.989   -5.404  -7.070  1.00 40.51 ? 1881 GLU A CD  1 
ATOM   205  O OE1 . GLU A 1 26  ? 5.404   -6.585  -7.031  1.00 39.62 ? 1881 GLU A OE1 1 
ATOM   206  O OE2 . GLU A 1 26  ? 5.750   -4.440  -6.849  1.00 40.48 ? 1881 GLU A OE2 1 
ATOM   207  N N   . THR A 1 27  ? 0.510   -8.191  -9.175  1.00 39.64 ? 1882 THR A N   1 
ATOM   208  C CA  . THR A 1 27  ? 0.045   -9.133  -10.190 1.00 44.24 ? 1882 THR A CA  1 
ATOM   209  C C   . THR A 1 27  ? -1.481  -9.214  -10.280 1.00 41.82 ? 1882 THR A C   1 
ATOM   210  O O   . THR A 1 27  ? -2.003  -9.970  -11.104 1.00 46.61 ? 1882 THR A O   1 
ATOM   211  C CB  . THR A 1 27  ? 0.635   -10.528 -9.925  1.00 42.73 ? 1882 THR A CB  1 
ATOM   212  O OG1 . THR A 1 27  ? 0.189   -11.021 -8.659  1.00 44.50 ? 1882 THR A OG1 1 
ATOM   213  C CG2 . THR A 1 27  ? 2.148   -10.459 -9.912  1.00 39.05 ? 1882 THR A CG2 1 
ATOM   214  N N   . HIS A 1 28  ? -2.199  -8.446  -9.470  1.00 40.56 ? 1883 HIS A N   1 
ATOM   215  C CA  . HIS A 1 28  ? -3.655  -8.409  -9.543  1.00 39.44 ? 1883 HIS A CA  1 
ATOM   216  C C   . HIS A 1 28  ? -4.122  -7.722  -10.823 1.00 41.22 ? 1883 HIS A C   1 
ATOM   217  O O   . HIS A 1 28  ? -3.543  -6.726  -11.264 1.00 40.38 ? 1883 HIS A O   1 
ATOM   218  C CB  . HIS A 1 28  ? -4.196  -7.681  -8.316  1.00 38.70 ? 1883 HIS A CB  1 
ATOM   219  C CG  . HIS A 1 28  ? -5.678  -7.781  -8.136  1.00 40.87 ? 1883 HIS A CG  1 
ATOM   220  N ND1 . HIS A 1 28  ? -6.574  -7.232  -9.028  1.00 41.01 ? 1883 HIS A ND1 1 
ATOM   221  C CD2 . HIS A 1 28  ? -6.421  -8.314  -7.137  1.00 37.74 ? 1883 HIS A CD2 1 
ATOM   222  C CE1 . HIS A 1 28  ? -7.805  -7.442  -8.595  1.00 40.25 ? 1883 HIS A CE1 1 
ATOM   223  N NE2 . HIS A 1 28  ? -7.740  -8.089  -7.447  1.00 40.23 ? 1883 HIS A NE2 1 
ATOM   224  N N   . GLU A 1 29  ? -5.194  -8.255  -11.414 1.00 44.53 ? 1884 GLU A N   1 
ATOM   225  C CA  . GLU A 1 29  ? -5.697  -7.734  -12.685 1.00 40.10 ? 1884 GLU A CA  1 
ATOM   226  C C   . GLU A 1 29  ? -6.040  -6.250  -12.612 1.00 38.22 ? 1884 GLU A C   1 
ATOM   227  O O   . GLU A 1 29  ? -5.885  -5.523  -13.603 1.00 39.80 ? 1884 GLU A O   1 
ATOM   228  C CB  . GLU A 1 29  ? -6.930  -8.550  -13.112 1.00 45.19 ? 1884 GLU A CB  1 
ATOM   229  C CG  . GLU A 1 29  ? -7.433  -8.234  -14.506 1.00 47.46 ? 1884 GLU A CG  1 
ATOM   230  C CD  . GLU A 1 29  ? -8.898  -8.560  -14.703 1.00 49.80 ? 1884 GLU A CD  1 
ATOM   231  O OE1 . GLU A 1 29  ? -9.402  -9.502  -14.055 1.00 47.03 ? 1884 GLU A OE1 1 
ATOM   232  O OE2 . GLU A 1 29  ? -9.549  -7.847  -15.500 1.00 48.22 ? 1884 GLU A OE2 1 
ATOM   233  N N   . ASP A 1 30  ? -6.499  -5.772  -11.461 1.00 36.89 ? 1885 ASP A N   1 
ATOM   234  C CA  . ASP A 1 30  ? -6.881  -4.374  -11.317 1.00 36.65 ? 1885 ASP A CA  1 
ATOM   235  C C   . ASP A 1 30  ? -5.753  -3.497  -10.758 1.00 38.88 ? 1885 ASP A C   1 
ATOM   236  O O   . ASP A 1 30  ? -6.027  -2.395  -10.265 1.00 35.22 ? 1885 ASP A O   1 
ATOM   237  C CB  . ASP A 1 30  ? -8.123  -4.252  -10.434 1.00 34.35 ? 1885 ASP A CB  1 
ATOM   238  C CG  . ASP A 1 30  ? -9.353  -4.947  -11.031 1.00 42.21 ? 1885 ASP A CG  1 
ATOM   239  O OD1 . ASP A 1 30  ? -9.374  -5.247  -12.246 1.00 40.90 ? 1885 ASP A OD1 1 
ATOM   240  O OD2 . ASP A 1 30  ? -10.303 -5.191  -10.261 1.00 38.31 ? 1885 ASP A OD2 1 
ATOM   241  N N   . ALA A 1 31  ? -4.495  -3.949  -10.835 1.00 35.28 ? 1886 ALA A N   1 
ATOM   242  C CA  . ALA A 1 31  ? -3.384  -3.139  -10.332 1.00 36.05 ? 1886 ALA A CA  1 
ATOM   243  C C   . ALA A 1 31  ? -2.937  -2.048  -11.304 1.00 36.64 ? 1886 ALA A C   1 
ATOM   244  O O   . ALA A 1 31  ? -2.191  -1.149  -10.898 1.00 37.86 ? 1886 ALA A O   1 
ATOM   245  C CB  . ALA A 1 31  ? -2.179  -4.027  -9.999  1.00 34.31 ? 1886 ALA A CB  1 
ATOM   246  N N   . TRP A 1 32  ? -3.374  -2.096  -12.562 1.00 39.15 ? 1887 TRP A N   1 
ATOM   247  C CA  . TRP A 1 32  ? -2.800  -1.219  -13.581 1.00 39.00 ? 1887 TRP A CA  1 
ATOM   248  C C   . TRP A 1 32  ? -2.846  0.278   -13.270 1.00 38.29 ? 1887 TRP A C   1 
ATOM   249  O O   . TRP A 1 32  ? -1.950  0.990   -13.754 1.00 41.81 ? 1887 TRP A O   1 
ATOM   250  C CB  . TRP A 1 32  ? -3.475  -1.494  -14.935 1.00 42.93 ? 1887 TRP A CB  1 
ATOM   251  C CG  . TRP A 1 32  ? -4.957  -1.311  -14.931 1.00 40.90 ? 1887 TRP A CG  1 
ATOM   252  C CD1 . TRP A 1 32  ? -5.899  -2.274  -14.705 1.00 44.19 ? 1887 TRP A CD1 1 
ATOM   253  C CD2 . TRP A 1 32  ? -5.676  -0.096  -15.178 1.00 44.05 ? 1887 TRP A CD2 1 
ATOM   254  N NE1 . TRP A 1 32  ? -7.162  -1.729  -14.781 1.00 41.60 ? 1887 TRP A NE1 1 
ATOM   255  C CE2 . TRP A 1 32  ? -7.052  -0.396  -15.077 1.00 45.05 ? 1887 TRP A CE2 1 
ATOM   256  C CE3 . TRP A 1 32  ? -5.292  1.219   -15.466 1.00 42.52 ? 1887 TRP A CE3 1 
ATOM   257  C CZ2 . TRP A 1 32  ? -8.046  0.571   -15.254 1.00 44.20 ? 1887 TRP A CZ2 1 
ATOM   258  C CZ3 . TRP A 1 32  ? -6.282  2.181   -15.639 1.00 43.61 ? 1887 TRP A CZ3 1 
ATOM   259  C CH2 . TRP A 1 32  ? -7.641  1.850   -15.533 1.00 43.89 ? 1887 TRP A CH2 1 
ATOM   260  N N   . PRO A 1 33  ? -3.809  0.829   -12.516 1.00 38.77 ? 1888 PRO A N   1 
ATOM   261  C CA  . PRO A 1 33  ? -3.725  2.265   -12.212 1.00 36.32 ? 1888 PRO A CA  1 
ATOM   262  C C   . PRO A 1 33  ? -2.670  2.603   -11.176 1.00 35.66 ? 1888 PRO A C   1 
ATOM   263  O O   . PRO A 1 33  ? -2.375  3.790   -10.992 1.00 33.32 ? 1888 PRO A O   1 
ATOM   264  C CB  . PRO A 1 33  ? -5.128  2.611   -11.684 1.00 38.61 ? 1888 PRO A CB  1 
ATOM   265  C CG  . PRO A 1 33  ? -5.995  1.452   -12.025 1.00 35.48 ? 1888 PRO A CG  1 
ATOM   266  C CD  . PRO A 1 33  ? -5.071  0.269   -11.999 1.00 36.30 ? 1888 PRO A CD  1 
ATOM   267  N N   . PHE A 1 34  ? -2.117  1.606   -10.488 1.00 35.50 ? 1889 PHE A N   1 
ATOM   268  C CA  . PHE A 1 34  ? -1.321  1.825   -9.289  1.00 37.61 ? 1889 PHE A CA  1 
ATOM   269  C C   . PHE A 1 34  ? 0.113   1.345   -9.424  1.00 33.86 ? 1889 PHE A C   1 
ATOM   270  O O   . PHE A 1 34  ? 0.874   1.422   -8.453  1.00 36.25 ? 1889 PHE A O   1 
ATOM   271  C CB  . PHE A 1 34  ? -1.996  1.133   -8.099  1.00 33.69 ? 1889 PHE A CB  1 
ATOM   272  C CG  . PHE A 1 34  ? -3.479  1.406   -8.023  1.00 35.42 ? 1889 PHE A CG  1 
ATOM   273  C CD1 . PHE A 1 34  ? -3.949  2.655   -7.657  1.00 35.47 ? 1889 PHE A CD1 1 
ATOM   274  C CD2 . PHE A 1 34  ? -4.398  0.421   -8.350  1.00 36.04 ? 1889 PHE A CD2 1 
ATOM   275  C CE1 . PHE A 1 34  ? -5.310  2.919   -7.611  1.00 33.87 ? 1889 PHE A CE1 1 
ATOM   276  C CE2 . PHE A 1 34  ? -5.761  0.679   -8.308  1.00 37.11 ? 1889 PHE A CE2 1 
ATOM   277  C CZ  . PHE A 1 34  ? -6.219  1.917   -7.931  1.00 32.37 ? 1889 PHE A CZ  1 
ATOM   278  N N   . LEU A 1 35  ? 0.501   0.852   -10.596 1.00 34.79 ? 1890 LEU A N   1 
ATOM   279  C CA  . LEU A 1 35  ? 1.809   0.240   -10.752 1.00 36.16 ? 1890 LEU A CA  1 
ATOM   280  C C   . LEU A 1 35  ? 2.914   1.281   -10.830 1.00 39.39 ? 1890 LEU A C   1 
ATOM   281  O O   . LEU A 1 35  ? 4.032   1.013   -10.383 1.00 42.38 ? 1890 LEU A O   1 
ATOM   282  C CB  . LEU A 1 35  ? 1.825   -0.656  -11.995 1.00 36.75 ? 1890 LEU A CB  1 
ATOM   283  C CG  . LEU A 1 35  ? 0.947   -1.916  -11.987 1.00 38.14 ? 1890 LEU A CG  1 
ATOM   284  C CD1 . LEU A 1 35  ? 1.024   -2.632  -13.325 1.00 39.18 ? 1890 LEU A CD1 1 
ATOM   285  C CD2 . LEU A 1 35  ? 1.351   -2.868  -10.856 1.00 39.33 ? 1890 LEU A CD2 1 
ATOM   286  N N   . LEU A 1 36  ? 2.626   2.456   -11.376 1.00 39.89 ? 1891 LEU A N   1 
ATOM   287  C CA  . LEU A 1 36  ? 3.582   3.540   -11.544 1.00 41.28 ? 1891 LEU A CA  1 
ATOM   288  C C   . LEU A 1 36  ? 3.016   4.828   -10.967 1.00 39.09 ? 1891 LEU A C   1 
ATOM   289  O O   . LEU A 1 36  ? 1.798   4.964   -10.812 1.00 35.18 ? 1891 LEU A O   1 
ATOM   290  C CB  . LEU A 1 36  ? 3.922   3.744   -13.026 1.00 40.54 ? 1891 LEU A CB  1 
ATOM   291  C CG  . LEU A 1 36  ? 4.629   2.568   -13.695 1.00 41.91 ? 1891 LEU A CG  1 
ATOM   292  C CD1 . LEU A 1 36  ? 4.901   2.893   -15.148 1.00 46.25 ? 1891 LEU A CD1 1 
ATOM   293  C CD2 . LEU A 1 36  ? 5.913   2.255   -12.962 1.00 44.78 ? 1891 LEU A CD2 1 
ATOM   294  N N   . PRO A 1 37  ? 3.874   5.797   -10.637 1.00 37.23 ? 1892 PRO A N   1 
ATOM   295  C CA  . PRO A 1 37  ? 3.363   7.087   -10.151 1.00 37.22 ? 1892 PRO A CA  1 
ATOM   296  C C   . PRO A 1 37  ? 2.440   7.716   -11.179 1.00 39.44 ? 1892 PRO A C   1 
ATOM   297  O O   . PRO A 1 37  ? 2.635   7.566   -12.386 1.00 40.52 ? 1892 PRO A O   1 
ATOM   298  C CB  . PRO A 1 37  ? 4.633   7.939   -9.967  1.00 37.77 ? 1892 PRO A CB  1 
ATOM   299  C CG  . PRO A 1 37  ? 5.753   6.994   -9.974  1.00 38.16 ? 1892 PRO A CG  1 
ATOM   300  C CD  . PRO A 1 37  ? 5.342   5.799   -10.769 1.00 38.78 ? 1892 PRO A CD  1 
ATOM   301  N N   . VAL A 1 38  ? 1.415   8.418   -10.686 1.00 35.84 ? 1893 VAL A N   1 
ATOM   302  C CA  . VAL A 1 38  ? 0.565   9.195   -11.581 1.00 41.55 ? 1893 VAL A CA  1 
ATOM   303  C C   . VAL A 1 38  ? 1.397   10.290  -12.232 1.00 46.74 ? 1893 VAL A C   1 
ATOM   304  O O   . VAL A 1 38  ? 2.167   10.986  -11.559 1.00 41.89 ? 1893 VAL A O   1 
ATOM   305  C CB  . VAL A 1 38  ? -0.632  9.781   -10.817 1.00 43.96 ? 1893 VAL A CB  1 
ATOM   306  C CG1 . VAL A 1 38  ? -1.461  10.705  -11.722 1.00 43.31 ? 1893 VAL A CG1 1 
ATOM   307  C CG2 . VAL A 1 38  ? -1.492  8.667   -10.248 1.00 38.17 ? 1893 VAL A CG2 1 
ATOM   308  N N   . ASN A 1 39  ? 1.253   10.439  -13.547 1.00 50.16 ? 1894 ASN A N   1 
ATOM   309  C CA  . ASN A 1 39  ? 2.054   11.400  -14.304 1.00 52.69 ? 1894 ASN A CA  1 
ATOM   310  C C   . ASN A 1 39  ? 1.573   12.813  -13.998 1.00 54.69 ? 1894 ASN A C   1 
ATOM   311  O O   . ASN A 1 39  ? 0.522   13.240  -14.489 1.00 53.10 ? 1894 ASN A O   1 
ATOM   312  C CB  . ASN A 1 39  ? 1.965   11.100  -15.797 1.00 54.77 ? 1894 ASN A CB  1 
ATOM   313  C CG  . ASN A 1 39  ? 2.990   11.875  -16.610 1.00 60.53 ? 1894 ASN A CG  1 
ATOM   314  O OD1 . ASN A 1 39  ? 3.325   13.017  -16.290 1.00 59.66 ? 1894 ASN A OD1 1 
ATOM   315  N ND2 . ASN A 1 39  ? 3.500   11.250  -17.662 1.00 60.87 ? 1894 ASN A ND2 1 
ATOM   316  N N   . LEU A 1 40  ? 2.350   13.546  -13.198 1.00 52.06 ? 1895 LEU A N   1 
ATOM   317  C CA  . LEU A 1 40  ? 1.888   14.841  -12.713 1.00 55.22 ? 1895 LEU A CA  1 
ATOM   318  C C   . LEU A 1 40  ? 1.798   15.884  -13.817 1.00 56.00 ? 1895 LEU A C   1 
ATOM   319  O O   . LEU A 1 40  ? 1.083   16.877  -13.657 1.00 57.24 ? 1895 LEU A O   1 
ATOM   320  C CB  . LEU A 1 40  ? 2.803   15.345  -11.599 1.00 51.94 ? 1895 LEU A CB  1 
ATOM   321  C CG  . LEU A 1 40  ? 2.760   14.547  -10.300 1.00 49.90 ? 1895 LEU A CG  1 
ATOM   322  C CD1 . LEU A 1 40  ? 3.646   15.205  -9.258  1.00 50.43 ? 1895 LEU A CD1 1 
ATOM   323  C CD2 . LEU A 1 40  ? 1.331   14.412  -9.785  1.00 46.87 ? 1895 LEU A CD2 1 
ATOM   324  N N   . LYS A 1 41  ? 2.504   15.694  -14.923 1.00 59.14 ? 1896 LYS A N   1 
ATOM   325  C CA  . LYS A 1 41  ? 2.484   16.650  -16.017 1.00 61.15 ? 1896 LYS A CA  1 
ATOM   326  C C   . LYS A 1 41  ? 1.514   16.239  -17.109 1.00 62.71 ? 1896 LYS A C   1 
ATOM   327  O O   . LYS A 1 41  ? 1.450   16.895  -18.152 1.00 66.41 ? 1896 LYS A O   1 
ATOM   328  C CB  . LYS A 1 41  ? 3.896   16.834  -16.591 1.00 61.19 ? 1896 LYS A CB  1 
ATOM   329  C CG  . LYS A 1 41  ? 4.988   17.005  -15.529 1.00 62.05 ? 1896 LYS A CG  1 
ATOM   330  C CD  . LYS A 1 41  ? 4.623   18.060  -14.479 1.00 61.49 ? 1896 LYS A CD  1 
ATOM   331  C CE  . LYS A 1 41  ? 5.541   17.966  -13.260 1.00 65.52 ? 1896 LYS A CE  1 
ATOM   332  N NZ  . LYS A 1 41  ? 5.223   18.994  -12.229 1.00 69.94 ? 1896 LYS A NZ  1 
ATOM   333  N N   . LEU A 1 42  ? 0.757   15.164  -16.889 1.00 59.20 ? 1897 LEU A N   1 
ATOM   334  C CA  . LEU A 1 42  ? -0.263  14.727  -17.824 1.00 56.28 ? 1897 LEU A CA  1 
ATOM   335  C C   . LEU A 1 42  ? -1.628  14.557  -17.193 1.00 58.29 ? 1897 LEU A C   1 
ATOM   336  O O   . LEU A 1 42  ? -2.598  14.351  -17.927 1.00 60.68 ? 1897 LEU A O   1 
ATOM   337  C CB  . LEU A 1 42  ? 0.125   13.392  -18.481 1.00 58.13 ? 1897 LEU A CB  1 
ATOM   338  C CG  . LEU A 1 42  ? 1.391   13.336  -19.344 1.00 66.53 ? 1897 LEU A CG  1 
ATOM   339  C CD1 . LEU A 1 42  ? 1.513   11.987  -20.047 1.00 62.14 ? 1897 LEU A CD1 1 
ATOM   340  C CD2 . LEU A 1 42  ? 1.414   14.475  -20.353 1.00 68.81 ? 1897 LEU A CD2 1 
ATOM   341  N N   . VAL A 1 43  ? -1.749  14.611  -15.870 1.00 55.14 ? 1898 VAL A N   1 
ATOM   342  C CA  . VAL A 1 43  ? -3.039  14.432  -15.232 1.00 52.40 ? 1898 VAL A CA  1 
ATOM   343  C C   . VAL A 1 43  ? -3.394  15.734  -14.532 1.00 53.44 ? 1898 VAL A C   1 
ATOM   344  O O   . VAL A 1 43  ? -2.818  16.048  -13.477 1.00 51.44 ? 1898 VAL A O   1 
ATOM   345  C CB  . VAL A 1 43  ? -3.054  13.249  -14.252 1.00 55.98 ? 1898 VAL A CB  1 
ATOM   346  C CG1 . VAL A 1 43  ? -4.435  13.122  -13.616 1.00 49.68 ? 1898 VAL A CG1 1 
ATOM   347  C CG2 . VAL A 1 43  ? -2.687  11.965  -14.980 1.00 53.55 ? 1898 VAL A CG2 1 
ATOM   348  N N   . PRO A 1 44  ? -4.325  16.519  -15.074 1.00 56.62 ? 1899 PRO A N   1 
ATOM   349  C CA  . PRO A 1 44  ? -4.647  17.823  -14.486 1.00 56.30 ? 1899 PRO A CA  1 
ATOM   350  C C   . PRO A 1 44  ? -5.188  17.680  -13.073 1.00 50.25 ? 1899 PRO A C   1 
ATOM   351  O O   . PRO A 1 44  ? -6.022  16.816  -12.794 1.00 50.03 ? 1899 PRO A O   1 
ATOM   352  C CB  . PRO A 1 44  ? -5.720  18.390  -15.430 1.00 58.74 ? 1899 PRO A CB  1 
ATOM   353  C CG  . PRO A 1 44  ? -5.675  17.542  -16.664 1.00 58.77 ? 1899 PRO A CG  1 
ATOM   354  C CD  . PRO A 1 44  ? -5.181  16.199  -16.229 1.00 59.68 ? 1899 PRO A CD  1 
ATOM   355  N N   . GLY A 1 45  ? -4.712  18.551  -12.186 1.00 43.46 ? 1900 GLY A N   1 
ATOM   356  C CA  . GLY A 1 45  ? -5.191  18.619  -10.824 1.00 44.46 ? 1900 GLY A CA  1 
ATOM   357  C C   . GLY A 1 45  ? -4.479  17.715  -9.835  1.00 44.96 ? 1900 GLY A C   1 
ATOM   358  O O   . GLY A 1 45  ? -4.559  17.963  -8.623  1.00 43.20 ? 1900 GLY A O   1 
ATOM   359  N N   . TYR A 1 46  ? -3.783  16.675  -10.304 1.00 45.64 ? 1901 TYR A N   1 
ATOM   360  C CA  . TYR A 1 46  ? -3.284  15.667  -9.371  1.00 45.51 ? 1901 TYR A CA  1 
ATOM   361  C C   . TYR A 1 46  ? -2.259  16.254  -8.408  1.00 42.47 ? 1901 TYR A C   1 
ATOM   362  O O   . TYR A 1 46  ? -2.341  16.031  -7.193  1.00 39.88 ? 1901 TYR A O   1 
ATOM   363  C CB  . TYR A 1 46  ? -2.691  14.475  -10.120 1.00 44.64 ? 1901 TYR A CB  1 
ATOM   364  C CG  . TYR A 1 46  ? -2.688  13.232  -9.259  1.00 43.37 ? 1901 TYR A CG  1 
ATOM   365  C CD1 . TYR A 1 46  ? -1.571  12.879  -8.517  1.00 36.87 ? 1901 TYR A CD1 1 
ATOM   366  C CD2 . TYR A 1 46  ? -3.828  12.436  -9.158  1.00 40.20 ? 1901 TYR A CD2 1 
ATOM   367  C CE1 . TYR A 1 46  ? -1.575  11.749  -7.716  1.00 41.20 ? 1901 TYR A CE1 1 
ATOM   368  C CE2 . TYR A 1 46  ? -3.845  11.308  -8.357  1.00 41.19 ? 1901 TYR A CE2 1 
ATOM   369  C CZ  . TYR A 1 46  ? -2.717  10.965  -7.637  1.00 39.29 ? 1901 TYR A CZ  1 
ATOM   370  O OH  . TYR A 1 46  ? -2.734  9.838   -6.841  1.00 38.98 ? 1901 TYR A OH  1 
ATOM   371  N N   . LYS A 1 47  ? -1.320  17.052  -8.928  1.00 46.43 ? 1902 LYS A N   1 
ATOM   372  C CA  . LYS A 1 47  ? -0.253  17.603  -8.097  1.00 45.86 ? 1902 LYS A CA  1 
ATOM   373  C C   . LYS A 1 47  ? -0.810  18.456  -6.960  1.00 45.11 ? 1902 LYS A C   1 
ATOM   374  O O   . LYS A 1 47  ? -0.399  18.314  -5.802  1.00 45.82 ? 1902 LYS A O   1 
ATOM   375  C CB  . LYS A 1 47  ? 0.715   18.413  -8.961  1.00 48.62 ? 1902 LYS A CB  1 
ATOM   376  C CG  . LYS A 1 47  ? 2.046   18.728  -8.272  1.00 58.21 ? 1902 LYS A CG  1 
ATOM   377  C CD  . LYS A 1 47  ? 3.119   19.154  -9.282  1.00 59.45 ? 1902 LYS A CD  1 
ATOM   378  C CE  . LYS A 1 47  ? 4.361   19.721  -8.599  1.00 65.45 ? 1902 LYS A CE  1 
ATOM   379  N NZ  . LYS A 1 47  ? 5.255   20.395  -9.588  1.00 71.80 ? 1902 LYS A NZ  1 
ATOM   380  N N   . LYS A 1 48  ? -1.757  19.346  -7.270  1.00 42.19 ? 1903 LYS A N   1 
ATOM   381  C CA  . LYS A 1 48  ? -2.283  20.238  -6.240  1.00 42.94 ? 1903 LYS A CA  1 
ATOM   382  C C   . LYS A 1 48  ? -3.197  19.506  -5.266  1.00 43.97 ? 1903 LYS A C   1 
ATOM   383  O O   . LYS A 1 48  ? -3.170  19.768  -4.057  1.00 46.27 ? 1903 LYS A O   1 
ATOM   384  C CB  . LYS A 1 48  ? -3.034  21.412  -6.875  1.00 43.99 ? 1903 LYS A CB  1 
ATOM   385  C CG  . LYS A 1 48  ? -3.522  22.410  -5.845  1.00 42.56 ? 1903 LYS A CG  1 
ATOM   386  C CD  . LYS A 1 48  ? -2.357  22.967  -5.043  1.00 47.38 ? 1903 LYS A CD  1 
ATOM   387  C CE  . LYS A 1 48  ? -2.805  23.997  -4.013  1.00 49.21 ? 1903 LYS A CE  1 
ATOM   388  N NZ  . LYS A 1 48  ? -3.272  25.269  -4.636  1.00 49.41 ? 1903 LYS A NZ  1 
ATOM   389  N N   . VAL A 1 49  ? -4.035  18.604  -5.771  1.00 39.87 ? 1904 VAL A N   1 
ATOM   390  C CA  . VAL A 1 49  ? -5.007  17.953  -4.894  1.00 42.72 ? 1904 VAL A CA  1 
ATOM   391  C C   . VAL A 1 49  ? -4.347  16.893  -4.005  1.00 42.61 ? 1904 VAL A C   1 
ATOM   392  O O   . VAL A 1 49  ? -4.680  16.773  -2.819  1.00 42.02 ? 1904 VAL A O   1 
ATOM   393  C CB  . VAL A 1 49  ? -6.158  17.358  -5.729  1.00 38.46 ? 1904 VAL A CB  1 
ATOM   394  C CG1 . VAL A 1 49  ? -7.123  16.581  -4.844  1.00 39.41 ? 1904 VAL A CG1 1 
ATOM   395  C CG2 . VAL A 1 49  ? -6.901  18.450  -6.474  1.00 39.42 ? 1904 VAL A CG2 1 
ATOM   396  N N   . ILE A 1 50  ? -3.423  16.100  -4.545  1.00 36.83 ? 1905 ILE A N   1 
ATOM   397  C CA  . ILE A 1 50  ? -2.941  14.901  -3.857  1.00 38.39 ? 1905 ILE A CA  1 
ATOM   398  C C   . ILE A 1 50  ? -1.584  15.225  -3.244  1.00 39.07 ? 1905 ILE A C   1 
ATOM   399  O O   . ILE A 1 50  ? -0.566  15.274  -3.932  1.00 36.38 ? 1905 ILE A O   1 
ATOM   400  C CB  . ILE A 1 50  ? -2.880  13.688  -4.788  1.00 39.79 ? 1905 ILE A CB  1 
ATOM   401  C CG1 . ILE A 1 50  ? -4.291  13.343  -5.293  1.00 36.61 ? 1905 ILE A CG1 1 
ATOM   402  C CG2 . ILE A 1 50  ? -2.249  12.465  -4.053  1.00 35.79 ? 1905 ILE A CG2 1 
ATOM   403  C CD1 . ILE A 1 50  ? -5.254  12.933  -4.187  1.00 37.54 ? 1905 ILE A CD1 1 
ATOM   404  N N   . LYS A 1 51  ? -1.573  15.420  -1.930  1.00 38.30 ? 1906 LYS A N   1 
ATOM   405  C CA  . LYS A 1 51  ? -0.406  15.957  -1.259  1.00 40.75 ? 1906 LYS A CA  1 
ATOM   406  C C   . LYS A 1 51  ? 0.697   14.924  -1.083  1.00 45.90 ? 1906 LYS A C   1 
ATOM   407  O O   . LYS A 1 51  ? 1.877   15.288  -1.076  1.00 42.56 ? 1906 LYS A O   1 
ATOM   408  C CB  . LYS A 1 51  ? -0.821  16.534  0.093   1.00 47.56 ? 1906 LYS A CB  1 
ATOM   409  C CG  . LYS A 1 51  ? -1.889  17.636  -0.022  1.00 53.75 ? 1906 LYS A CG  1 
ATOM   410  C CD  . LYS A 1 51  ? -1.455  18.742  -0.983  1.00 52.69 ? 1906 LYS A CD  1 
ATOM   411  C CE  . LYS A 1 51  ? -2.439  19.903  -0.971  1.00 56.78 ? 1906 LYS A CE  1 
ATOM   412  N NZ  . LYS A 1 51  ? -1.823  21.157  -1.506  1.00 60.06 ? 1906 LYS A NZ  1 
ATOM   413  N N   . LYS A 1 52  ? 0.344   13.647  -0.935  1.00 40.96 ? 1907 LYS A N   1 
ATOM   414  C CA  . LYS A 1 52  ? 1.316   12.571  -0.756  1.00 40.18 ? 1907 LYS A CA  1 
ATOM   415  C C   . LYS A 1 52  ? 0.996   11.485  -1.769  1.00 35.57 ? 1907 LYS A C   1 
ATOM   416  O O   . LYS A 1 52  ? 0.296   10.510  -1.456  1.00 38.49 ? 1907 LYS A O   1 
ATOM   417  C CB  . LYS A 1 52  ? 1.291   12.024  0.671   1.00 42.95 ? 1907 LYS A CB  1 
ATOM   418  C CG  . LYS A 1 52  ? 1.353   13.094  1.753   1.00 51.80 ? 1907 LYS A CG  1 
ATOM   419  C CD  . LYS A 1 52  ? 1.021   12.520  3.130   1.00 60.52 ? 1907 LYS A CD  1 
ATOM   420  C CE  . LYS A 1 52  ? 2.205   11.767  3.729   1.00 66.35 ? 1907 LYS A CE  1 
ATOM   421  N NZ  . LYS A 1 52  ? 1.818   10.984  4.945   1.00 74.91 ? 1907 LYS A NZ  1 
ATOM   422  N N   . PRO A 1 53  ? 1.477   11.631  -3.001  1.00 35.52 ? 1908 PRO A N   1 
ATOM   423  C CA  . PRO A 1 53  ? 1.285   10.570  -3.991  1.00 37.55 ? 1908 PRO A CA  1 
ATOM   424  C C   . PRO A 1 53  ? 2.023   9.305   -3.580  1.00 37.50 ? 1908 PRO A C   1 
ATOM   425  O O   . PRO A 1 53  ? 3.019   9.345   -2.855  1.00 36.19 ? 1908 PRO A O   1 
ATOM   426  C CB  . PRO A 1 53  ? 1.871   11.171  -5.278  1.00 36.17 ? 1908 PRO A CB  1 
ATOM   427  C CG  . PRO A 1 53  ? 1.990   12.644  -5.013  1.00 40.46 ? 1908 PRO A CG  1 
ATOM   428  C CD  . PRO A 1 53  ? 2.259   12.751  -3.541  1.00 40.85 ? 1908 PRO A CD  1 
ATOM   429  N N   . MET A 1 54  ? 1.510   8.170   -4.045  1.00 32.25 ? 1909 MET A N   1 
ATOM   430  C CA  . MET A 1 54  ? 2.100   6.878   -3.713  1.00 34.36 ? 1909 MET A CA  1 
ATOM   431  C C   . MET A 1 54  ? 1.585   5.843   -4.705  1.00 34.92 ? 1909 MET A C   1 
ATOM   432  O O   . MET A 1 54  ? 0.460   5.955   -5.207  1.00 35.43 ? 1909 MET A O   1 
ATOM   433  C CB  . MET A 1 54  ? 1.784   6.473   -2.267  1.00 31.20 ? 1909 MET A CB  1 
ATOM   434  C CG  . MET A 1 54  ? 2.502   5.207   -1.785  1.00 32.97 ? 1909 MET A CG  1 
ATOM   435  S SD  . MET A 1 54  ? 4.309   5.309   -1.895  1.00 33.42 ? 1909 MET A SD  1 
ATOM   436  C CE  . MET A 1 54  ? 4.625   6.852   -1.014  1.00 35.91 ? 1909 MET A CE  1 
ATOM   437  N N   . ASP A 1 55  ? 2.428   4.850   -4.988  1.00 30.81 ? 1910 ASP A N   1 
ATOM   438  C CA  . ASP A 1 55  ? 2.135   3.805   -5.960  1.00 32.05 ? 1910 ASP A CA  1 
ATOM   439  C C   . ASP A 1 55  ? 2.921   2.553   -5.577  1.00 33.05 ? 1910 ASP A C   1 
ATOM   440  O O   . ASP A 1 55  ? 3.819   2.603   -4.734  1.00 32.56 ? 1910 ASP A O   1 
ATOM   441  C CB  . ASP A 1 55  ? 2.476   4.255   -7.386  1.00 32.53 ? 1910 ASP A CB  1 
ATOM   442  C CG  . ASP A 1 55  ? 3.971   4.441   -7.600  1.00 37.78 ? 1910 ASP A CG  1 
ATOM   443  O OD1 . ASP A 1 55  ? 4.542   5.428   -7.077  1.00 37.32 ? 1910 ASP A OD1 1 
ATOM   444  O OD2 . ASP A 1 55  ? 4.572   3.592   -8.293  1.00 39.33 ? 1910 ASP A OD2 1 
ATOM   445  N N   . PHE A 1 56  ? 2.582   1.422   -6.217  1.00 31.42 ? 1911 PHE A N   1 
ATOM   446  C CA  . PHE A 1 56  ? 3.214   0.148   -5.860  1.00 29.67 ? 1911 PHE A CA  1 
ATOM   447  C C   . PHE A 1 56  ? 4.718   0.168   -6.124  1.00 32.67 ? 1911 PHE A C   1 
ATOM   448  O O   . PHE A 1 56  ? 5.487   -0.441  -5.377  1.00 32.21 ? 1911 PHE A O   1 
ATOM   449  C CB  . PHE A 1 56  ? 2.588   -1.021  -6.624  1.00 31.28 ? 1911 PHE A CB  1 
ATOM   450  C CG  . PHE A 1 56  ? 1.131   -1.276  -6.289  1.00 34.44 ? 1911 PHE A CG  1 
ATOM   451  C CD1 . PHE A 1 56  ? 0.521   -0.657  -5.209  1.00 32.36 ? 1911 PHE A CD1 1 
ATOM   452  C CD2 . PHE A 1 56  ? 0.379   -2.150  -7.060  1.00 30.54 ? 1911 PHE A CD2 1 
ATOM   453  C CE1 . PHE A 1 56  ? -0.828  -0.905  -4.911  1.00 35.26 ? 1911 PHE A CE1 1 
ATOM   454  C CE2 . PHE A 1 56  ? -0.946  -2.389  -6.772  1.00 34.42 ? 1911 PHE A CE2 1 
ATOM   455  C CZ  . PHE A 1 56  ? -1.552  -1.769  -5.696  1.00 32.19 ? 1911 PHE A CZ  1 
ATOM   456  N N   . SER A 1 57  ? 5.155   0.822   -7.203  1.00 34.49 ? 1912 SER A N   1 
ATOM   457  C CA  . SER A 1 57  ? 6.576   0.769   -7.532  1.00 35.22 ? 1912 SER A CA  1 
ATOM   458  C C   . SER A 1 57  ? 7.405   1.589   -6.552  1.00 33.83 ? 1912 SER A C   1 
ATOM   459  O O   . SER A 1 57  ? 8.552   1.238   -6.273  1.00 39.21 ? 1912 SER A O   1 
ATOM   460  C CB  . SER A 1 57  ? 6.816   1.246   -8.966  1.00 37.05 ? 1912 SER A CB  1 
ATOM   461  O OG  . SER A 1 57  ? 6.821   2.668   -9.041  1.00 36.61 ? 1912 SER A OG  1 
ATOM   462  N N   . THR A 1 58  ? 6.843   2.675   -6.018  1.00 34.45 ? 1913 THR A N   1 
ATOM   463  C CA  . THR A 1 58  ? 7.518   3.424   -4.963  1.00 32.50 ? 1913 THR A CA  1 
ATOM   464  C C   . THR A 1 58  ? 7.553   2.628   -3.669  1.00 35.91 ? 1913 THR A C   1 
ATOM   465  O O   . THR A 1 58  ? 8.557   2.640   -2.946  1.00 31.99 ? 1913 THR A O   1 
ATOM   466  C CB  . THR A 1 58  ? 6.819   4.765   -4.747  1.00 34.02 ? 1913 THR A CB  1 
ATOM   467  O OG1 . THR A 1 58  ? 6.788   5.480   -5.986  1.00 32.92 ? 1913 THR A OG1 1 
ATOM   468  C CG2 . THR A 1 58  ? 7.547   5.599   -3.690  1.00 34.93 ? 1913 THR A CG2 1 
ATOM   469  N N   . ILE A 1 59  ? 6.457   1.933   -3.361  1.00 32.99 ? 1914 ILE A N   1 
ATOM   470  C CA  . ILE A 1 59  ? 6.423   1.060   -2.193  1.00 30.79 ? 1914 ILE A CA  1 
ATOM   471  C C   . ILE A 1 59  ? 7.451   -0.053  -2.336  1.00 32.09 ? 1914 ILE A C   1 
ATOM   472  O O   . ILE A 1 59  ? 8.162   -0.390  -1.379  1.00 31.60 ? 1914 ILE A O   1 
ATOM   473  C CB  . ILE A 1 59  ? 4.992   0.501   -1.997  1.00 32.39 ? 1914 ILE A CB  1 
ATOM   474  C CG1 . ILE A 1 59  ? 4.025   1.643   -1.664  1.00 23.91 ? 1914 ILE A CG1 1 
ATOM   475  C CG2 . ILE A 1 59  ? 4.983   -0.569  -0.902  1.00 28.52 ? 1914 ILE A CG2 1 
ATOM   476  C CD1 . ILE A 1 59  ? 2.519   1.228   -1.609  1.00 35.24 ? 1914 ILE A CD1 1 
ATOM   477  N N   . ARG A 1 60  ? 7.555   -0.639  -3.533  1.00 31.58 ? 1915 ARG A N   1 
ATOM   478  C CA  . ARG A 1 60  ? 8.524   -1.711  -3.752  1.00 31.52 ? 1915 ARG A CA  1 
ATOM   479  C C   . ARG A 1 60  ? 9.957   -1.201  -3.587  1.00 36.28 ? 1915 ARG A C   1 
ATOM   480  O O   . ARG A 1 60  ? 10.801  -1.893  -3.005  1.00 34.88 ? 1915 ARG A O   1 
ATOM   481  C CB  . ARG A 1 60  ? 8.319   -2.330  -5.136  1.00 32.53 ? 1915 ARG A CB  1 
ATOM   482  C CG  . ARG A 1 60  ? 9.351   -3.373  -5.543  1.00 32.69 ? 1915 ARG A CG  1 
ATOM   483  C CD  . ARG A 1 60  ? 9.290   -4.624  -4.704  1.00 37.72 ? 1915 ARG A CD  1 
ATOM   484  N NE  . ARG A 1 60  ? 8.115   -5.470  -4.977  1.00 35.10 ? 1915 ARG A NE  1 
ATOM   485  C CZ  . ARG A 1 60  ? 7.856   -6.597  -4.316  1.00 33.76 ? 1915 ARG A CZ  1 
ATOM   486  N NH1 . ARG A 1 60  ? 8.673   -6.995  -3.355  1.00 35.26 ? 1915 ARG A NH1 1 
ATOM   487  N NH2 . ARG A 1 60  ? 6.784   -7.327  -4.601  1.00 39.22 ? 1915 ARG A NH2 1 
ATOM   488  N N   . GLU A 1 61  ? 10.244  0.013   -4.070  1.00 30.00 ? 1916 GLU A N   1 
ATOM   489  C CA  . GLU A 1 61  ? 11.575  0.597   -3.865  1.00 39.09 ? 1916 GLU A CA  1 
ATOM   490  C C   . GLU A 1 61  ? 11.859  0.816   -2.382  1.00 36.67 ? 1916 GLU A C   1 
ATOM   491  O O   . GLU A 1 61  ? 12.925  0.438   -1.878  1.00 34.52 ? 1916 GLU A O   1 
ATOM   492  C CB  . GLU A 1 61  ? 11.713  1.920   -4.635  1.00 31.46 ? 1916 GLU A CB  1 
ATOM   493  C CG  . GLU A 1 61  ? 13.121  2.573   -4.551  1.00 40.35 ? 1916 GLU A CG  1 
ATOM   494  C CD  . GLU A 1 61  ? 14.240  1.713   -5.157  1.00 44.00 ? 1916 GLU A CD  1 
ATOM   495  O OE1 . GLU A 1 61  ? 14.000  1.018   -6.168  1.00 47.90 ? 1916 GLU A OE1 1 
ATOM   496  O OE2 . GLU A 1 61  ? 15.370  1.732   -4.617  1.00 44.17 ? 1916 GLU A OE2 1 
ATOM   497  N N   . LYS A 1 62  ? 10.920  1.448   -1.669  1.00 37.18 ? 1917 LYS A N   1 
ATOM   498  C CA  . LYS A 1 62  ? 11.090  1.651   -0.234  1.00 34.28 ? 1917 LYS A CA  1 
ATOM   499  C C   . LYS A 1 62  ? 11.248  0.328   0.512   1.00 35.26 ? 1917 LYS A C   1 
ATOM   500  O O   . LYS A 1 62  ? 11.998  0.258   1.493   1.00 33.04 ? 1917 LYS A O   1 
ATOM   501  C CB  . LYS A 1 62  ? 9.906   2.448   0.327   1.00 33.01 ? 1917 LYS A CB  1 
ATOM   502  C CG  . LYS A 1 62  ? 9.840   3.886   -0.179  1.00 35.91 ? 1917 LYS A CG  1 
ATOM   503  C CD  . LYS A 1 62  ? 8.600   4.644   0.306   1.00 33.54 ? 1917 LYS A CD  1 
ATOM   504  C CE  . LYS A 1 62  ? 8.649   4.932   1.797   1.00 36.78 ? 1917 LYS A CE  1 
ATOM   505  N NZ  . LYS A 1 62  ? 7.437   5.710   2.225   1.00 34.76 ? 1917 LYS A NZ  1 
ATOM   506  N N   . LEU A 1 63  ? 10.570  -0.735  0.066   1.00 33.43 ? 1918 LEU A N   1 
ATOM   507  C CA  . LEU A 1 63  ? 10.692  -2.008  0.761   1.00 35.36 ? 1918 LEU A CA  1 
ATOM   508  C C   . LEU A 1 63  ? 12.029  -2.684  0.465   1.00 37.66 ? 1918 LEU A C   1 
ATOM   509  O O   . LEU A 1 63  ? 12.589  -3.347  1.338   1.00 39.74 ? 1918 LEU A O   1 
ATOM   510  C CB  . LEU A 1 63  ? 9.522   -2.932  0.384   1.00 35.73 ? 1918 LEU A CB  1 
ATOM   511  C CG  . LEU A 1 63  ? 9.321   -4.205  1.215   1.00 38.64 ? 1918 LEU A CG  1 
ATOM   512  C CD1 . LEU A 1 63  ? 8.894   -3.868  2.636   1.00 36.45 ? 1918 LEU A CD1 1 
ATOM   513  C CD2 . LEU A 1 63  ? 8.298   -5.143  0.551   1.00 36.21 ? 1918 LEU A CD2 1 
ATOM   514  N N   . SER A 1 64  ? 12.545  -2.530  -0.752  1.00 37.00 ? 1919 SER A N   1 
ATOM   515  C CA  . SER A 1 64  ? 13.807  -3.134  -1.151  1.00 38.43 ? 1919 SER A CA  1 
ATOM   516  C C   . SER A 1 64  ? 15.022  -2.378  -0.621  1.00 35.69 ? 1919 SER A C   1 
ATOM   517  O O   . SER A 1 64  ? 16.148  -2.847  -0.814  1.00 37.44 ? 1919 SER A O   1 
ATOM   518  C CB  . SER A 1 64  ? 13.878  -3.210  -2.680  1.00 38.33 ? 1919 SER A CB  1 
ATOM   519  O OG  . SER A 1 64  ? 12.906  -4.110  -3.191  1.00 43.10 ? 1919 SER A OG  1 
ATOM   520  N N   . SER A 1 65  ? 14.823  -1.234  0.045   1.00 33.83 ? 1920 SER A N   1 
ATOM   521  C CA  . SER A 1 65  ? 15.913  -0.365  0.480   1.00 35.53 ? 1920 SER A CA  1 
ATOM   522  C C   . SER A 1 65  ? 15.786  0.007   1.954   1.00 34.56 ? 1920 SER A C   1 
ATOM   523  O O   . SER A 1 65  ? 16.412  0.980   2.397   1.00 34.05 ? 1920 SER A O   1 
ATOM   524  C CB  . SER A 1 65  ? 15.976  0.903   -0.381  1.00 36.32 ? 1920 SER A CB  1 
ATOM   525  O OG  . SER A 1 65  ? 14.798  1.693   -0.238  1.00 33.80 ? 1920 SER A OG  1 
ATOM   526  N N   . GLY A 1 66  ? 14.975  -0.729  2.714   1.00 32.73 ? 1921 GLY A N   1 
ATOM   527  C CA  . GLY A 1 66  ? 14.937  -0.553  4.155   1.00 31.29 ? 1921 GLY A CA  1 
ATOM   528  C C   . GLY A 1 66  ? 14.361  0.760   4.609   1.00 36.26 ? 1921 GLY A C   1 
ATOM   529  O O   . GLY A 1 66  ? 14.784  1.298   5.641   1.00 35.82 ? 1921 GLY A O   1 
ATOM   530  N N   . GLN A 1 67  ? 13.414  1.310   3.854   1.00 35.57 ? 1922 GLN A N   1 
ATOM   531  C CA  . GLN A 1 67  ? 12.800  2.583   4.203   1.00 33.77 ? 1922 GLN A CA  1 
ATOM   532  C C   . GLN A 1 67  ? 11.515  2.422   5.006   1.00 37.92 ? 1922 GLN A C   1 
ATOM   533  O O   . GLN A 1 67  ? 10.934  3.428   5.419   1.00 35.55 ? 1922 GLN A O   1 
ATOM   534  C CB  . GLN A 1 67  ? 12.545  3.402   2.930   1.00 34.03 ? 1922 GLN A CB  1 
ATOM   535  C CG  . GLN A 1 67  ? 13.844  3.775   2.194   1.00 39.09 ? 1922 GLN A CG  1 
ATOM   536  C CD  . GLN A 1 67  ? 13.647  4.834   1.123   1.00 36.85 ? 1922 GLN A CD  1 
ATOM   537  O OE1 . GLN A 1 67  ? 13.139  5.915   1.393   1.00 43.68 ? 1922 GLN A OE1 1 
ATOM   538  N NE2 . GLN A 1 67  ? 14.051  4.521   -0.098  1.00 35.72 ? 1922 GLN A NE2 1 
ATOM   539  N N   . TYR A 1 68  ? 11.055  1.185   5.244   1.00 35.01 ? 1923 TYR A N   1 
ATOM   540  C CA  . TYR A 1 68  ? 9.954   0.951   6.173   1.00 36.93 ? 1923 TYR A CA  1 
ATOM   541  C C   . TYR A 1 68  ? 10.517  0.464   7.500   1.00 39.82 ? 1923 TYR A C   1 
ATOM   542  O O   . TYR A 1 68  ? 11.188  -0.585  7.543   1.00 32.53 ? 1923 TYR A O   1 
ATOM   543  C CB  . TYR A 1 68  ? 8.943   -0.059  5.610   1.00 34.64 ? 1923 TYR A CB  1 
ATOM   544  C CG  . TYR A 1 68  ? 8.172   0.508   4.424   1.00 35.00 ? 1923 TYR A CG  1 
ATOM   545  C CD1 . TYR A 1 68  ? 7.341   1.601   4.576   1.00 31.99 ? 1923 TYR A CD1 1 
ATOM   546  C CD2 . TYR A 1 68  ? 8.308   -0.035  3.155   1.00 35.52 ? 1923 TYR A CD2 1 
ATOM   547  C CE1 . TYR A 1 68  ? 6.655   2.142   3.491   1.00 34.46 ? 1923 TYR A CE1 1 
ATOM   548  C CE2 . TYR A 1 68  ? 7.636   0.496   2.067   1.00 27.72 ? 1923 TYR A CE2 1 
ATOM   549  C CZ  . TYR A 1 68  ? 6.814   1.580   2.242   1.00 29.59 ? 1923 TYR A CZ  1 
ATOM   550  O OH  . TYR A 1 68  ? 6.166   2.111   1.154   1.00 33.17 ? 1923 TYR A OH  1 
ATOM   551  N N   . PRO A 1 69  ? 10.300  1.199   8.590   1.00 38.01 ? 1924 PRO A N   1 
ATOM   552  C CA  . PRO A 1 69  ? 10.821  0.746   9.885   1.00 40.52 ? 1924 PRO A CA  1 
ATOM   553  C C   . PRO A 1 69  ? 10.110  -0.479  10.420  1.00 44.00 ? 1924 PRO A C   1 
ATOM   554  O O   . PRO A 1 69  ? 10.742  -1.293  11.098  1.00 43.65 ? 1924 PRO A O   1 
ATOM   555  C CB  . PRO A 1 69  ? 10.602  1.959   10.802  1.00 45.06 ? 1924 PRO A CB  1 
ATOM   556  C CG  . PRO A 1 69  ? 10.267  3.102   9.894   1.00 42.79 ? 1924 PRO A CG  1 
ATOM   557  C CD  . PRO A 1 69  ? 9.659   2.517   8.677   1.00 39.03 ? 1924 PRO A CD  1 
ATOM   558  N N   . ASN A 1 70  ? 8.812   -0.628  10.141  1.00 42.25 ? 1925 ASN A N   1 
ATOM   559  C CA  . ASN A 1 70  ? 8.009   -1.708  10.694  1.00 43.12 ? 1925 ASN A CA  1 
ATOM   560  C C   . ASN A 1 70  ? 6.865   -2.002  9.734   1.00 41.80 ? 1925 ASN A C   1 
ATOM   561  O O   . ASN A 1 70  ? 6.678   -1.312  8.728   1.00 38.15 ? 1925 ASN A O   1 
ATOM   562  C CB  . ASN A 1 70  ? 7.472   -1.347  12.082  1.00 43.63 ? 1925 ASN A CB  1 
ATOM   563  C CG  . ASN A 1 70  ? 6.666   -0.064  12.075  1.00 42.65 ? 1925 ASN A CG  1 
ATOM   564  O OD1 . ASN A 1 70  ? 5.842   0.163   11.192  1.00 42.23 ? 1925 ASN A OD1 1 
ATOM   565  N ND2 . ASN A 1 70  ? 6.923   0.799   13.050  1.00 43.45 ? 1925 ASN A ND2 1 
ATOM   566  N N   . LEU A 1 71  ? 6.072   -3.019  10.078  1.00 42.27 ? 1926 LEU A N   1 
ATOM   567  C CA  A LEU A 1 71  ? 5.021   -3.377  9.146   0.79 41.06 ? 1926 LEU A CA  1 
ATOM   568  C CA  B LEU A 1 71  ? 4.920   -3.441  9.278   0.21 41.23 ? 1926 LEU A CA  1 
ATOM   569  C C   . LEU A 1 71  ? 3.919   -2.318  9.083   1.00 41.61 ? 1926 LEU A C   1 
ATOM   570  O O   . LEU A 1 71  ? 3.285   -2.191  8.032   1.00 43.10 ? 1926 LEU A O   1 
ATOM   571  C CB  A LEU A 1 71  ? 4.461   -4.768  9.468   0.79 42.07 ? 1926 LEU A CB  1 
ATOM   572  C CB  B LEU A 1 71  ? 4.187   -4.586  9.974   0.21 42.73 ? 1926 LEU A CB  1 
ATOM   573  C CG  A LEU A 1 71  ? 3.567   -5.053  10.669  0.79 43.96 ? 1926 LEU A CG  1 
ATOM   574  C CG  B LEU A 1 71  ? 4.672   -6.019  10.005  0.21 42.62 ? 1926 LEU A CG  1 
ATOM   575  C CD1 A LEU A 1 71  ? 3.116   -6.510  10.603  0.79 42.70 ? 1926 LEU A CD1 1 
ATOM   576  C CD1 B LEU A 1 71  ? 3.758   -6.841  10.898  0.21 43.53 ? 1926 LEU A CD1 1 
ATOM   577  C CD2 A LEU A 1 71  ? 4.266   -4.769  11.984  0.79 44.22 ? 1926 LEU A CD2 1 
ATOM   578  C CD2 B LEU A 1 71  ? 4.659   -6.558  8.624   0.21 41.33 ? 1926 LEU A CD2 1 
ATOM   579  N N   . GLU A 1 72  ? 3.695   -1.537  10.143  1.00 41.56 ? 1927 GLU A N   1 
ATOM   580  C CA  . GLU A 1 72  ? 2.599   -0.577  10.100  1.00 42.37 ? 1927 GLU A CA  1 
ATOM   581  C C   . GLU A 1 72  ? 2.881   0.542   9.105   1.00 43.84 ? 1927 GLU A C   1 
ATOM   582  O O   . GLU A 1 72  ? 1.970   0.989   8.400   1.00 43.23 ? 1927 GLU A O   1 
ATOM   583  C CB  . GLU A 1 72  ? 2.322   -0.020  11.497  1.00 48.46 ? 1927 GLU A CB  1 
ATOM   584  C CG  . GLU A 1 72  ? 1.981   -1.090  12.543  1.00 49.42 ? 1927 GLU A CG  1 
ATOM   585  C CD  . GLU A 1 72  ? 0.780   -1.974  12.153  1.00 70.30 ? 1927 GLU A CD  1 
ATOM   586  O OE1 . GLU A 1 72  ? -0.126  -1.498  11.422  1.00 66.24 ? 1927 GLU A OE1 1 
ATOM   587  O OE2 . GLU A 1 72  ? 0.734   -3.152  12.586  1.00 69.59 ? 1927 GLU A OE2 1 
ATOM   588  N N   . THR A 1 73  ? 4.138   0.991   9.007   1.00 38.36 ? 1928 THR A N   1 
ATOM   589  C CA  . THR A 1 73  ? 4.443   2.016   8.021   1.00 36.80 ? 1928 THR A CA  1 
ATOM   590  C C   . THR A 1 73  ? 4.265   1.500   6.601   1.00 34.42 ? 1928 THR A C   1 
ATOM   591  O O   . THR A 1 73  ? 3.901   2.272   5.709   1.00 35.57 ? 1928 THR A O   1 
ATOM   592  C CB  . THR A 1 73  ? 5.866   2.555   8.202   1.00 40.06 ? 1928 THR A CB  1 
ATOM   593  O OG1 . THR A 1 73  ? 6.802   1.473   8.169   1.00 43.53 ? 1928 THR A OG1 1 
ATOM   594  C CG2 . THR A 1 73  ? 6.000   3.307   9.518   1.00 41.67 ? 1928 THR A CG2 1 
ATOM   595  N N   . PHE A 1 74  ? 4.543   0.220   6.359   1.00 33.22 ? 1929 PHE A N   1 
ATOM   596  C CA  . PHE A 1 74  ? 4.287   -0.340  5.037   1.00 33.06 ? 1929 PHE A CA  1 
ATOM   597  C C   . PHE A 1 74  ? 2.787   -0.320  4.728   1.00 35.80 ? 1929 PHE A C   1 
ATOM   598  O O   . PHE A 1 74  ? 2.365   0.118   3.648   1.00 35.34 ? 1929 PHE A O   1 
ATOM   599  C CB  . PHE A 1 74  ? 4.859   -1.761  4.970   1.00 31.93 ? 1929 PHE A CB  1 
ATOM   600  C CG  . PHE A 1 74  ? 4.367   -2.571  3.795   1.00 34.06 ? 1929 PHE A CG  1 
ATOM   601  C CD1 . PHE A 1 74  ? 5.020   -2.512  2.575   1.00 30.81 ? 1929 PHE A CD1 1 
ATOM   602  C CD2 . PHE A 1 74  ? 3.255   -3.388  3.919   1.00 32.73 ? 1929 PHE A CD2 1 
ATOM   603  C CE1 . PHE A 1 74  ? 4.571   -3.251  1.498   1.00 31.29 ? 1929 PHE A CE1 1 
ATOM   604  C CE2 . PHE A 1 74  ? 2.788   -4.141  2.838   1.00 34.03 ? 1929 PHE A CE2 1 
ATOM   605  C CZ  . PHE A 1 74  ? 3.443   -4.072  1.626   1.00 34.49 ? 1929 PHE A CZ  1 
ATOM   606  N N   . ALA A 1 75  ? 1.965   -0.760  5.679   1.00 34.87 ? 1930 ALA A N   1 
ATOM   607  C CA  . ALA A 1 75  ? 0.516   -0.730  5.475   1.00 36.03 ? 1930 ALA A CA  1 
ATOM   608  C C   . ALA A 1 75  ? -0.012  0.693   5.293   1.00 38.68 ? 1930 ALA A C   1 
ATOM   609  O O   . ALA A 1 75  ? -0.993  0.902   4.559   1.00 36.78 ? 1930 ALA A O   1 
ATOM   610  C CB  . ALA A 1 75  ? -0.183  -1.411  6.648   1.00 36.56 ? 1930 ALA A CB  1 
ATOM   611  N N   . LEU A 1 76  ? 0.614   1.685   5.939   1.00 39.35 ? 1931 LEU A N   1 
ATOM   612  C CA  . LEU A 1 76  ? 0.159   3.063   5.769   1.00 38.13 ? 1931 LEU A CA  1 
ATOM   613  C C   . LEU A 1 76  ? 0.357   3.536   4.334   1.00 36.56 ? 1931 LEU A C   1 
ATOM   614  O O   . LEU A 1 76  ? -0.513  4.206   3.772   1.00 40.04 ? 1931 LEU A O   1 
ATOM   615  C CB  . LEU A 1 76  ? 0.885   3.993   6.738   1.00 41.06 ? 1931 LEU A CB  1 
ATOM   616  C CG  . LEU A 1 76  ? 0.403   4.055   8.189   1.00 43.59 ? 1931 LEU A CG  1 
ATOM   617  C CD1 . LEU A 1 76  ? 1.343   4.939   9.007   1.00 45.58 ? 1931 LEU A CD1 1 
ATOM   618  C CD2 . LEU A 1 76  ? -1.014  4.597   8.255   1.00 51.43 ? 1931 LEU A CD2 1 
ATOM   619  N N   . ASP A 1 77  ? 1.489   3.195   3.722   1.00 36.51 ? 1932 ASP A N   1 
ATOM   620  C CA  . ASP A 1 77  ? 1.704   3.565   2.326   1.00 34.98 ? 1932 ASP A CA  1 
ATOM   621  C C   . ASP A 1 77  ? 0.744   2.823   1.399   1.00 33.48 ? 1932 ASP A C   1 
ATOM   622  O O   . ASP A 1 77  ? 0.269   3.389   0.410   1.00 33.18 ? 1932 ASP A O   1 
ATOM   623  C CB  . ASP A 1 77  ? 3.150   3.289   1.917   1.00 31.79 ? 1932 ASP A CB  1 
ATOM   624  C CG  . ASP A 1 77  ? 4.060   4.506   2.096   1.00 36.97 ? 1932 ASP A CG  1 
ATOM   625  O OD1 . ASP A 1 77  ? 3.573   5.581   2.511   1.00 36.46 ? 1932 ASP A OD1 1 
ATOM   626  O OD2 . ASP A 1 77  ? 5.269   4.382   1.807   1.00 34.30 ? 1932 ASP A OD2 1 
ATOM   627  N N   . VAL A 1 78  ? 0.471   1.545   1.673   1.00 32.37 ? 1933 VAL A N   1 
ATOM   628  C CA  . VAL A 1 78  ? -0.476  0.819   0.831   1.00 31.47 ? 1933 VAL A CA  1 
ATOM   629  C C   . VAL A 1 78  ? -1.854  1.481   0.895   1.00 32.93 ? 1933 VAL A C   1 
ATOM   630  O O   . VAL A 1 78  ? -2.508  1.696   -0.133  1.00 31.18 ? 1933 VAL A O   1 
ATOM   631  C CB  . VAL A 1 78  ? -0.537  -0.669  1.228   1.00 33.92 ? 1933 VAL A CB  1 
ATOM   632  C CG1 . VAL A 1 78  ? -1.628  -1.362  0.439   1.00 31.33 ? 1933 VAL A CG1 1 
ATOM   633  C CG2 . VAL A 1 78  ? 0.806   -1.356  0.976   1.00 31.11 ? 1933 VAL A CG2 1 
ATOM   634  N N   . ARG A 1 79  ? -2.308  1.818   2.104   1.00 31.16 ? 1934 ARG A N   1 
ATOM   635  C CA  . ARG A 1 79  ? -3.620  2.424   2.255   1.00 33.43 ? 1934 ARG A CA  1 
ATOM   636  C C   . ARG A 1 79  ? -3.660  3.808   1.621   1.00 37.23 ? 1934 ARG A C   1 
ATOM   637  O O   . ARG A 1 79  ? -4.668  4.184   1.012   1.00 31.79 ? 1934 ARG A O   1 
ATOM   638  C CB  . ARG A 1 79  ? -3.992  2.459   3.740   1.00 38.43 ? 1934 ARG A CB  1 
ATOM   639  C CG  . ARG A 1 79  ? -4.414  1.070   4.280   1.00 40.04 ? 1934 ARG A CG  1 
ATOM   640  C CD  . ARG A 1 79  ? -4.342  0.957   5.798   1.00 39.20 ? 1934 ARG A CD  1 
ATOM   641  N NE  . ARG A 1 79  ? -4.613  -0.417  6.220   1.00 44.12 ? 1934 ARG A NE  1 
ATOM   642  C CZ  . ARG A 1 79  ? -4.195  -0.962  7.361   1.00 45.69 ? 1934 ARG A CZ  1 
ATOM   643  N NH1 . ARG A 1 79  ? -3.472  -0.254  8.225   1.00 45.05 ? 1934 ARG A NH1 1 
ATOM   644  N NH2 . ARG A 1 79  ? -4.491  -2.227  7.634   1.00 43.07 ? 1934 ARG A NH2 1 
ATOM   645  N N   . LEU A 1 80  ? -2.549  4.546   1.703   1.00 36.50 ? 1935 LEU A N   1 
ATOM   646  C CA  . LEU A 1 80  ? -2.445  5.851   1.062   1.00 34.32 ? 1935 LEU A CA  1 
ATOM   647  C C   . LEU A 1 80  ? -2.735  5.767   -0.434  1.00 33.34 ? 1935 LEU A C   1 
ATOM   648  O O   . LEU A 1 80  ? -3.357  6.671   -1.005  1.00 32.98 ? 1935 LEU A O   1 
ATOM   649  C CB  . LEU A 1 80  ? -1.043  6.408   1.303   1.00 34.55 ? 1935 LEU A CB  1 
ATOM   650  C CG  . LEU A 1 80  ? -0.683  7.740   0.662   1.00 35.81 ? 1935 LEU A CG  1 
ATOM   651  C CD1 . LEU A 1 80  ? -1.643  8.838   1.127   1.00 36.65 ? 1935 LEU A CD1 1 
ATOM   652  C CD2 . LEU A 1 80  ? 0.758   8.084   0.999   1.00 30.88 ? 1935 LEU A CD2 1 
ATOM   653  N N   . VAL A 1 81  ? -2.244  4.713   -1.093  1.00 31.65 ? 1936 VAL A N   1 
ATOM   654  C CA  . VAL A 1 81  ? -2.527  4.508   -2.512  1.00 32.34 ? 1936 VAL A CA  1 
ATOM   655  C C   . VAL A 1 81  ? -4.030  4.535   -2.765  1.00 35.25 ? 1936 VAL A C   1 
ATOM   656  O O   . VAL A 1 81  ? -4.513  5.187   -3.702  1.00 35.44 ? 1936 VAL A O   1 
ATOM   657  C CB  . VAL A 1 81  ? -1.906  3.183   -2.995  1.00 33.53 ? 1936 VAL A CB  1 
ATOM   658  C CG1 . VAL A 1 81  ? -2.346  2.886   -4.425  1.00 33.50 ? 1936 VAL A CG1 1 
ATOM   659  C CG2 . VAL A 1 81  ? -0.361  3.204   -2.871  1.00 28.40 ? 1936 VAL A CG2 1 
ATOM   660  N N   . PHE A 1 82  ? -4.797  3.866   -1.905  1.00 30.60 ? 1937 PHE A N   1 
ATOM   661  C CA  . PHE A 1 82  ? -6.232  3.733   -2.165  1.00 33.52 ? 1937 PHE A CA  1 
ATOM   662  C C   . PHE A 1 82  ? -7.015  4.940   -1.668  1.00 34.73 ? 1937 PHE A C   1 
ATOM   663  O O   . PHE A 1 82  ? -8.019  5.317   -2.288  1.00 35.45 ? 1937 PHE A O   1 
ATOM   664  C CB  . PHE A 1 82  ? -6.742  2.436   -1.543  1.00 31.60 ? 1937 PHE A CB  1 
ATOM   665  C CG  . PHE A 1 82  ? -5.977  1.234   -1.996  1.00 30.08 ? 1937 PHE A CG  1 
ATOM   666  C CD1 . PHE A 1 82  ? -5.695  1.055   -3.345  1.00 29.16 ? 1937 PHE A CD1 1 
ATOM   667  C CD2 . PHE A 1 82  ? -5.482  0.324   -1.083  1.00 31.62 ? 1937 PHE A CD2 1 
ATOM   668  C CE1 . PHE A 1 82  ? -4.941  -0.025  -3.781  1.00 31.95 ? 1937 PHE A CE1 1 
ATOM   669  C CE2 . PHE A 1 82  ? -4.741  -0.776  -1.506  1.00 31.66 ? 1937 PHE A CE2 1 
ATOM   670  C CZ  . PHE A 1 82  ? -4.471  -0.952  -2.861  1.00 30.47 ? 1937 PHE A CZ  1 
ATOM   671  N N   . ASP A 1 83  ? -6.558  5.564   -0.579  1.00 36.86 ? 1938 ASP A N   1 
ATOM   672  C CA  . ASP A 1 83  ? -7.114  6.845   -0.145  1.00 36.16 ? 1938 ASP A CA  1 
ATOM   673  C C   . ASP A 1 83  ? -6.934  7.919   -1.210  1.00 34.35 ? 1938 ASP A C   1 
ATOM   674  O O   . ASP A 1 83  ? -7.854  8.688   -1.496  1.00 36.37 ? 1938 ASP A O   1 
ATOM   675  C CB  . ASP A 1 83  ? -6.449  7.281   1.155   1.00 32.87 ? 1938 ASP A CB  1 
ATOM   676  C CG  . ASP A 1 83  ? -6.819  6.400   2.313   1.00 38.59 ? 1938 ASP A CG  1 
ATOM   677  O OD1 . ASP A 1 83  ? -7.769  5.601   2.163   1.00 39.04 ? 1938 ASP A OD1 1 
ATOM   678  O OD2 . ASP A 1 83  ? -6.160  6.500   3.370   1.00 43.60 ? 1938 ASP A OD2 1 
ATOM   679  N N   . ASN A 1 84  ? -5.739  8.011   -1.787  1.00 36.86 ? 1939 ASN A N   1 
ATOM   680  C CA  . ASN A 1 84  ? -5.560  8.942   -2.894  1.00 36.50 ? 1939 ASN A CA  1 
ATOM   681  C C   . ASN A 1 84  ? -6.522  8.620   -4.026  1.00 37.43 ? 1939 ASN A C   1 
ATOM   682  O O   . ASN A 1 84  ? -7.116  9.528   -4.624  1.00 39.38 ? 1939 ASN A O   1 
ATOM   683  C CB  . ASN A 1 84  ? -4.124  8.903   -3.402  1.00 35.79 ? 1939 ASN A CB  1 
ATOM   684  C CG  . ASN A 1 84  ? -3.122  9.458   -2.394  1.00 37.02 ? 1939 ASN A CG  1 
ATOM   685  O OD1 . ASN A 1 84  ? -3.485  10.147  -1.441  1.00 36.79 ? 1939 ASN A OD1 1 
ATOM   686  N ND2 . ASN A 1 84  ? -1.848  9.164   -2.618  1.00 31.48 ? 1939 ASN A ND2 1 
ATOM   687  N N   . CYS A 1 85  ? -6.698  7.329   -4.326  1.00 34.76 ? 1940 CYS A N   1 
ATOM   688  C CA  . CYS A 1 85  ? -7.573  6.937   -5.423  1.00 36.90 ? 1940 CYS A CA  1 
ATOM   689  C C   . CYS A 1 85  ? -8.988  7.443   -5.184  1.00 37.57 ? 1940 CYS A C   1 
ATOM   690  O O   . CYS A 1 85  ? -9.595  8.052   -6.069  1.00 38.77 ? 1940 CYS A O   1 
ATOM   691  C CB  . CYS A 1 85  ? -7.565  5.420   -5.598  1.00 34.61 ? 1940 CYS A CB  1 
ATOM   692  S SG  . CYS A 1 85  ? -8.435  4.818   -7.094  1.00 35.16 ? 1940 CYS A SG  1 
ATOM   693  N N   . GLU A 1 86  ? -9.509  7.236   -3.969  1.00 38.42 ? 1941 GLU A N   1 
ATOM   694  C CA  . GLU A 1 86  ? -10.874 7.657   -3.652  1.00 40.17 ? 1941 GLU A CA  1 
ATOM   695  C C   . GLU A 1 86  ? -11.018 9.171   -3.725  1.00 42.21 ? 1941 GLU A C   1 
ATOM   696  O O   . GLU A 1 86  ? -12.047 9.691   -4.184  1.00 45.40 ? 1941 GLU A O   1 
ATOM   697  C CB  . GLU A 1 86  ? -11.263 7.179   -2.255  1.00 41.10 ? 1941 GLU A CB  1 
ATOM   698  C CG  . GLU A 1 86  ? -11.837 5.799   -2.174  1.00 43.71 ? 1941 GLU A CG  1 
ATOM   699  C CD  . GLU A 1 86  ? -12.499 5.548   -0.831  1.00 47.84 ? 1941 GLU A CD  1 
ATOM   700  O OE1 . GLU A 1 86  ? -11.833 4.984   0.057   1.00 48.35 ? 1941 GLU A OE1 1 
ATOM   701  O OE2 . GLU A 1 86  ? -13.676 5.930   -0.651  1.00 48.89 ? 1941 GLU A OE2 1 
ATOM   702  N N   . THR A 1 87  ? -10.014 9.894   -3.231  1.00 37.27 ? 1942 THR A N   1 
ATOM   703  C CA  . THR A 1 87  ? -10.048 11.351  -3.290  1.00 36.24 ? 1942 THR A CA  1 
ATOM   704  C C   . THR A 1 87  ? -10.243 11.849  -4.717  1.00 39.91 ? 1942 THR A C   1 
ATOM   705  O O   . THR A 1 87  ? -10.984 12.809  -4.946  1.00 40.28 ? 1942 THR A O   1 
ATOM   706  C CB  . THR A 1 87  ? -8.758  11.921  -2.691  1.00 37.66 ? 1942 THR A CB  1 
ATOM   707  O OG1 . THR A 1 87  ? -8.706  11.571  -1.306  1.00 44.25 ? 1942 THR A OG1 1 
ATOM   708  C CG2 . THR A 1 87  ? -8.712  13.457  -2.824  1.00 37.09 ? 1942 THR A CG2 1 
ATOM   709  N N   . PHE A 1 88  ? -9.612  11.193  -5.695  1.00 40.72 ? 1943 PHE A N   1 
ATOM   710  C CA  . PHE A 1 88  ? -9.490  11.756  -7.033  1.00 38.43 ? 1943 PHE A CA  1 
ATOM   711  C C   . PHE A 1 88  ? -10.435 11.143  -8.058  1.00 41.87 ? 1943 PHE A C   1 
ATOM   712  O O   . PHE A 1 88  ? -10.652 11.755  -9.111  1.00 39.27 ? 1943 PHE A O   1 
ATOM   713  C CB  . PHE A 1 88  ? -8.044  11.603  -7.541  1.00 35.48 ? 1943 PHE A CB  1 
ATOM   714  C CG  . PHE A 1 88  ? -7.666  12.588  -8.633  1.00 37.19 ? 1943 PHE A CG  1 
ATOM   715  C CD1 . PHE A 1 88  ? -7.314  13.891  -8.320  1.00 38.50 ? 1943 PHE A CD1 1 
ATOM   716  C CD2 . PHE A 1 88  ? -7.638  12.203  -9.963  1.00 37.99 ? 1943 PHE A CD2 1 
ATOM   717  C CE1 . PHE A 1 88  ? -6.952  14.793  -9.313  1.00 40.61 ? 1943 PHE A CE1 1 
ATOM   718  C CE2 . PHE A 1 88  ? -7.271  13.100  -10.965 1.00 38.34 ? 1943 PHE A CE2 1 
ATOM   719  C CZ  . PHE A 1 88  ? -6.935  14.396  -10.636 1.00 41.64 ? 1943 PHE A CZ  1 
ATOM   720  N N   . ASN A 1 89  ? -11.003 9.968   -7.786  1.00 37.67 ? 1944 ASN A N   1 
ATOM   721  C CA  . ASN A 1 89  ? -11.737 9.227   -8.798  1.00 38.99 ? 1944 ASN A CA  1 
ATOM   722  C C   . ASN A 1 89  ? -13.141 8.898   -8.304  1.00 43.07 ? 1944 ASN A C   1 
ATOM   723  O O   . ASN A 1 89  ? -13.368 8.668   -7.112  1.00 41.94 ? 1944 ASN A O   1 
ATOM   724  C CB  . ASN A 1 89  ? -11.012 7.924   -9.180  1.00 37.96 ? 1944 ASN A CB  1 
ATOM   725  C CG  . ASN A 1 89  ? -9.607  8.165   -9.719  1.00 41.88 ? 1944 ASN A CG  1 
ATOM   726  O OD1 . ASN A 1 89  ? -9.413  8.342   -10.923 1.00 42.22 ? 1944 ASN A OD1 1 
ATOM   727  N ND2 . ASN A 1 89  ? -8.617  8.142   -8.828  1.00 34.95 ? 1944 ASN A ND2 1 
ATOM   728  N N   . GLU A 1 90  ? -14.085 8.879   -9.242  1.00 41.75 ? 1945 GLU A N   1 
ATOM   729  C CA  . GLU A 1 90  ? -15.448 8.478   -8.922  1.00 46.02 ? 1945 GLU A CA  1 
ATOM   730  C C   . GLU A 1 90  ? -15.470 7.006   -8.535  1.00 41.82 ? 1945 GLU A C   1 
ATOM   731  O O   . GLU A 1 90  ? -14.786 6.187   -9.148  1.00 40.89 ? 1945 GLU A O   1 
ATOM   732  C CB  . GLU A 1 90  ? -16.366 8.709   -10.125 1.00 45.24 ? 1945 GLU A CB  1 
ATOM   733  C CG  . GLU A 1 90  ? -16.478 10.146  -10.568 1.00 52.12 ? 1945 GLU A CG  1 
ATOM   734  C CD  . GLU A 1 90  ? -17.703 10.817  -9.991  1.00 59.44 ? 1945 GLU A CD  1 
ATOM   735  O OE1 . GLU A 1 90  ? -17.802 10.943  -8.751  1.00 58.83 ? 1945 GLU A OE1 1 
ATOM   736  O OE2 . GLU A 1 90  ? -18.581 11.199  -10.786 1.00 75.10 ? 1945 GLU A OE2 1 
ATOM   737  N N   . ASP A 1 91  ? -16.287 6.678   -7.523  1.00 43.60 ? 1946 ASP A N   1 
ATOM   738  C CA  . ASP A 1 91  ? -16.433 5.298   -7.058  1.00 45.84 ? 1946 ASP A CA  1 
ATOM   739  C C   . ASP A 1 91  ? -16.647 4.320   -8.201  1.00 45.38 ? 1946 ASP A C   1 
ATOM   740  O O   . ASP A 1 91  ? -16.156 3.185   -8.157  1.00 48.98 ? 1946 ASP A O   1 
ATOM   741  C CB  . ASP A 1 91  ? -17.607 5.179   -6.081  1.00 44.58 ? 1946 ASP A CB  1 
ATOM   742  C CG  . ASP A 1 91  ? -17.297 5.753   -4.727  1.00 47.94 ? 1946 ASP A CG  1 
ATOM   743  O OD1 . ASP A 1 91  ? -16.113 6.067   -4.460  1.00 46.32 ? 1946 ASP A OD1 1 
ATOM   744  O OD2 . ASP A 1 91  ? -18.240 5.890   -3.926  1.00 50.12 ? 1946 ASP A OD2 1 
ATOM   745  N N   . ASP A 1 92  ? -17.383 4.729   -9.225  1.00 43.20 ? 1947 ASP A N   1 
ATOM   746  C CA  . ASP A 1 92  ? -17.798 3.808   -10.269 1.00 44.86 ? 1947 ASP A CA  1 
ATOM   747  C C   . ASP A 1 92  ? -17.017 3.969   -11.564 1.00 46.15 ? 1947 ASP A C   1 
ATOM   748  O O   . ASP A 1 92  ? -17.310 3.266   -12.535 1.00 47.55 ? 1947 ASP A O   1 
ATOM   749  C CB  . ASP A 1 92  ? -19.300 3.958   -10.520 1.00 51.04 ? 1947 ASP A CB  1 
ATOM   750  C CG  . ASP A 1 92  ? -20.130 3.404   -9.367  1.00 53.55 ? 1947 ASP A CG  1 
ATOM   751  O OD1 . ASP A 1 92  ? -19.834 2.276   -8.925  1.00 54.10 ? 1947 ASP A OD1 1 
ATOM   752  O OD2 . ASP A 1 92  ? -21.052 4.094   -8.879  1.00 56.53 ? 1947 ASP A OD2 1 
ATOM   753  N N   . SER A 1 93  ? -16.012 4.843   -11.596 1.00 42.63 ? 1948 SER A N   1 
ATOM   754  C CA  . SER A 1 93  ? -15.072 4.865   -12.706 1.00 37.14 ? 1948 SER A CA  1 
ATOM   755  C C   . SER A 1 93  ? -14.244 3.581   -12.715 1.00 40.63 ? 1948 SER A C   1 
ATOM   756  O O   . SER A 1 93  ? -14.215 2.823   -11.741 1.00 38.91 ? 1948 SER A O   1 
ATOM   757  C CB  . SER A 1 93  ? -14.156 6.083   -12.604 1.00 41.80 ? 1948 SER A CB  1 
ATOM   758  O OG  . SER A 1 93  ? -13.479 6.082   -11.361 1.00 39.95 ? 1948 SER A OG  1 
ATOM   759  N N   . ASP A 1 94  ? -13.555 3.336   -13.834 1.00 40.66 ? 1949 ASP A N   1 
ATOM   760  C CA  . ASP A 1 94  ? -12.697 2.157   -13.915 1.00 40.21 ? 1949 ASP A CA  1 
ATOM   761  C C   . ASP A 1 94  ? -11.582 2.222   -12.875 1.00 43.64 ? 1949 ASP A C   1 
ATOM   762  O O   . ASP A 1 94  ? -11.318 1.241   -12.167 1.00 41.45 ? 1949 ASP A O   1 
ATOM   763  C CB  . ASP A 1 94  ? -12.110 2.015   -15.320 1.00 44.59 ? 1949 ASP A CB  1 
ATOM   764  C CG  . ASP A 1 94  ? -13.153 1.631   -16.360 1.00 50.24 ? 1949 ASP A CG  1 
ATOM   765  O OD1 . ASP A 1 94  ? -13.738 0.531   -16.259 1.00 51.54 ? 1949 ASP A OD1 1 
ATOM   766  O OD2 . ASP A 1 94  ? -13.388 2.442   -17.279 1.00 52.47 ? 1949 ASP A OD2 1 
ATOM   767  N N   . ILE A 1 95  ? -10.914 3.375   -12.774 1.00 37.44 ? 1950 ILE A N   1 
ATOM   768  C CA  . ILE A 1 95  ? -9.850  3.536   -11.792 1.00 36.61 ? 1950 ILE A CA  1 
ATOM   769  C C   . ILE A 1 95  ? -10.417 3.486   -10.381 1.00 35.53 ? 1950 ILE A C   1 
ATOM   770  O O   . ILE A 1 95  ? -9.847  2.845   -9.494  1.00 33.98 ? 1950 ILE A O   1 
ATOM   771  C CB  . ILE A 1 95  ? -9.087  4.850   -12.056 1.00 36.71 ? 1950 ILE A CB  1 
ATOM   772  C CG1 . ILE A 1 95  ? -8.331  4.767   -13.384 1.00 37.84 ? 1950 ILE A CG1 1 
ATOM   773  C CG2 . ILE A 1 95  ? -8.144  5.170   -10.903 1.00 34.59 ? 1950 ILE A CG2 1 
ATOM   774  C CD1 . ILE A 1 95  ? -7.604  6.048   -13.769 1.00 41.36 ? 1950 ILE A CD1 1 
ATOM   775  N N   . GLY A 1 96  ? -11.549 4.153   -10.153 1.00 35.68 ? 1951 GLY A N   1 
ATOM   776  C CA  . GLY A 1 96  ? -12.121 4.196   -8.815  1.00 36.98 ? 1951 GLY A CA  1 
ATOM   777  C C   . GLY A 1 96  ? -12.596 2.840   -8.318  1.00 38.58 ? 1951 GLY A C   1 
ATOM   778  O O   . GLY A 1 96  ? -12.410 2.501   -7.143  1.00 36.49 ? 1951 GLY A O   1 
ATOM   779  N N   . ARG A 1 97  ? -13.226 2.045   -9.189  1.00 35.27 ? 1952 ARG A N   1 
ATOM   780  C CA  . ARG A 1 97  ? -13.633 0.711   -8.747  1.00 37.08 ? 1952 ARG A CA  1 
ATOM   781  C C   . ARG A 1 97  ? -12.418 -0.188  -8.556  1.00 36.84 ? 1952 ARG A C   1 
ATOM   782  O O   . ARG A 1 97  ? -12.373 -0.986  -7.612  1.00 35.53 ? 1952 ARG A O   1 
ATOM   783  C CB  . ARG A 1 97  ? -14.630 0.080   -9.725  1.00 38.25 ? 1952 ARG A CB  1 
ATOM   784  C CG  . ARG A 1 97  ? -15.211 -1.273  -9.236  1.00 39.81 ? 1952 ARG A CG  1 
ATOM   785  C CD  . ARG A 1 97  ? -15.691 -1.217  -7.785  1.00 38.41 ? 1952 ARG A CD  1 
ATOM   786  N NE  . ARG A 1 97  ? -16.659 -0.134  -7.578  1.00 43.47 ? 1952 ARG A NE  1 
ATOM   787  C CZ  . ARG A 1 97  ? -17.325 0.073   -6.445  1.00 47.42 ? 1952 ARG A CZ  1 
ATOM   788  N NH1 . ARG A 1 97  ? -18.184 1.082   -6.350  1.00 47.26 ? 1952 ARG A NH1 1 
ATOM   789  N NH2 . ARG A 1 97  ? -17.143 -0.737  -5.407  1.00 49.54 ? 1952 ARG A NH2 1 
ATOM   790  N N   . ALA A 1 98  ? -11.405 -0.046  -9.418  1.00 37.90 ? 1953 ALA A N   1 
ATOM   791  C CA  . ALA A 1 98  ? -10.168 -0.788  -9.213  1.00 36.10 ? 1953 ALA A CA  1 
ATOM   792  C C   . ALA A 1 98  ? -9.627  -0.535  -7.816  1.00 35.01 ? 1953 ALA A C   1 
ATOM   793  O O   . ALA A 1 98  ? -9.217  -1.470  -7.122  1.00 35.61 ? 1953 ALA A O   1 
ATOM   794  C CB  . ALA A 1 98  ? -9.132  -0.407  -10.269 1.00 39.30 ? 1953 ALA A CB  1 
ATOM   795  N N   . GLY A 1 99  ? -9.673  0.721   -7.370  1.00 34.43 ? 1954 GLY A N   1 
ATOM   796  C CA  . GLY A 1 99  ? -9.130  1.056   -6.065  1.00 33.28 ? 1954 GLY A CA  1 
ATOM   797  C C   . GLY A 1 99  ? -9.872  0.375   -4.934  1.00 35.86 ? 1954 GLY A C   1 
ATOM   798  O O   . GLY A 1 99  ? -9.259  -0.162  -4.009  1.00 34.91 ? 1954 GLY A O   1 
ATOM   799  N N   . HIS A 1 100 ? -11.207 0.392   -4.992  1.00 33.97 ? 1955 HIS A N   1 
ATOM   800  C CA  . HIS A 1 100 ? -12.009 -0.303  -3.986  1.00 34.11 ? 1955 HIS A CA  1 
ATOM   801  C C   . HIS A 1 100 ? -11.725 -1.801  -3.991  1.00 34.17 ? 1955 HIS A C   1 
ATOM   802  O O   . HIS A 1 100 ? -11.592 -2.420  -2.930  1.00 34.14 ? 1955 HIS A O   1 
ATOM   803  C CB  . HIS A 1 100 ? -13.500 -0.050  -4.231  1.00 31.03 ? 1955 HIS A CB  1 
ATOM   804  C CG  . HIS A 1 100 ? -13.937 1.342   -3.908  1.00 33.80 ? 1955 HIS A CG  1 
ATOM   805  N ND1 . HIS A 1 100 ? -13.817 1.887   -2.647  1.00 40.09 ? 1955 HIS A ND1 1 
ATOM   806  C CD2 . HIS A 1 100 ? -14.487 2.306   -4.684  1.00 37.55 ? 1955 HIS A CD2 1 
ATOM   807  C CE1 . HIS A 1 100 ? -14.274 3.128   -2.659  1.00 38.23 ? 1955 HIS A CE1 1 
ATOM   808  N NE2 . HIS A 1 100 ? -14.689 3.404   -3.883  1.00 36.46 ? 1955 HIS A NE2 1 
ATOM   809  N N   . ASN A 1 101 ? -11.673 -2.409  -5.182  1.00 32.13 ? 1956 ASN A N   1 
ATOM   810  C CA  . ASN A 1 101 ? -11.296 -3.814  -5.309  1.00 31.50 ? 1956 ASN A CA  1 
ATOM   811  C C   . ASN A 1 101 ? -9.935  -4.096  -4.665  1.00 34.69 ? 1956 ASN A C   1 
ATOM   812  O O   . ASN A 1 101 ? -9.791  -5.042  -3.884  1.00 33.77 ? 1956 ASN A O   1 
ATOM   813  C CB  . ASN A 1 101 ? -11.269 -4.206  -6.786  1.00 35.42 ? 1956 ASN A CB  1 
ATOM   814  C CG  . ASN A 1 101 ? -12.659 -4.309  -7.394  1.00 35.23 ? 1956 ASN A CG  1 
ATOM   815  O OD1 . ASN A 1 101 ? -13.665 -4.110  -6.714  1.00 31.84 ? 1956 ASN A OD1 1 
ATOM   816  N ND2 . ASN A 1 101 ? -12.714 -4.610  -8.688  1.00 32.78 ? 1956 ASN A ND2 1 
ATOM   817  N N   . MET A 1 102 ? -8.916  -3.295  -4.999  1.00 35.13 ? 1957 MET A N   1 
ATOM   818  C CA  . MET A 1 102 ? -7.571  -3.560  -4.473  1.00 33.59 ? 1957 MET A CA  1 
ATOM   819  C C   . MET A 1 102 ? -7.518  -3.378  -2.966  1.00 27.95 ? 1957 MET A C   1 
ATOM   820  O O   . MET A 1 102 ? -6.791  -4.094  -2.276  1.00 35.30 ? 1957 MET A O   1 
ATOM   821  C CB  . MET A 1 102 ? -6.542  -2.644  -5.129  1.00 31.50 ? 1957 MET A CB  1 
ATOM   822  C CG  . MET A 1 102 ? -6.421  -2.762  -6.625  1.00 39.25 ? 1957 MET A CG  1 
ATOM   823  S SD  . MET A 1 102 ? -5.698  -4.312  -7.178  1.00 58.14 ? 1957 MET A SD  1 
ATOM   824  C CE  . MET A 1 102 ? -4.167  -4.308  -6.281  1.00 39.12 ? 1957 MET A CE  1 
ATOM   825  N N   . ARG A 1 103 ? -8.253  -2.406  -2.432  1.00 31.49 ? 1958 ARG A N   1 
ATOM   826  C CA  . ARG A 1 103 ? -8.197  -2.180  -0.994  1.00 30.90 ? 1958 ARG A CA  1 
ATOM   827  C C   . ARG A 1 103 ? -8.720  -3.392  -0.246  1.00 36.38 ? 1958 ARG A C   1 
ATOM   828  O O   . ARG A 1 103 ? -8.106  -3.856  0.723   1.00 33.54 ? 1958 ARG A O   1 
ATOM   829  C CB  . ARG A 1 103 ? -8.999  -0.938  -0.610  1.00 29.73 ? 1958 ARG A CB  1 
ATOM   830  C CG  . ARG A 1 103 ? -8.875  -0.626  0.867   1.00 35.14 ? 1958 ARG A CG  1 
ATOM   831  C CD  . ARG A 1 103 ? -9.979  0.274   1.362   1.00 33.49 ? 1958 ARG A CD  1 
ATOM   832  N NE  . ARG A 1 103 ? -9.981  1.574   0.703   1.00 35.91 ? 1958 ARG A NE  1 
ATOM   833  C CZ  . ARG A 1 103 ? -9.237  2.611   1.082   1.00 37.36 ? 1958 ARG A CZ  1 
ATOM   834  N NH1 . ARG A 1 103 ? -8.411  2.498   2.113   1.00 34.75 ? 1958 ARG A NH1 1 
ATOM   835  N NH2 . ARG A 1 103 ? -9.326  3.765   0.431   1.00 33.66 ? 1958 ARG A NH2 1 
ATOM   836  N N   . LYS A 1 104 ? -9.866  -3.919  -0.694  1.00 32.94 ? 1959 LYS A N   1 
ATOM   837  C CA  . LYS A 1 104 ? -10.442 -5.106  -0.073  1.00 36.12 ? 1959 LYS A CA  1 
ATOM   838  C C   . LYS A 1 104 ? -9.488  -6.283  -0.190  1.00 34.17 ? 1959 LYS A C   1 
ATOM   839  O O   . LYS A 1 104 ? -9.198  -6.969  0.794   1.00 37.13 ? 1959 LYS A O   1 
ATOM   840  C CB  . LYS A 1 104 ? -11.791 -5.433  -0.725  1.00 33.62 ? 1959 LYS A CB  1 
ATOM   841  C CG  . LYS A 1 104 ? -12.509 -6.647  -0.118  1.00 40.01 ? 1959 LYS A CG  1 
ATOM   842  C CD  . LYS A 1 104 ? -13.082 -6.286  1.240   1.00 43.66 ? 1959 LYS A CD  1 
ATOM   843  C CE  . LYS A 1 104 ? -13.761 -7.462  1.912   1.00 51.37 ? 1959 LYS A CE  1 
ATOM   844  N NZ  . LYS A 1 104 ? -14.402 -7.044  3.192   1.00 58.60 ? 1959 LYS A NZ  1 
ATOM   845  N N   . TYR A 1 105 ? -8.969  -6.509  -1.396  1.00 32.03 ? 1960 TYR A N   1 
ATOM   846  C CA  . TYR A 1 105 ? -7.966  -7.542  -1.608  1.00 31.54 ? 1960 TYR A CA  1 
ATOM   847  C C   . TYR A 1 105 ? -6.785  -7.401  -0.640  1.00 39.27 ? 1960 TYR A C   1 
ATOM   848  O O   . TYR A 1 105 ? -6.317  -8.397  -0.074  1.00 33.38 ? 1960 TYR A O   1 
ATOM   849  C CB  . TYR A 1 105 ? -7.508  -7.469  -3.061  1.00 33.05 ? 1960 TYR A CB  1 
ATOM   850  C CG  . TYR A 1 105 ? -6.634  -8.604  -3.509  1.00 35.50 ? 1960 TYR A CG  1 
ATOM   851  C CD1 . TYR A 1 105 ? -7.174  -9.855  -3.784  1.00 35.25 ? 1960 TYR A CD1 1 
ATOM   852  C CD2 . TYR A 1 105 ? -5.257  -8.424  -3.679  1.00 37.72 ? 1960 TYR A CD2 1 
ATOM   853  C CE1 . TYR A 1 105 ? -6.371  -10.910 -4.211  1.00 33.90 ? 1960 TYR A CE1 1 
ATOM   854  C CE2 . TYR A 1 105 ? -4.445  -9.469  -4.101  1.00 38.42 ? 1960 TYR A CE2 1 
ATOM   855  C CZ  . TYR A 1 105 ? -5.004  -10.703 -4.374  1.00 41.89 ? 1960 TYR A CZ  1 
ATOM   856  O OH  . TYR A 1 105 ? -4.186  -11.736 -4.793  1.00 46.63 ? 1960 TYR A OH  1 
ATOM   857  N N   . PHE A 1 106 ? -6.307  -6.167  -0.417  1.00 34.25 ? 1961 PHE A N   1 
ATOM   858  C CA  . PHE A 1 106 ? -5.160  -5.959  0.473   1.00 32.81 ? 1961 PHE A CA  1 
ATOM   859  C C   . PHE A 1 106 ? -5.513  -6.257  1.920   1.00 35.33 ? 1961 PHE A C   1 
ATOM   860  O O   . PHE A 1 106 ? -4.741  -6.909  2.632   1.00 36.64 ? 1961 PHE A O   1 
ATOM   861  C CB  . PHE A 1 106 ? -4.634  -4.521  0.392   1.00 31.22 ? 1961 PHE A CB  1 
ATOM   862  C CG  . PHE A 1 106 ? -3.658  -4.169  1.521   1.00 33.43 ? 1961 PHE A CG  1 
ATOM   863  C CD1 . PHE A 1 106 ? -2.377  -4.706  1.549   1.00 33.97 ? 1961 PHE A CD1 1 
ATOM   864  C CD2 . PHE A 1 106 ? -4.037  -3.331  2.556   1.00 34.44 ? 1961 PHE A CD2 1 
ATOM   865  C CE1 . PHE A 1 106 ? -1.480  -4.392  2.588   1.00 34.42 ? 1961 PHE A CE1 1 
ATOM   866  C CE2 . PHE A 1 106 ? -3.154  -3.012  3.594   1.00 37.50 ? 1961 PHE A CE2 1 
ATOM   867  C CZ  . PHE A 1 106 ? -1.874  -3.545  3.610   1.00 34.45 ? 1961 PHE A CZ  1 
ATOM   868  N N   . GLU A 1 107 ? -6.654  -5.744  2.393   1.00 36.04 ? 1962 GLU A N   1 
ATOM   869  C CA  . GLU A 1 107 ? -6.943  -5.863  3.817   1.00 39.69 ? 1962 GLU A CA  1 
ATOM   870  C C   . GLU A 1 107 ? -7.203  -7.306  4.222   1.00 41.90 ? 1962 GLU A C   1 
ATOM   871  O O   . GLU A 1 107 ? -6.885  -7.688  5.356   1.00 40.50 ? 1962 GLU A O   1 
ATOM   872  C CB  . GLU A 1 107 ? -8.124  -4.977  4.206   1.00 39.06 ? 1962 GLU A CB  1 
ATOM   873  C CG  . GLU A 1 107 ? -7.906  -3.487  3.947   1.00 34.33 ? 1962 GLU A CG  1 
ATOM   874  C CD  . GLU A 1 107 ? -6.835  -2.839  4.835   1.00 40.66 ? 1962 GLU A CD  1 
ATOM   875  O OE1 . GLU A 1 107 ? -6.300  -3.488  5.757   1.00 42.74 ? 1962 GLU A OE1 1 
ATOM   876  O OE2 . GLU A 1 107 ? -6.527  -1.654  4.604   1.00 39.04 ? 1962 GLU A OE2 1 
ATOM   877  N N   . LYS A 1 108 ? -7.761  -8.127  3.322   1.00 41.06 ? 1963 LYS A N   1 
ATOM   878  C CA  . LYS A 1 108 ? -7.915  -9.544  3.638   1.00 41.60 ? 1963 LYS A CA  1 
ATOM   879  C C   . LYS A 1 108 ? -6.557  -10.217 3.797   1.00 42.49 ? 1963 LYS A C   1 
ATOM   880  O O   . LYS A 1 108 ? -6.323  -10.942 4.772   1.00 44.35 ? 1963 LYS A O   1 
ATOM   881  C CB  . LYS A 1 108 ? -8.736  -10.265 2.565   1.00 41.06 ? 1963 LYS A CB  1 
ATOM   882  C CG  . LYS A 1 108 ? -9.082  -11.723 2.978   1.00 45.78 ? 1963 LYS A CG  1 
ATOM   883  C CD  . LYS A 1 108 ? -9.281  -12.652 1.788   1.00 42.37 ? 1963 LYS A CD  1 
ATOM   884  C CE  . LYS A 1 108 ? -9.460  -14.102 2.250   1.00 53.10 ? 1963 LYS A CE  1 
ATOM   885  N NZ  . LYS A 1 108 ? -10.461 -14.207 3.358   1.00 50.44 ? 1963 LYS A NZ  1 
ATOM   886  N N   . LYS A 1 109 ? -5.656  -10.012 2.829   1.00 39.98 ? 1964 LYS A N   1 
ATOM   887  C CA  . LYS A 1 109 ? -4.318  -10.589 2.938   1.00 46.20 ? 1964 LYS A CA  1 
ATOM   888  C C   . LYS A 1 109 ? -3.614  -10.113 4.198   1.00 40.66 ? 1964 LYS A C   1 
ATOM   889  O O   . LYS A 1 109 ? -2.897  -10.881 4.844   1.00 39.64 ? 1964 LYS A O   1 
ATOM   890  C CB  . LYS A 1 109 ? -3.481  -10.240 1.709   1.00 44.41 ? 1964 LYS A CB  1 
ATOM   891  C CG  . LYS A 1 109 ? -4.038  -10.842 0.450   1.00 49.78 ? 1964 LYS A CG  1 
ATOM   892  C CD  . LYS A 1 109 ? -2.990  -10.928 -0.624  1.00 48.58 ? 1964 LYS A CD  1 
ATOM   893  C CE  . LYS A 1 109 ? -3.477  -11.862 -1.715  1.00 49.73 ? 1964 LYS A CE  1 
ATOM   894  N NZ  . LYS A 1 109 ? -3.894  -13.162 -1.155  1.00 50.83 ? 1964 LYS A NZ  1 
ATOM   895  N N   . TRP A 1 110 ? -3.817  -8.850  4.567   1.00 40.75 ? 1965 TRP A N   1 
ATOM   896  C CA  . TRP A 1 110 ? -3.212  -8.317  5.780   1.00 39.58 ? 1965 TRP A CA  1 
ATOM   897  C C   . TRP A 1 110 ? -3.708  -9.052  7.014   1.00 42.03 ? 1965 TRP A C   1 
ATOM   898  O O   . TRP A 1 110 ? -2.915  -9.445  7.879   1.00 41.91 ? 1965 TRP A O   1 
ATOM   899  C CB  . TRP A 1 110 ? -3.515  -6.828  5.899   1.00 40.32 ? 1965 TRP A CB  1 
ATOM   900  C CG  . TRP A 1 110 ? -2.640  -6.108  6.886   1.00 39.25 ? 1965 TRP A CG  1 
ATOM   901  C CD1 . TRP A 1 110 ? -3.014  -5.591  8.094   1.00 43.23 ? 1965 TRP A CD1 1 
ATOM   902  C CD2 . TRP A 1 110 ? -1.242  -5.822  6.743   1.00 39.68 ? 1965 TRP A CD2 1 
ATOM   903  N NE1 . TRP A 1 110 ? -1.935  -4.991  8.705   1.00 41.47 ? 1965 TRP A NE1 1 
ATOM   904  C CE2 . TRP A 1 110 ? -0.836  -5.127  7.900   1.00 40.09 ? 1965 TRP A CE2 1 
ATOM   905  C CE3 . TRP A 1 110 ? -0.297  -6.087  5.750   1.00 39.94 ? 1965 TRP A CE3 1 
ATOM   906  C CZ2 . TRP A 1 110 ? 0.481   -4.692  8.090   1.00 42.10 ? 1965 TRP A CZ2 1 
ATOM   907  C CZ3 . TRP A 1 110 ? 1.008   -5.651  5.940   1.00 40.28 ? 1965 TRP A CZ3 1 
ATOM   908  C CH2 . TRP A 1 110 ? 1.380   -4.958  7.100   1.00 38.13 ? 1965 TRP A CH2 1 
ATOM   909  N N   . THR A 1 111 ? -5.028  -9.222  7.128   1.00 43.50 ? 1966 THR A N   1 
ATOM   910  C CA  . THR A 1 111 ? -5.592  -9.965  8.251   1.00 45.63 ? 1966 THR A CA  1 
ATOM   911  C C   . THR A 1 111 ? -5.191  -11.434 8.204   1.00 46.62 ? 1966 THR A C   1 
ATOM   912  O O   . THR A 1 111 ? -4.790  -12.005 9.223   1.00 48.86 ? 1966 THR A O   1 
ATOM   913  C CB  . THR A 1 111 ? -7.112  -9.822  8.260   1.00 45.47 ? 1966 THR A CB  1 
ATOM   914  O OG1 . THR A 1 111 ? -7.441  -8.462  8.553   1.00 51.26 ? 1966 THR A OG1 1 
ATOM   915  C CG2 . THR A 1 111 ? -7.715  -10.711 9.321   1.00 48.99 ? 1966 THR A CG2 1 
ATOM   916  N N   . ASP A 1 112 ? -5.270  -12.058 7.029   1.00 43.98 ? 1967 ASP A N   1 
ATOM   917  C CA  . ASP A 1 112 ? -4.896  -13.461 6.920   1.00 39.27 ? 1967 ASP A CA  1 
ATOM   918  C C   . ASP A 1 112 ? -3.442  -13.693 7.286   1.00 47.76 ? 1967 ASP A C   1 
ATOM   919  O O   . ASP A 1 112 ? -3.111  -14.732 7.867   1.00 44.74 ? 1967 ASP A O   1 
ATOM   920  C CB  . ASP A 1 112 ? -5.152  -13.965 5.506   1.00 43.11 ? 1967 ASP A CB  1 
ATOM   921  C CG  . ASP A 1 112 ? -6.627  -14.167 5.223   1.00 46.97 ? 1967 ASP A CG  1 
ATOM   922  O OD1 . ASP A 1 112 ? -7.452  -13.945 6.141   1.00 43.55 ? 1967 ASP A OD1 1 
ATOM   923  O OD2 . ASP A 1 112 ? -6.951  -14.535 4.074   1.00 45.64 ? 1967 ASP A OD2 1 
ATOM   924  N N   . THR A 1 113 ? -2.560  -12.746 6.952   1.00 46.30 ? 1968 THR A N   1 
ATOM   925  C CA  . THR A 1 113 ? -1.128  -12.974 7.117   1.00 45.60 ? 1968 THR A CA  1 
ATOM   926  C C   . THR A 1 113 ? -0.662  -12.685 8.539   1.00 46.09 ? 1968 THR A C   1 
ATOM   927  O O   . THR A 1 113 ? 0.148   -13.438 9.088   1.00 50.47 ? 1968 THR A O   1 
ATOM   928  C CB  . THR A 1 113 ? -0.348  -12.124 6.110   1.00 42.61 ? 1968 THR A CB  1 
ATOM   929  O OG1 . THR A 1 113 ? -0.739  -12.479 4.776   1.00 41.78 ? 1968 THR A OG1 1 
ATOM   930  C CG2 . THR A 1 113 ? 1.140   -12.344 6.256   1.00 43.72 ? 1968 THR A CG2 1 
ATOM   931  N N   . PHE A 1 114 ? -1.165  -11.614 9.159   1.00 50.40 ? 1969 PHE A N   1 
ATOM   932  C CA  . PHE A 1 114 ? -0.624  -11.148 10.432  1.00 53.59 ? 1969 PHE A CA  1 
ATOM   933  C C   . PHE A 1 114 ? -1.580  -11.257 11.610  1.00 62.58 ? 1969 PHE A C   1 
ATOM   934  O O   . PHE A 1 114 ? -1.120  -11.322 12.755  1.00 65.96 ? 1969 PHE A O   1 
ATOM   935  C CB  . PHE A 1 114 ? -0.150  -9.693  10.303  1.00 53.59 ? 1969 PHE A CB  1 
ATOM   936  C CG  . PHE A 1 114 ? 0.960   -9.522  9.307   1.00 48.47 ? 1969 PHE A CG  1 
ATOM   937  C CD1 . PHE A 1 114 ? 2.232   -9.995  9.584   1.00 47.54 ? 1969 PHE A CD1 1 
ATOM   938  C CD2 . PHE A 1 114 ? 0.729   -8.921  8.085   1.00 43.15 ? 1969 PHE A CD2 1 
ATOM   939  C CE1 . PHE A 1 114 ? 3.256   -9.852  8.662   1.00 43.90 ? 1969 PHE A CE1 1 
ATOM   940  C CE2 . PHE A 1 114 ? 1.747   -8.784  7.158   1.00 41.69 ? 1969 PHE A CE2 1 
ATOM   941  C CZ  . PHE A 1 114 ? 3.006   -9.246  7.444   1.00 38.20 ? 1969 PHE A CZ  1 
ATOM   942  N N   . LYS A 1 115 ? -2.887  -11.290 11.370  1.00 63.90 ? 1970 LYS A N   1 
ATOM   943  C CA  . LYS A 1 115 ? -3.850  -11.538 12.443  1.00 69.84 ? 1970 LYS A CA  1 
ATOM   944  C C   . LYS A 1 115 ? -4.050  -13.049 12.622  1.00 74.84 ? 1970 LYS A C   1 
ATOM   945  O O   . LYS A 1 115 ? -5.147  -13.592 12.497  1.00 74.84 ? 1970 LYS A O   1 
ATOM   946  C CB  . LYS A 1 115 ? -5.159  -10.816 12.151  1.00 65.41 ? 1970 LYS A CB  1 
ATOM   947  C CG  . LYS A 1 115 ? -5.013  -9.304  11.994  1.00 64.01 ? 1970 LYS A CG  1 
ATOM   948  C CD  . LYS A 1 115 ? -4.642  -8.633  13.314  1.00 67.92 ? 1970 LYS A CD  1 
ATOM   949  C CE  . LYS A 1 115 ? -4.548  -7.104  13.184  1.00 73.21 ? 1970 LYS A CE  1 
ATOM   950  N NZ  . LYS A 1 115 ? -3.332  -6.690  12.434  1.00 72.74 ? 1970 LYS A NZ  1 
ATOM   951  N N   . VAL A 1 116 ? -2.939  -13.730 12.904  1.00 77.47 ? 1971 VAL A N   1 
ATOM   952  C CA  . VAL A 1 116 ? -2.937  -15.188 13.047  1.00 87.53 ? 1971 VAL A CA  1 
ATOM   953  C C   . VAL A 1 116 ? -3.713  -15.610 14.294  1.00 92.41 ? 1971 VAL A C   1 
ATOM   954  O O   . VAL A 1 116 ? -4.081  -16.777 14.450  1.00 94.58 ? 1971 VAL A O   1 
ATOM   955  C CB  . VAL A 1 116 ? -1.497  -15.751 13.093  1.00 82.98 ? 1971 VAL A CB  1 
ATOM   956  C CG1 . VAL A 1 116 ? -0.633  -15.099 12.019  1.00 77.22 ? 1971 VAL A CG1 1 
ATOM   957  C CG2 . VAL A 1 116 ? -0.891  -15.577 14.487  1.00 86.07 ? 1971 VAL A CG2 1 
HETATM 958  C C13 . D9Q B 2 .   ? -2.833  4.409   -16.463 1.00 61.68 ? 2001 D9Q A C13 1 
HETATM 959  C C15 . D9Q B 2 .   ? -2.960  4.090   -18.667 1.00 64.29 ? 2001 D9Q A C15 1 
HETATM 960  C C17 . D9Q B 2 .   ? -1.996  2.061   -18.645 1.00 65.15 ? 2001 D9Q A C17 1 
HETATM 961  C C01 . D9Q B 2 .   ? -4.359  6.116   -9.499  1.00 40.21 ? 2001 D9Q A C01 1 
HETATM 962  C C03 . D9Q B 2 .   ? -3.988  6.553   -11.971 1.00 43.04 ? 2001 D9Q A C03 1 
HETATM 963  C C04 . D9Q B 2 .   ? -4.225  7.424   -13.193 1.00 47.49 ? 2001 D9Q A C04 1 
HETATM 964  C C05 . D9Q B 2 .   ? -5.041  8.668   -13.096 1.00 43.73 ? 2001 D9Q A C05 1 
HETATM 965  C C06 . D9Q B 2 .   ? -5.626  9.050   -11.777 1.00 43.22 ? 2001 D9Q A C06 1 
HETATM 966  C C07 . D9Q B 2 .   ? -5.381  8.165   -10.555 1.00 38.93 ? 2001 D9Q A C07 1 
HETATM 967  C C09 . D9Q B 2 .   ? -3.588  6.986   -14.502 1.00 55.36 ? 2001 D9Q A C09 1 
HETATM 968  C C12 . D9Q B 2 .   ? -2.001  5.414   -15.681 1.00 56.16 ? 2001 D9Q A C12 1 
HETATM 969  C C16 . D9Q B 2 .   ? -2.888  2.674   -19.281 1.00 67.83 ? 2001 D9Q A C16 1 
HETATM 970  C C18 . D9Q B 2 .   ? -1.912  2.773   -17.195 1.00 61.63 ? 2001 D9Q A C18 1 
HETATM 971  N N02 . D9Q B 2 .   ? -4.569  6.943   -10.671 1.00 40.05 ? 2001 D9Q A N02 1 
HETATM 972  N N11 . D9Q B 2 .   ? -2.665  5.869   -14.475 1.00 51.44 ? 2001 D9Q A N11 1 
HETATM 973  N N14 . D9Q B 2 .   ? -2.174  4.007   -17.377 1.00 64.53 ? 2001 D9Q A N14 1 
HETATM 974  O O08 . D9Q B 2 .   ? -5.836  8.425   -9.493  1.00 39.81 ? 2001 D9Q A O08 1 
HETATM 975  O O10 . D9Q B 2 .   ? -3.836  7.547   -15.513 1.00 62.92 ? 2001 D9Q A O10 1 
HETATM 976  O O   . HOH C 3 .   ? -18.712 12.738  -7.539  1.00 66.18 ? 2101 HOH A O   1 
HETATM 977  O O   . HOH C 3 .   ? -18.675 0.388   -9.729  1.00 48.25 ? 2102 HOH A O   1 
HETATM 978  O O   . HOH C 3 .   ? -10.906 2.370   -1.326  1.00 40.43 ? 2103 HOH A O   1 
HETATM 979  O O   . HOH C 3 .   ? -0.967  8.658   -5.787  1.00 32.17 ? 2104 HOH A O   1 
HETATM 980  O O   . HOH C 3 .   ? -5.518  -14.526 2.162   1.00 56.50 ? 2105 HOH A O   1 
HETATM 981  O O   . HOH C 3 .   ? -15.578 7.318   -2.475  1.00 54.65 ? 2106 HOH A O   1 
HETATM 982  O O   . HOH C 3 .   ? -15.025 -3.157  -4.858  1.00 44.59 ? 2107 HOH A O   1 
HETATM 983  O O   . HOH C 3 .   ? 1.310   6.892   -14.411 1.00 47.94 ? 2108 HOH A O   1 
HETATM 984  O O   . HOH C 3 .   ? -4.853  8.364   -7.172  1.00 37.06 ? 2109 HOH A O   1 
HETATM 985  O O   . HOH C 3 .   ? 15.726  3.523   -2.872  1.00 38.84 ? 2110 HOH A O   1 
HETATM 986  O O   . HOH C 3 .   ? 2.431   11.074  -9.038  1.00 38.78 ? 2111 HOH A O   1 
HETATM 987  O O   . HOH C 3 .   ? 10.064  -0.147  -7.769  1.00 40.14 ? 2112 HOH A O   1 
HETATM 988  O O   . HOH C 3 .   ? 6.301   -2.409  -8.313  1.00 45.02 ? 2113 HOH A O   1 
HETATM 989  O O   . HOH C 3 .   ? -10.413 -10.718 -12.032 1.00 46.50 ? 2114 HOH A O   1 
HETATM 990  O O   . HOH C 3 .   ? 7.703   -11.870 -4.044  1.00 50.11 ? 2115 HOH A O   1 
HETATM 991  O O   . HOH C 3 .   ? -1.295  17.385  -11.860 1.00 48.38 ? 2116 HOH A O   1 
HETATM 992  O O   . HOH C 3 .   ? -1.029  -6.627  -12.604 1.00 46.44 ? 2117 HOH A O   1 
HETATM 993  O O   . HOH C 3 .   ? 5.017   7.767   2.566   1.00 46.04 ? 2118 HOH A O   1 
HETATM 994  O O   . HOH C 3 .   ? -13.566 9.976   -11.592 1.00 44.15 ? 2119 HOH A O   1 
HETATM 995  O O   . HOH C 3 .   ? -12.935 -2.139  -0.668  1.00 41.41 ? 2120 HOH A O   1 
HETATM 996  O O   . HOH C 3 .   ? -3.856  7.689   3.931   1.00 41.47 ? 2121 HOH A O   1 
HETATM 997  O O   . HOH C 3 .   ? 12.911  -3.731  -5.818  1.00 43.80 ? 2122 HOH A O   1 
HETATM 998  O O   . HOH C 3 .   ? 3.325   7.706   -6.413  1.00 37.75 ? 2123 HOH A O   1 
HETATM 999  O O   . HOH C 3 .   ? 9.468   0.877   35.389  1.00 40.17 ? 2124 HOH A O   1 
HETATM 1000 O O   . HOH C 3 .   ? -3.874  5.978   -6.190  1.00 32.00 ? 2125 HOH A O   1 
HETATM 1001 O O   . HOH C 3 .   ? 6.705   5.846   4.826   1.00 47.44 ? 2126 HOH A O   1 
HETATM 1002 O O   . HOH C 3 .   ? 4.771   -1.602  -10.125 1.00 42.35 ? 2127 HOH A O   1 
HETATM 1003 O O   . HOH C 3 .   ? -8.231  0.451   4.258   1.00 43.61 ? 2128 HOH A O   1 
HETATM 1004 O O   . HOH C 3 .   ? -0.765  5.460   -9.550  1.00 35.54 ? 2129 HOH A O   1 
HETATM 1005 O O   . HOH C 3 .   ? -6.971  -5.649  7.300   1.00 45.40 ? 2130 HOH A O   1 
HETATM 1006 O O   . HOH C 3 .   ? -12.556 14.069  -3.081  1.00 48.40 ? 2131 HOH A O   1 
HETATM 1007 O O   . HOH C 3 .   ? 12.813  -1.396  -6.725  1.00 44.45 ? 2132 HOH A O   1 
HETATM 1008 O O   . HOH C 3 .   ? -11.418 4.398   -5.419  1.00 39.16 ? 2133 HOH A O   1 
HETATM 1009 O O   . HOH C 3 .   ? -0.621  -6.374  12.815  1.00 66.98 ? 2134 HOH A O   1 
HETATM 1010 O O   . HOH C 3 .   ? 7.796   8.019   -6.373  1.00 40.48 ? 2135 HOH A O   1 
HETATM 1011 O O   . HOH C 3 .   ? -2.817  -11.538 -7.273  1.00 42.99 ? 2136 HOH A O   1 
HETATM 1012 O O   . HOH C 3 .   ? -13.624 0.716   -0.130  1.00 47.21 ? 2137 HOH A O   1 
HETATM 1013 O O   . HOH C 3 .   ? 0.165   2.725   -13.210 1.00 42.23 ? 2138 HOH A O   1 
HETATM 1014 O O   . HOH C 3 .   ? -3.995  2.446   8.741   1.00 54.35 ? 2139 HOH A O   1 
HETATM 1015 O O   . HOH C 3 .   ? -13.500 6.412   -5.459  1.00 39.47 ? 2140 HOH A O   1 
HETATM 1016 O O   . HOH C 3 .   ? 1.668   16.525  -5.186  1.00 45.60 ? 2141 HOH A O   1 
HETATM 1017 O O   . HOH C 3 .   ? -7.326  -10.995 -0.400  1.00 36.90 ? 2142 HOH A O   1 
HETATM 1018 O O   . HOH C 3 .   ? -2.598  -2.521  10.543  1.00 63.74 ? 2143 HOH A O   1 
HETATM 1019 O O   . HOH C 3 .   ? -13.662 5.059   -16.268 1.00 49.29 ? 2144 HOH A O   1 
HETATM 1020 O O   . HOH C 3 .   ? -11.324 5.415   -14.682 1.00 45.73 ? 2145 HOH A O   1 
HETATM 1021 O O   . HOH C 3 .   ? -6.426  4.923   5.710   1.00 47.95 ? 2146 HOH A O   1 
HETATM 1022 O O   . HOH C 3 .   ? 13.601  5.693   -2.639  1.00 48.08 ? 2147 HOH A O   1 
HETATM 1023 O O   . HOH C 3 .   ? 10.305  -5.126  12.258  1.00 41.50 ? 2148 HOH A O   1 
HETATM 1024 O O   . HOH C 3 .   ? -11.502 8.161   -12.835 1.00 45.13 ? 2149 HOH A O   1 
HETATM 1025 O O   . HOH C 3 .   ? -9.591  3.372   -3.632  1.00 36.58 ? 2150 HOH A O   1 
HETATM 1026 O O   . HOH C 3 .   ? 1.270   8.699   -7.863  1.00 36.01 ? 2151 HOH A O   1 
HETATM 1027 O O   . HOH C 3 .   ? 0.044   5.237   -13.030 1.00 48.67 ? 2152 HOH A O   1 
HETATM 1028 O O   . HOH C 3 .   ? -0.543  8.969   -15.195 1.00 51.68 ? 2153 HOH A O   1 
HETATM 1029 O O   . HOH C 3 .   ? -5.353  10.742  0.624   1.00 45.70 ? 2154 HOH A O   1 
HETATM 1030 O O   . HOH C 3 .   ? -1.414  5.514   -7.311  1.00 33.89 ? 2155 HOH A O   1 
HETATM 1031 O O   . HOH C 3 .   ? 7.778   -4.915  11.705  1.00 43.66 ? 2156 HOH A O   1 
HETATM 1032 O O   . HOH C 3 .   ? 5.682   9.950   -3.707  1.00 42.09 ? 2157 HOH A O   1 
HETATM 1033 O O   . HOH C 3 .   ? 7.175   -12.179 11.382  1.00 47.47 ? 2158 HOH A O   1 
HETATM 1034 O O   . HOH C 3 .   ? 10.946  -6.003  -1.889  1.00 50.05 ? 2159 HOH A O   1 
HETATM 1035 O O   . HOH C 3 .   ? -2.266  12.457  -0.195  1.00 35.24 ? 2160 HOH A O   1 
HETATM 1036 O O   . HOH C 3 .   ? -2.238  5.985   5.302   1.00 37.04 ? 2161 HOH A O   1 
HETATM 1037 O O   . HOH C 3 .   ? 4.986   12.453  -12.614 1.00 62.69 ? 2162 HOH A O   1 
HETATM 1038 O O   . HOH C 3 .   ? 17.349  -5.344  -1.714  1.00 44.86 ? 2163 HOH A O   1 
HETATM 1039 O O   . HOH C 3 .   ? -8.924  -4.073  -14.885 1.00 40.52 ? 2164 HOH A O   1 
HETATM 1040 O O   . HOH C 3 .   ? 12.203  -5.748  36.147  1.00 52.59 ? 2165 HOH A O   1 
HETATM 1041 O O   . HOH C 3 .   ? 11.695  -11.209 6.674   1.00 42.44 ? 2166 HOH A O   1 
HETATM 1042 O O   . HOH C 3 .   ? -8.967  10.175  -13.195 1.00 55.57 ? 2167 HOH A O   1 
HETATM 1043 O O   . HOH C 3 .   ? -17.642 8.808   -5.864  1.00 50.13 ? 2168 HOH A O   1 
HETATM 1044 O O   . HOH C 3 .   ? -6.454  -10.857 -10.531 1.00 42.16 ? 2169 HOH A O   1 
HETATM 1045 O O   . HOH C 3 .   ? -12.770 -15.485 1.859   1.00 47.53 ? 2170 HOH A O   1 
HETATM 1046 O O   . HOH C 3 .   ? 5.291   -5.713  15.466  1.00 63.36 ? 2171 HOH A O   1 
HETATM 1047 O O   . HOH C 3 .   ? 3.597   -13.784 -3.439  1.00 50.62 ? 2172 HOH A O   1 
HETATM 1048 O O   . HOH C 3 .   ? 9.322   -13.168 0.003   1.00 64.36 ? 2173 HOH A O   1 
HETATM 1049 O O   . HOH C 3 .   ? 4.366   5.384   5.775   1.00 46.83 ? 2174 HOH A O   1 
HETATM 1050 O O   . HOH C 3 .   ? -19.435 7.104   -8.968  1.00 51.08 ? 2175 HOH A O   1 
HETATM 1051 O O   . HOH C 3 .   ? 14.447  -5.885  0.915   1.00 53.91 ? 2176 HOH A O   1 
HETATM 1052 O O   . HOH C 3 .   ? 10.778  -1.775  28.155  1.00 54.41 ? 2177 HOH A O   1 
HETATM 1053 O O   . HOH C 3 .   ? -1.993  -4.739  -14.272 1.00 56.90 ? 2178 HOH A O   1 
HETATM 1054 O O   . HOH C 3 .   ? -4.450  14.572  -0.064  1.00 50.08 ? 2179 HOH A O   1 
HETATM 1055 O O   . HOH C 3 .   ? -4.454  -12.283 -12.203 1.00 59.60 ? 2180 HOH A O   1 
HETATM 1056 O O   . HOH C 3 .   ? 3.788   -5.964  -12.253 1.00 57.89 ? 2181 HOH A O   1 
HETATM 1057 O O   . HOH C 3 .   ? 5.773   9.467   -6.198  1.00 37.44 ? 2182 HOH A O   1 
HETATM 1058 O O   . HOH C 3 .   ? 6.613   -3.992  14.048  1.00 53.72 ? 2183 HOH A O   1 
HETATM 1059 O O   . HOH C 3 .   ? -4.119  4.757   6.730   1.00 51.37 ? 2184 HOH A O   1 
HETATM 1060 O O   . HOH C 3 .   ? -4.512  10.479  2.857   1.00 48.87 ? 2185 HOH A O   1 
HETATM 1061 O O   . HOH C 3 .   ? -2.183  12.261  2.383   1.00 49.51 ? 2186 HOH A O   1 
HETATM 1062 O O   . HOH C 3 .   ? 8.648   -2.245  -9.427  1.00 48.45 ? 2187 HOH A O   1 
HETATM 1063 O O   . HOH C 3 .   ? 1.961   0.832   -15.996 1.00 54.05 ? 2188 HOH A O   1 
HETATM 1064 O O   . HOH C 3 .   ? 6.176   -5.833  -11.458 1.00 61.89 ? 2189 HOH A O   1 
HETATM 1065 O O   . HOH C 3 .   ? -9.467  4.926   -17.006 1.00 47.37 ? 2190 HOH A O   1 
HETATM 1066 O O   . HOH C 3 .   ? 6.446   12.065  -9.975  1.00 58.60 ? 2191 HOH A O   1 
HETATM 1067 O O   . HOH C 3 .   ? -8.105  9.495   -15.889 1.00 60.01 ? 2192 HOH A O   1 
HETATM 1068 O O   . HOH C 3 .   ? 4.970   11.812  -7.595  1.00 44.78 ? 2193 HOH A O   1 
HETATM 1069 O O   . HOH C 3 .   ? -4.123  15.174  2.313   1.00 57.54 ? 2194 HOH A O   1 
HETATM 1070 O O   . HOH C 3 .   ? 5.467   13.690  -5.809  1.00 48.92 ? 2195 HOH A O   1 
# 
